data_5O9C
#
_entry.id   5O9C
#
_cell.length_a   125.098
_cell.length_b   125.098
_cell.length_c   126.542
_cell.angle_alpha   90.00
_cell.angle_beta   90.00
_cell.angle_gamma   120.00
#
_symmetry.space_group_name_H-M   'P 3'
#
loop_
_entity.id
_entity.type
_entity.pdbx_description
1 polymer 'Osmoporin Omp36'
2 non-polymer (HYDROXYETHYLOXY)TRI(ETHYLOXY)OCTANE
3 water water
#
_entity_poly.entity_id   1
_entity_poly.type   'polypeptide(L)'
_entity_poly.pdbx_seq_one_letter_code
;AEIYNKDGNKLDLYGKIDGLHYFSSDDSVDGDQTYMRIGVKGETQINDQLTGYGQWEYNVQANNTESSSDQAWTRLAFAG
LKFGDAGSFDYGRNYGVVYDVTSWTDVLPEFGGDTYGSDNFLQSRANGVATYRNSDFFGLVDGLNFALQYQGKNGSVSGE
DQTNNGRDFQKQNGEGFGTSVTYDIWDGISAGFAYSSSKRTDEQNNSTFVSKTDGGRYGVLGEGDHAETYTGGLKYDANN
IYLATQYTQTYNATRTGNIGFANKAQNFEVVAQYQFDFGLRPSVAYLQSKGKDMGRYGDQDILKYVDLGATYYFNKNMST
YVDYKINLLDDNKFTKDASISTDNVVALGLVYQF
;
_entity_poly.pdbx_strand_id   C,A,D,B
#
loop_
_chem_comp.id
_chem_comp.type
_chem_comp.name
_chem_comp.formula
C8E non-polymer (HYDROXYETHYLOXY)TRI(ETHYLOXY)OCTANE 'C16 H34 O5'
#
# COMPACT_ATOMS: atom_id res chain seq x y z
N ASP A 7 14.16 20.26 13.29
CA ASP A 7 13.06 19.31 13.50
C ASP A 7 11.73 19.94 13.12
N GLY A 8 11.12 19.45 12.04
CA GLY A 8 9.77 19.86 11.67
C GLY A 8 9.72 20.94 10.61
N ASN A 9 10.67 21.88 10.65
CA ASN A 9 10.69 23.06 9.80
C ASN A 9 11.68 22.89 8.66
N LYS A 10 11.24 23.20 7.44
CA LYS A 10 12.09 23.36 6.27
C LYS A 10 12.18 24.85 5.97
N LEU A 11 13.36 25.31 5.56
CA LEU A 11 13.55 26.73 5.28
C LEU A 11 14.64 26.91 4.25
N ASP A 12 14.29 27.53 3.10
CA ASP A 12 15.18 27.67 1.96
C ASP A 12 15.43 29.15 1.67
N LEU A 13 16.70 29.53 1.66
CA LEU A 13 17.10 30.79 1.07
C LEU A 13 17.18 30.60 -0.44
N TYR A 14 16.65 31.56 -1.20
CA TYR A 14 16.73 31.49 -2.64
C TYR A 14 16.89 32.90 -3.23
N GLY A 15 17.40 32.96 -4.45
CA GLY A 15 17.51 34.25 -5.11
C GLY A 15 18.32 34.17 -6.39
N LYS A 16 18.68 35.33 -6.90
CA LYS A 16 19.50 35.41 -8.09
C LYS A 16 20.09 36.80 -8.17
N ILE A 17 21.26 36.86 -8.82
CA ILE A 17 21.94 38.10 -9.18
C ILE A 17 21.93 38.19 -10.71
N ASP A 18 21.42 39.30 -11.24
CA ASP A 18 21.17 39.42 -12.66
C ASP A 18 21.95 40.63 -13.18
N GLY A 19 23.14 40.36 -13.73
CA GLY A 19 23.87 41.39 -14.43
C GLY A 19 23.21 41.63 -15.77
N LEU A 20 22.57 42.79 -15.92
CA LEU A 20 21.70 43.02 -17.05
C LEU A 20 21.94 44.42 -17.61
N HIS A 21 21.94 44.53 -18.94
CA HIS A 21 22.04 45.82 -19.61
C HIS A 21 20.95 45.90 -20.68
N TYR A 22 20.23 47.03 -20.74
CA TYR A 22 19.29 47.33 -21.81
C TYR A 22 19.92 48.27 -22.85
N PHE A 23 19.68 48.00 -24.13
CA PHE A 23 20.06 48.92 -25.22
C PHE A 23 18.80 49.46 -25.89
N SER A 24 18.62 50.78 -25.88
CA SER A 24 17.39 51.36 -26.43
C SER A 24 17.57 52.83 -26.77
N SER A 25 16.78 53.27 -27.75
CA SER A 25 16.65 54.70 -28.08
C SER A 25 15.82 55.46 -27.05
N ASP A 26 14.93 54.79 -26.33
CA ASP A 26 14.22 55.43 -25.23
C ASP A 26 15.20 55.62 -24.08
N ASP A 27 15.53 56.87 -23.78
CA ASP A 27 16.52 57.14 -22.75
C ASP A 27 16.10 56.61 -21.39
N SER A 28 14.80 56.63 -21.09
CA SER A 28 14.33 56.24 -19.76
C SER A 28 14.34 54.73 -19.58
N VAL A 29 14.71 54.00 -20.63
CA VAL A 29 14.74 52.54 -20.63
C VAL A 29 16.17 52.02 -20.75
N ASP A 30 16.99 52.74 -21.51
CA ASP A 30 18.33 52.32 -21.93
C ASP A 30 19.30 52.30 -20.75
N GLY A 31 20.28 51.40 -20.82
CA GLY A 31 21.41 51.41 -19.92
C GLY A 31 21.48 50.22 -18.99
N ASP A 32 22.15 50.43 -17.86
CA ASP A 32 22.37 49.38 -16.87
C ASP A 32 21.08 49.07 -16.09
N GLN A 33 20.71 47.79 -16.00
CA GLN A 33 19.50 47.37 -15.29
C GLN A 33 19.80 46.30 -14.25
N THR A 34 21.05 46.22 -13.78
CA THR A 34 21.46 45.18 -12.84
C THR A 34 20.56 45.18 -11.60
N TYR A 35 20.16 43.99 -11.18
CA TYR A 35 19.34 43.87 -9.98
C TYR A 35 19.54 42.48 -9.38
N MET A 36 18.99 42.29 -8.18
CA MET A 36 19.04 40.98 -7.52
C MET A 36 17.70 40.69 -6.86
N ARG A 37 17.46 39.41 -6.63
CA ARG A 37 16.31 38.92 -5.88
C ARG A 37 16.80 38.05 -4.73
N ILE A 38 16.15 38.17 -3.59
CA ILE A 38 16.41 37.27 -2.48
C ILE A 38 15.10 37.02 -1.76
N GLY A 39 14.94 35.80 -1.27
CA GLY A 39 13.66 35.38 -0.72
C GLY A 39 13.84 34.19 0.20
N VAL A 40 12.72 33.80 0.82
CA VAL A 40 12.67 32.76 1.83
C VAL A 40 11.41 31.94 1.58
N LYS A 41 11.53 30.60 1.57
CA LYS A 41 10.41 29.68 1.47
C LYS A 41 10.44 28.69 2.63
N GLY A 42 9.31 28.54 3.32
CA GLY A 42 9.27 27.78 4.56
C GLY A 42 8.05 26.88 4.67
N GLU A 43 8.23 25.75 5.36
CA GLU A 43 7.16 24.79 5.61
C GLU A 43 7.30 24.21 7.00
N THR A 44 6.17 24.03 7.68
CA THR A 44 6.16 23.28 8.94
C THR A 44 4.97 22.32 8.94
N GLN A 45 5.26 21.04 9.16
CA GLN A 45 4.20 20.05 9.27
C GLN A 45 3.62 20.11 10.69
N ILE A 46 2.34 20.47 10.79
CA ILE A 46 1.69 20.57 12.08
C ILE A 46 1.16 19.21 12.53
N ASN A 47 0.53 18.48 11.62
CA ASN A 47 0.05 17.12 11.85
C ASN A 47 -0.08 16.47 10.48
N ASP A 48 -0.58 15.24 10.44
CA ASP A 48 -0.52 14.49 9.18
C ASP A 48 -1.40 15.09 8.09
N GLN A 49 -2.41 15.88 8.44
CA GLN A 49 -3.23 16.54 7.43
C GLN A 49 -2.82 17.99 7.17
N LEU A 50 -2.32 18.68 8.20
CA LEU A 50 -2.23 20.14 8.23
C LEU A 50 -0.79 20.59 8.14
N THR A 51 -0.54 21.58 7.28
CA THR A 51 0.80 22.10 7.05
C THR A 51 0.77 23.62 6.95
N GLY A 52 1.68 24.28 7.66
CA GLY A 52 1.81 25.72 7.59
C GLY A 52 3.00 26.11 6.74
N TYR A 53 2.90 27.27 6.08
CA TYR A 53 3.98 27.71 5.20
C TYR A 53 4.05 29.24 5.15
N GLY A 54 5.14 29.73 4.59
CA GLY A 54 5.38 31.16 4.45
C GLY A 54 6.37 31.38 3.34
N GLN A 55 6.24 32.52 2.66
CA GLN A 55 7.17 32.86 1.59
C GLN A 55 7.35 34.37 1.51
N TRP A 56 8.62 34.80 1.39
CA TRP A 56 8.97 36.20 1.18
C TRP A 56 9.91 36.29 0.00
N GLU A 57 9.74 37.32 -0.83
CA GLU A 57 10.61 37.53 -1.99
C GLU A 57 10.84 39.02 -2.18
N TYR A 58 12.10 39.40 -2.29
CA TYR A 58 12.55 40.77 -2.24
C TYR A 58 13.33 41.14 -3.51
N ASN A 59 13.00 42.28 -4.10
CA ASN A 59 13.76 42.85 -5.22
C ASN A 59 14.71 43.94 -4.69
N VAL A 60 16.00 43.81 -4.99
CA VAL A 60 17.01 44.83 -4.65
C VAL A 60 17.66 45.32 -5.94
N GLN A 61 17.34 46.55 -6.35
CA GLN A 61 17.99 47.16 -7.51
C GLN A 61 19.49 47.38 -7.24
N ALA A 62 20.30 47.29 -8.30
CA ALA A 62 21.73 47.56 -8.15
C ALA A 62 22.27 48.50 -9.21
N ASN A 63 21.41 49.17 -9.97
CA ASN A 63 21.87 49.93 -11.12
C ASN A 63 21.97 51.42 -10.83
N ASN A 64 21.79 51.83 -9.57
CA ASN A 64 21.96 53.22 -9.19
C ASN A 64 22.92 53.38 -8.02
N THR A 65 23.04 54.58 -7.46
CA THR A 65 24.12 54.86 -6.53
C THR A 65 23.75 54.51 -5.09
N GLU A 66 24.73 54.68 -4.20
CA GLU A 66 24.52 54.41 -2.78
C GLU A 66 23.88 55.58 -2.06
N SER A 67 23.65 56.70 -2.75
CA SER A 67 22.81 57.78 -2.24
C SER A 67 21.47 57.86 -2.95
N SER A 68 21.16 56.91 -3.84
CA SER A 68 19.88 56.88 -4.52
C SER A 68 18.77 56.38 -3.59
N SER A 69 17.53 56.52 -4.02
CA SER A 69 16.41 56.28 -3.13
C SER A 69 15.46 55.28 -3.76
N ASP A 70 14.80 54.50 -2.90
CA ASP A 70 13.75 53.56 -3.30
C ASP A 70 14.27 52.39 -4.12
N GLN A 71 15.48 51.92 -3.84
CA GLN A 71 16.08 50.88 -4.67
C GLN A 71 15.63 49.45 -4.34
N ALA A 72 14.83 49.20 -3.29
CA ALA A 72 14.40 47.84 -2.97
C ALA A 72 12.88 47.79 -2.78
N TRP A 73 12.32 46.59 -2.95
CA TRP A 73 10.89 46.41 -2.74
C TRP A 73 10.56 44.93 -2.60
N THR A 74 9.41 44.68 -1.97
CA THR A 74 8.93 43.33 -1.71
C THR A 74 7.99 42.90 -2.82
N ARG A 75 8.29 41.73 -3.39
CA ARG A 75 7.48 41.15 -4.45
C ARG A 75 6.40 40.23 -3.88
N LEU A 76 6.74 39.46 -2.84
CA LEU A 76 5.83 38.51 -2.23
C LEU A 76 6.05 38.51 -0.72
N ALA A 77 4.96 38.44 0.03
CA ALA A 77 5.06 38.12 1.45
C ALA A 77 3.71 37.57 1.87
N PHE A 78 3.66 36.28 2.17
CA PHE A 78 2.40 35.65 2.56
C PHE A 78 2.67 34.47 3.49
N ALA A 79 1.75 34.27 4.44
CA ALA A 79 1.71 33.10 5.30
C ALA A 79 0.47 32.30 4.94
N GLY A 80 0.50 30.99 5.20
CA GLY A 80 -0.58 30.16 4.68
C GLY A 80 -0.76 28.86 5.42
N LEU A 81 -1.91 28.22 5.14
CA LEU A 81 -2.27 26.92 5.69
C LEU A 81 -2.77 26.02 4.58
N LYS A 82 -2.36 24.75 4.64
CA LYS A 82 -2.67 23.73 3.64
C LYS A 82 -3.19 22.48 4.37
N PHE A 83 -4.47 22.18 4.22
CA PHE A 83 -5.11 21.07 4.93
C PHE A 83 -5.41 19.95 3.95
N GLY A 84 -4.35 19.24 3.55
CA GLY A 84 -4.44 18.10 2.65
C GLY A 84 -5.41 18.19 1.50
N ASP A 85 -6.45 17.35 1.55
CA ASP A 85 -7.43 17.27 0.47
C ASP A 85 -8.44 18.41 0.46
N ALA A 86 -8.56 19.15 1.56
CA ALA A 86 -9.51 20.25 1.61
C ALA A 86 -9.00 21.51 0.91
N GLY A 87 -7.72 21.56 0.53
CA GLY A 87 -7.14 22.70 -0.16
C GLY A 87 -6.17 23.48 0.70
N SER A 88 -5.98 24.75 0.34
CA SER A 88 -5.07 25.63 1.06
C SER A 88 -5.65 27.03 1.13
N PHE A 89 -5.13 27.81 2.08
CA PHE A 89 -5.48 29.22 2.25
C PHE A 89 -4.24 30.02 2.62
N ASP A 90 -3.99 31.12 1.95
CA ASP A 90 -2.89 32.00 2.34
C ASP A 90 -3.32 33.45 2.23
N TYR A 91 -2.61 34.31 2.98
CA TYR A 91 -2.90 35.75 3.02
C TYR A 91 -1.60 36.55 3.00
N GLY A 92 -1.66 37.71 2.35
CA GLY A 92 -0.50 38.61 2.30
C GLY A 92 -0.34 39.27 0.94
N ARG A 93 0.88 39.62 0.56
CA ARG A 93 1.17 40.07 -0.80
C ARG A 93 1.49 38.85 -1.66
N ASN A 94 0.63 38.59 -2.64
CA ASN A 94 0.73 37.38 -3.44
C ASN A 94 0.10 37.67 -4.79
N TYR A 95 0.14 36.65 -5.67
CA TYR A 95 -0.33 36.78 -7.06
C TYR A 95 -1.84 36.72 -7.17
N GLY A 96 -2.43 37.73 -7.83
CA GLY A 96 -3.83 37.62 -8.20
C GLY A 96 -4.05 36.42 -9.10
N VAL A 97 -5.24 35.83 -8.99
CA VAL A 97 -5.44 34.50 -9.59
C VAL A 97 -5.64 34.57 -11.10
N VAL A 98 -5.96 35.73 -11.65
CA VAL A 98 -5.86 35.90 -13.10
C VAL A 98 -4.53 35.36 -13.60
N TYR A 99 -3.44 35.66 -12.86
CA TYR A 99 -2.10 35.24 -13.26
C TYR A 99 -1.92 33.72 -13.25
N ASP A 100 -2.84 32.94 -12.65
CA ASP A 100 -2.78 31.48 -12.76
C ASP A 100 -2.84 31.04 -14.21
N VAL A 101 -3.51 31.80 -15.07
CA VAL A 101 -3.57 31.52 -16.50
C VAL A 101 -2.56 32.36 -17.28
N THR A 102 -2.58 33.70 -17.12
CA THR A 102 -1.71 34.54 -17.96
C THR A 102 -0.23 34.25 -17.74
N SER A 103 0.14 33.61 -16.63
CA SER A 103 1.55 33.30 -16.43
C SER A 103 2.08 32.34 -17.49
N TRP A 104 1.22 31.52 -18.11
CA TRP A 104 1.71 30.55 -19.09
C TRP A 104 2.38 31.22 -20.29
N THR A 105 2.10 32.49 -20.58
CA THR A 105 2.81 33.25 -21.61
C THR A 105 3.96 34.09 -21.05
N ASP A 106 4.06 34.20 -19.73
CA ASP A 106 5.13 34.95 -19.07
C ASP A 106 6.38 34.06 -18.90
N VAL A 107 7.04 33.77 -20.02
CA VAL A 107 8.19 32.87 -20.02
C VAL A 107 9.27 33.38 -20.96
N LEU A 108 9.23 34.68 -21.29
CA LEU A 108 10.21 35.23 -22.21
C LEU A 108 11.53 35.49 -21.47
N PRO A 109 12.65 35.47 -22.20
CA PRO A 109 13.95 35.64 -21.50
C PRO A 109 14.01 36.86 -20.59
N GLU A 110 13.48 38.00 -21.04
CA GLU A 110 13.53 39.21 -20.23
C GLU A 110 12.24 40.00 -20.35
N PHE A 111 11.69 40.11 -21.55
CA PHE A 111 10.49 40.91 -21.74
C PHE A 111 9.24 40.02 -21.59
N GLY A 112 8.10 40.48 -22.09
CA GLY A 112 6.86 39.77 -21.94
C GLY A 112 6.12 40.10 -20.67
N GLY A 113 4.93 39.49 -20.54
CA GLY A 113 4.17 39.54 -19.30
C GLY A 113 3.63 40.91 -18.96
N ASP A 114 3.45 41.79 -19.94
CA ASP A 114 3.18 43.20 -19.65
C ASP A 114 2.00 43.75 -20.44
N THR A 115 0.98 42.93 -20.69
CA THR A 115 -0.34 43.49 -21.01
C THR A 115 -1.07 43.93 -19.75
N TYR A 116 -0.36 43.89 -18.62
CA TYR A 116 -0.82 44.06 -17.26
C TYR A 116 0.39 44.39 -16.40
N GLY A 117 0.14 44.97 -15.23
CA GLY A 117 1.21 45.37 -14.32
C GLY A 117 1.04 44.76 -12.94
N SER A 118 2.01 45.06 -12.08
CA SER A 118 1.88 44.73 -10.67
C SER A 118 0.99 45.77 -9.97
N ASP A 119 0.40 45.36 -8.85
CA ASP A 119 -0.57 46.19 -8.12
C ASP A 119 -1.64 46.75 -9.06
N ASN A 120 -2.16 45.86 -9.88
CA ASN A 120 -3.05 46.19 -10.97
C ASN A 120 -4.30 45.32 -10.80
N PHE A 121 -5.07 45.64 -9.75
CA PHE A 121 -6.18 44.80 -9.30
C PHE A 121 -5.66 43.39 -9.15
N LEU A 122 -6.46 42.39 -9.51
CA LEU A 122 -6.04 41.01 -9.30
C LEU A 122 -5.24 40.43 -10.46
N GLN A 123 -4.63 41.29 -11.29
CA GLN A 123 -3.96 40.79 -12.50
C GLN A 123 -2.55 40.28 -12.23
N SER A 124 -1.90 40.75 -11.17
CA SER A 124 -0.56 40.28 -10.84
C SER A 124 -0.34 40.34 -9.33
N ARG A 125 0.87 40.69 -8.92
CA ARG A 125 1.17 40.79 -7.50
C ARG A 125 0.31 41.88 -6.88
N ALA A 126 -0.11 41.66 -5.63
CA ALA A 126 -1.21 42.43 -5.08
C ALA A 126 -1.15 42.45 -3.55
N ASN A 127 -1.38 43.63 -2.97
CA ASN A 127 -1.45 43.74 -1.52
C ASN A 127 -2.79 43.23 -0.98
N GLY A 128 -2.73 42.52 0.15
CA GLY A 128 -3.92 42.17 0.91
C GLY A 128 -4.84 41.21 0.20
N VAL A 129 -4.30 40.12 -0.30
CA VAL A 129 -5.03 39.18 -1.12
C VAL A 129 -5.17 37.86 -0.36
N ALA A 130 -6.41 37.40 -0.19
CA ALA A 130 -6.73 36.17 0.53
C ALA A 130 -7.13 35.12 -0.48
N THR A 131 -6.37 34.03 -0.54
CA THR A 131 -6.46 33.11 -1.66
C THR A 131 -6.74 31.70 -1.14
N TYR A 132 -7.79 31.07 -1.69
CA TYR A 132 -8.10 29.66 -1.43
C TYR A 132 -7.82 28.84 -2.70
N ARG A 133 -7.01 27.78 -2.56
CA ARG A 133 -6.65 26.94 -3.70
C ARG A 133 -6.95 25.47 -3.42
N ASN A 134 -7.38 24.77 -4.47
CA ASN A 134 -7.71 23.35 -4.39
C ASN A 134 -7.09 22.65 -5.59
N SER A 135 -6.42 21.52 -5.33
CA SER A 135 -5.61 20.90 -6.37
C SER A 135 -6.41 19.95 -7.25
N ASP A 136 -6.43 18.67 -6.94
CA ASP A 136 -7.01 17.71 -7.88
C ASP A 136 -8.50 17.49 -7.58
N PHE A 137 -9.22 18.62 -7.60
CA PHE A 137 -10.61 18.73 -7.14
C PHE A 137 -10.86 17.80 -5.94
N PHE A 138 -10.24 18.13 -4.80
CA PHE A 138 -10.32 17.31 -3.59
C PHE A 138 -9.83 15.89 -3.83
N GLY A 139 -8.86 15.72 -4.72
CA GLY A 139 -8.36 14.40 -5.05
C GLY A 139 -9.26 13.54 -5.91
N LEU A 140 -10.34 14.09 -6.48
CA LEU A 140 -11.26 13.32 -7.32
C LEU A 140 -10.96 13.43 -8.82
N VAL A 141 -10.33 14.53 -9.27
CA VAL A 141 -10.10 14.77 -10.69
C VAL A 141 -8.67 15.27 -10.89
N ASP A 142 -7.74 14.35 -11.18
CA ASP A 142 -6.33 14.71 -11.28
C ASP A 142 -6.10 15.78 -12.35
N GLY A 143 -5.46 16.87 -11.97
CA GLY A 143 -5.12 17.94 -12.90
C GLY A 143 -6.08 19.10 -12.96
N LEU A 144 -7.21 19.04 -12.23
CA LEU A 144 -8.27 20.05 -12.31
C LEU A 144 -8.19 20.95 -11.08
N ASN A 145 -7.52 22.09 -11.22
CA ASN A 145 -7.33 23.00 -10.10
C ASN A 145 -8.22 24.23 -10.26
N PHE A 146 -8.62 24.78 -9.12
CA PHE A 146 -9.38 26.01 -9.13
C PHE A 146 -8.97 26.82 -7.91
N ALA A 147 -9.39 28.09 -7.91
CA ALA A 147 -8.92 29.05 -6.94
C ALA A 147 -9.99 30.12 -6.74
N LEU A 148 -10.09 30.59 -5.51
CA LEU A 148 -10.99 31.66 -5.13
C LEU A 148 -10.15 32.65 -4.32
N GLN A 149 -10.35 33.94 -4.58
CA GLN A 149 -9.49 34.98 -4.03
C GLN A 149 -10.30 36.20 -3.66
N TYR A 150 -9.87 36.89 -2.60
CA TYR A 150 -10.50 38.14 -2.18
C TYR A 150 -9.43 39.19 -1.89
N GLN A 151 -9.74 40.45 -2.22
CA GLN A 151 -8.81 41.56 -2.01
C GLN A 151 -9.54 42.73 -1.37
N GLY A 152 -9.07 43.19 -0.21
CA GLY A 152 -9.64 44.36 0.40
C GLY A 152 -9.22 45.64 -0.30
N LYS A 153 -9.91 46.73 0.03
CA LYS A 153 -9.58 48.04 -0.56
C LYS A 153 -8.17 48.47 -0.18
N ASN A 154 -7.40 48.87 -1.20
CA ASN A 154 -6.11 49.53 -1.06
C ASN A 154 -6.30 50.89 -1.70
N GLY A 155 -6.35 51.93 -0.87
CA GLY A 155 -6.86 53.21 -1.34
C GLY A 155 -5.89 54.37 -1.39
N SER A 156 -6.43 55.58 -1.24
CA SER A 156 -5.61 56.78 -1.33
C SER A 156 -4.94 57.06 0.01
N VAL A 157 -4.01 58.01 0.00
CA VAL A 157 -3.37 58.44 1.25
C VAL A 157 -4.29 59.40 2.00
N SER A 158 -5.15 60.12 1.29
CA SER A 158 -6.17 61.00 1.85
C SER A 158 -7.47 60.79 1.09
N GLY A 159 -8.52 61.47 1.53
CA GLY A 159 -9.80 61.42 0.86
C GLY A 159 -10.75 60.43 1.50
N GLU A 160 -11.95 60.35 0.91
CA GLU A 160 -12.98 59.42 1.36
C GLU A 160 -12.50 57.97 1.29
N ASP A 161 -11.62 57.65 0.34
CA ASP A 161 -11.16 56.27 0.13
C ASP A 161 -9.77 56.03 0.68
N GLN A 162 -9.46 56.64 1.83
CA GLN A 162 -8.17 56.44 2.46
C GLN A 162 -8.07 55.06 3.10
N THR A 163 -6.91 54.44 2.95
CA THR A 163 -6.52 53.30 3.76
C THR A 163 -5.14 53.58 4.34
N ASN A 164 -4.70 52.70 5.24
CA ASN A 164 -3.39 52.89 5.86
C ASN A 164 -2.27 52.79 4.85
N ASN A 165 -2.46 51.99 3.80
CA ASN A 165 -1.37 51.74 2.87
C ASN A 165 -1.64 52.44 1.54
N GLY A 166 -1.80 53.76 1.59
CA GLY A 166 -2.18 54.53 0.42
C GLY A 166 -1.15 54.48 -0.69
N ARG A 167 -1.56 55.00 -1.84
CA ARG A 167 -0.93 54.76 -3.14
C ARG A 167 -1.64 55.63 -4.16
N ASP A 168 -0.91 55.97 -5.22
CA ASP A 168 -1.48 56.69 -6.33
C ASP A 168 -2.58 55.88 -7.03
N PHE A 169 -3.42 56.61 -7.77
CA PHE A 169 -4.68 56.07 -8.28
C PHE A 169 -4.48 54.87 -9.21
N GLN A 170 -3.36 54.83 -9.94
CA GLN A 170 -3.10 53.72 -10.87
C GLN A 170 -2.90 52.38 -10.15
N LYS A 171 -2.73 52.39 -8.84
CA LYS A 171 -2.48 51.15 -8.11
C LYS A 171 -3.42 51.00 -6.93
N GLN A 172 -4.45 51.83 -6.86
CA GLN A 172 -5.53 51.62 -5.91
C GLN A 172 -6.46 50.54 -6.42
N ASN A 173 -7.24 49.99 -5.49
CA ASN A 173 -8.32 49.09 -5.83
C ASN A 173 -9.35 49.18 -4.72
N GLY A 174 -10.60 48.84 -5.05
CA GLY A 174 -11.62 48.60 -4.06
C GLY A 174 -11.74 47.11 -3.81
N GLU A 175 -12.66 46.76 -2.91
CA GLU A 175 -13.04 45.36 -2.68
C GLU A 175 -13.17 44.63 -4.03
N GLY A 176 -12.62 43.42 -4.09
CA GLY A 176 -12.79 42.63 -5.30
C GLY A 176 -12.62 41.15 -5.03
N PHE A 177 -12.98 40.35 -6.04
CA PHE A 177 -12.71 38.91 -5.99
C PHE A 177 -12.30 38.41 -7.37
N GLY A 178 -11.81 37.17 -7.39
CA GLY A 178 -11.40 36.52 -8.61
C GLY A 178 -11.39 35.03 -8.43
N THR A 179 -11.55 34.31 -9.53
CA THR A 179 -11.52 32.85 -9.53
C THR A 179 -10.80 32.38 -10.78
N SER A 180 -10.29 31.15 -10.72
CA SER A 180 -9.50 30.60 -11.80
C SER A 180 -9.72 29.10 -11.83
N VAL A 181 -9.59 28.52 -13.03
CA VAL A 181 -9.68 27.07 -13.23
C VAL A 181 -8.61 26.68 -14.25
N THR A 182 -7.86 25.61 -13.95
CA THR A 182 -6.96 25.03 -14.93
C THR A 182 -7.21 23.52 -15.00
N TYR A 183 -6.91 22.96 -16.18
CA TYR A 183 -7.16 21.54 -16.42
C TYR A 183 -6.10 20.98 -17.36
N ASP A 184 -5.54 19.82 -16.97
CA ASP A 184 -4.57 19.11 -17.80
C ASP A 184 -5.30 18.14 -18.72
N ILE A 185 -5.07 18.26 -20.03
CA ILE A 185 -5.68 17.39 -21.04
C ILE A 185 -4.59 16.45 -21.56
N TRP A 186 -4.74 15.15 -21.29
CA TRP A 186 -3.86 14.10 -21.77
C TRP A 186 -2.39 14.46 -21.66
N ASP A 187 -1.75 14.74 -22.80
CA ASP A 187 -0.31 14.98 -22.86
C ASP A 187 -0.04 16.48 -22.86
N GLY A 188 0.49 17.00 -21.75
CA GLY A 188 1.00 18.35 -21.68
C GLY A 188 0.07 19.51 -22.00
N ILE A 189 -1.04 19.26 -22.69
CA ILE A 189 -1.96 20.31 -23.08
C ILE A 189 -2.83 20.71 -21.89
N SER A 190 -2.77 21.98 -21.51
CA SER A 190 -3.55 22.50 -20.39
C SER A 190 -4.41 23.65 -20.87
N ALA A 191 -5.61 23.76 -20.29
CA ALA A 191 -6.52 24.86 -20.56
C ALA A 191 -6.88 25.57 -19.26
N GLY A 192 -7.15 26.87 -19.36
CA GLY A 192 -7.39 27.69 -18.19
C GLY A 192 -8.35 28.83 -18.45
N PHE A 193 -9.16 29.14 -17.44
CA PHE A 193 -10.03 30.30 -17.45
C PHE A 193 -9.83 31.03 -16.13
N ALA A 194 -10.09 32.35 -16.14
CA ALA A 194 -9.98 33.19 -14.96
C ALA A 194 -10.87 34.42 -15.10
N TYR A 195 -11.47 34.82 -13.97
CA TYR A 195 -12.38 35.96 -13.93
C TYR A 195 -12.08 36.77 -12.70
N SER A 196 -12.20 38.10 -12.80
CA SER A 196 -12.08 38.93 -11.61
C SER A 196 -12.98 40.15 -11.71
N SER A 197 -13.30 40.72 -10.55
CA SER A 197 -14.21 41.87 -10.46
C SER A 197 -13.92 42.67 -9.20
N SER A 198 -13.78 43.99 -9.35
CA SER A 198 -13.43 44.88 -8.25
C SER A 198 -14.18 46.21 -8.39
N LYS A 199 -14.58 46.76 -7.25
CA LYS A 199 -14.96 48.17 -7.23
C LYS A 199 -13.74 49.06 -7.52
N ARG A 200 -13.98 50.20 -8.14
CA ARG A 200 -12.95 51.20 -8.34
C ARG A 200 -13.02 52.23 -7.20
N THR A 201 -12.13 53.21 -7.23
CA THR A 201 -12.00 54.16 -6.13
C THR A 201 -12.19 55.58 -6.64
N ASP A 202 -12.52 56.48 -5.71
CA ASP A 202 -12.89 57.85 -6.06
C ASP A 202 -11.81 58.52 -6.89
N GLU A 203 -10.55 58.41 -6.44
CA GLU A 203 -9.47 59.06 -7.17
C GLU A 203 -9.27 58.45 -8.54
N GLN A 204 -9.63 57.17 -8.72
CA GLN A 204 -9.60 56.58 -10.06
C GLN A 204 -10.64 57.23 -10.97
N ASN A 205 -11.78 57.63 -10.41
CA ASN A 205 -12.85 58.24 -11.20
C ASN A 205 -12.82 59.77 -11.20
N ASN A 206 -11.96 60.39 -10.39
CA ASN A 206 -12.07 61.83 -10.16
C ASN A 206 -10.74 62.55 -10.34
N SER A 207 -9.71 61.87 -10.79
CA SER A 207 -8.42 62.51 -11.00
C SER A 207 -8.32 63.08 -12.41
N THR A 208 -7.50 64.11 -12.55
CA THR A 208 -7.22 64.72 -13.84
C THR A 208 -5.76 64.48 -14.23
N PHE A 209 -5.44 64.87 -15.47
CA PHE A 209 -4.07 64.83 -15.98
C PHE A 209 -3.91 65.90 -17.06
N VAL A 210 -2.66 66.28 -17.31
CA VAL A 210 -2.30 67.40 -18.19
C VAL A 210 -1.64 66.86 -19.45
N SER A 211 -2.14 67.28 -20.61
CA SER A 211 -1.84 66.62 -21.87
C SER A 211 -0.51 67.09 -22.46
N LYS A 212 0.41 66.14 -22.66
CA LYS A 212 1.73 66.47 -23.22
C LYS A 212 1.64 67.06 -24.62
N THR A 213 0.48 66.96 -25.27
CA THR A 213 0.31 67.43 -26.65
C THR A 213 -0.47 68.73 -26.72
N ASP A 214 -1.62 68.82 -26.05
CA ASP A 214 -2.41 70.05 -26.06
C ASP A 214 -1.90 71.05 -25.04
N GLY A 215 -1.68 70.59 -23.81
CA GLY A 215 -1.35 71.43 -22.67
C GLY A 215 -2.47 71.55 -21.67
N GLY A 216 -3.69 71.11 -22.01
CA GLY A 216 -4.84 71.28 -21.16
C GLY A 216 -5.12 70.08 -20.27
N ARG A 217 -6.05 70.28 -19.34
CA ARG A 217 -6.36 69.30 -18.30
C ARG A 217 -7.59 68.48 -18.68
N TYR A 218 -7.59 67.20 -18.32
CA TYR A 218 -8.65 66.26 -18.68
C TYR A 218 -8.78 65.18 -17.61
N GLY A 219 -9.92 64.50 -17.60
CA GLY A 219 -10.11 63.39 -16.69
C GLY A 219 -9.23 62.20 -17.01
N VAL A 220 -8.87 61.45 -15.97
CA VAL A 220 -8.04 60.26 -16.16
C VAL A 220 -8.89 59.18 -16.83
N LEU A 221 -8.47 58.75 -18.03
CA LEU A 221 -9.20 57.79 -18.86
C LEU A 221 -9.85 56.69 -18.03
N GLY A 222 -11.07 56.32 -18.43
CA GLY A 222 -11.80 55.31 -17.72
C GLY A 222 -12.74 55.92 -16.70
N GLU A 223 -14.03 55.68 -16.87
CA GLU A 223 -15.03 55.93 -15.86
C GLU A 223 -15.69 54.60 -15.58
N GLY A 224 -16.05 54.37 -14.32
CA GLY A 224 -16.76 53.14 -14.04
C GLY A 224 -16.76 52.79 -12.57
N ASP A 225 -17.86 52.19 -12.11
CA ASP A 225 -17.91 51.68 -10.74
C ASP A 225 -17.10 50.41 -10.58
N HIS A 226 -16.81 49.69 -11.68
CA HIS A 226 -16.25 48.36 -11.55
C HIS A 226 -15.17 48.12 -12.59
N ALA A 227 -14.19 47.31 -12.20
CA ALA A 227 -13.08 46.89 -13.06
C ALA A 227 -13.11 45.37 -13.15
N GLU A 228 -12.94 44.82 -14.35
CA GLU A 228 -13.28 43.44 -14.63
C GLU A 228 -12.31 42.85 -15.65
N THR A 229 -12.01 41.55 -15.50
CA THR A 229 -11.17 40.83 -16.45
C THR A 229 -11.77 39.46 -16.74
N TYR A 230 -11.72 39.04 -18.01
CA TYR A 230 -12.07 37.68 -18.43
C TYR A 230 -10.86 37.10 -19.15
N THR A 231 -10.44 35.90 -18.78
CA THR A 231 -9.23 35.34 -19.36
C THR A 231 -9.42 33.89 -19.78
N GLY A 232 -8.90 33.57 -20.97
CA GLY A 232 -8.75 32.18 -21.39
C GLY A 232 -7.33 31.94 -21.88
N GLY A 233 -6.84 30.73 -21.61
CA GLY A 233 -5.45 30.41 -21.94
C GLY A 233 -5.27 28.95 -22.32
N LEU A 234 -4.26 28.71 -23.16
CA LEU A 234 -3.85 27.38 -23.59
C LEU A 234 -2.34 27.25 -23.45
N LYS A 235 -1.89 26.00 -23.31
CA LYS A 235 -0.49 25.71 -23.02
C LYS A 235 -0.14 24.33 -23.53
N TYR A 236 0.88 24.22 -24.37
CA TYR A 236 1.47 22.95 -24.74
C TYR A 236 2.85 22.86 -24.08
N ASP A 237 3.05 21.84 -23.25
CA ASP A 237 4.35 21.60 -22.64
C ASP A 237 4.63 20.10 -22.72
N ALA A 238 5.60 19.72 -23.56
CA ALA A 238 6.09 18.35 -23.71
C ALA A 238 7.05 18.27 -24.89
N ASN A 239 7.83 17.17 -24.96
CA ASN A 239 8.69 16.91 -26.12
C ASN A 239 9.63 18.08 -26.41
N ASN A 240 10.03 18.79 -25.36
CA ASN A 240 10.92 19.95 -25.44
C ASN A 240 10.33 21.10 -26.26
N ILE A 241 9.02 21.10 -26.45
CA ILE A 241 8.31 22.22 -27.06
C ILE A 241 7.59 22.98 -25.97
N TYR A 242 7.52 24.30 -26.10
CA TYR A 242 6.66 25.11 -25.25
C TYR A 242 5.84 26.05 -26.13
N LEU A 243 4.54 25.78 -26.19
CA LEU A 243 3.58 26.58 -26.94
C LEU A 243 2.55 27.09 -25.94
N ALA A 244 2.28 28.39 -25.97
CA ALA A 244 1.31 28.95 -25.04
C ALA A 244 0.68 30.20 -25.62
N THR A 245 -0.56 30.44 -25.22
CA THR A 245 -1.27 31.62 -25.62
C THR A 245 -2.27 31.98 -24.53
N GLN A 246 -2.62 33.25 -24.45
CA GLN A 246 -3.62 33.70 -23.48
C GLN A 246 -4.39 34.89 -24.05
N TYR A 247 -5.70 34.91 -23.81
CA TYR A 247 -6.57 35.98 -24.28
C TYR A 247 -7.34 36.56 -23.10
N THR A 248 -7.28 37.88 -22.94
CA THR A 248 -7.91 38.54 -21.82
C THR A 248 -8.65 39.77 -22.30
N GLN A 249 -9.89 39.94 -21.83
CA GLN A 249 -10.69 41.13 -22.12
C GLN A 249 -10.98 41.83 -20.79
N THR A 250 -10.72 43.14 -20.75
CA THR A 250 -10.80 43.88 -19.50
C THR A 250 -11.69 45.10 -19.65
N TYR A 251 -12.16 45.58 -18.49
CA TYR A 251 -13.06 46.72 -18.35
C TYR A 251 -12.52 47.59 -17.22
N ASN A 252 -12.21 48.85 -17.56
CA ASN A 252 -11.52 49.81 -16.72
C ASN A 252 -10.50 49.15 -15.79
N ALA A 253 -9.66 48.28 -16.35
CA ALA A 253 -8.75 47.49 -15.53
C ALA A 253 -7.33 47.58 -16.09
N THR A 254 -7.21 47.77 -17.40
CA THR A 254 -5.92 47.85 -18.07
C THR A 254 -5.41 49.29 -18.10
N ARG A 255 -4.18 49.49 -17.65
CA ARG A 255 -3.63 50.83 -17.58
C ARG A 255 -3.33 51.38 -18.98
N THR A 256 -3.51 52.69 -19.11
CA THR A 256 -3.11 53.41 -20.31
C THR A 256 -1.94 54.29 -19.89
N GLY A 257 -0.73 53.75 -19.96
CA GLY A 257 0.43 54.44 -19.42
C GLY A 257 0.14 54.89 -18.00
N ASN A 258 0.26 56.19 -17.74
CA ASN A 258 0.05 56.70 -16.40
C ASN A 258 -1.15 57.63 -16.29
N ILE A 259 -1.97 57.75 -17.33
CA ILE A 259 -3.08 58.72 -17.36
C ILE A 259 -4.43 58.06 -17.16
N GLY A 260 -4.48 56.81 -16.70
CA GLY A 260 -5.76 56.19 -16.41
C GLY A 260 -5.92 54.76 -16.86
N PHE A 261 -7.16 54.35 -17.10
CA PHE A 261 -7.46 53.00 -17.53
C PHE A 261 -8.23 53.02 -18.85
N ALA A 262 -8.24 51.88 -19.52
CA ALA A 262 -8.96 51.69 -20.77
C ALA A 262 -10.37 51.20 -20.50
N ASN A 263 -11.37 51.93 -21.04
CA ASN A 263 -12.76 51.56 -20.83
C ASN A 263 -12.98 50.10 -21.18
N LYS A 264 -12.37 49.66 -22.27
CA LYS A 264 -12.31 48.28 -22.69
C LYS A 264 -10.95 48.05 -23.32
N ALA A 265 -10.38 46.88 -23.08
CA ALA A 265 -9.14 46.51 -23.75
C ALA A 265 -9.16 45.02 -24.03
N GLN A 266 -8.62 44.64 -25.18
CA GLN A 266 -8.51 43.23 -25.57
C GLN A 266 -7.04 42.91 -25.67
N ASN A 267 -6.61 41.89 -24.91
CA ASN A 267 -5.21 41.61 -24.65
C ASN A 267 -4.90 40.22 -25.18
N PHE A 268 -3.76 40.08 -25.86
CA PHE A 268 -3.41 38.80 -26.47
C PHE A 268 -1.89 38.59 -26.42
N GLU A 269 -1.48 37.39 -26.00
CA GLU A 269 -0.08 37.00 -25.93
C GLU A 269 0.08 35.57 -26.44
N VAL A 270 1.13 35.34 -27.23
CA VAL A 270 1.40 34.02 -27.77
C VAL A 270 2.91 33.81 -27.79
N VAL A 271 3.36 32.61 -27.42
CA VAL A 271 4.79 32.34 -27.29
C VAL A 271 5.09 30.92 -27.76
N ALA A 272 6.23 30.76 -28.42
CA ALA A 272 6.73 29.46 -28.85
C ALA A 272 8.20 29.40 -28.50
N GLN A 273 8.61 28.28 -27.91
CA GLN A 273 9.99 28.09 -27.47
C GLN A 273 10.38 26.64 -27.73
N TYR A 274 11.69 26.41 -27.80
CA TYR A 274 12.23 25.07 -27.99
C TYR A 274 13.45 24.90 -27.10
N GLN A 275 13.53 23.76 -26.43
CA GLN A 275 14.61 23.49 -25.48
C GLN A 275 15.52 22.42 -26.05
N PHE A 276 16.66 22.85 -26.59
CA PHE A 276 17.74 21.91 -26.87
C PHE A 276 18.35 21.44 -25.56
N ASP A 277 18.77 20.17 -25.54
CA ASP A 277 19.33 19.61 -24.32
C ASP A 277 20.82 19.90 -24.14
N PHE A 278 21.39 20.78 -24.96
CA PHE A 278 22.72 21.31 -24.73
C PHE A 278 22.71 22.72 -24.15
N GLY A 279 21.56 23.17 -23.63
CA GLY A 279 21.45 24.42 -22.89
C GLY A 279 20.59 25.48 -23.54
N LEU A 280 20.62 25.57 -24.86
CA LEU A 280 20.04 26.71 -25.56
C LEU A 280 18.53 26.61 -25.65
N ARG A 281 17.84 27.76 -25.47
CA ARG A 281 16.38 27.81 -25.40
C ARG A 281 15.82 29.00 -26.19
N PRO A 282 15.72 28.88 -27.51
CA PRO A 282 15.18 30.00 -28.31
C PRO A 282 13.68 30.18 -28.09
N SER A 283 13.21 31.39 -28.40
CA SER A 283 11.90 31.85 -28.00
C SER A 283 11.42 32.94 -28.93
N VAL A 284 10.15 32.84 -29.33
CA VAL A 284 9.48 33.77 -30.23
C VAL A 284 8.13 34.09 -29.63
N ALA A 285 7.70 35.35 -29.75
CA ALA A 285 6.52 35.77 -29.02
C ALA A 285 5.90 36.99 -29.68
N TYR A 286 4.58 37.13 -29.49
CA TYR A 286 3.82 38.28 -29.96
C TYR A 286 2.89 38.70 -28.84
N LEU A 287 2.87 40.00 -28.54
CA LEU A 287 1.98 40.56 -27.53
C LEU A 287 1.33 41.82 -28.08
N GLN A 288 0.03 41.97 -27.84
CA GLN A 288 -0.66 43.21 -28.15
C GLN A 288 -1.63 43.56 -27.04
N SER A 289 -1.94 44.84 -26.93
CA SER A 289 -3.04 45.33 -26.10
C SER A 289 -3.74 46.44 -26.87
N LYS A 290 -5.03 46.24 -27.14
CA LYS A 290 -5.84 47.15 -27.95
C LYS A 290 -6.93 47.78 -27.09
N GLY A 291 -6.81 49.08 -26.83
CA GLY A 291 -7.80 49.79 -26.02
C GLY A 291 -8.95 50.37 -26.82
N LYS A 292 -10.15 50.38 -26.23
CA LYS A 292 -11.35 50.81 -26.92
C LYS A 292 -12.02 51.97 -26.21
N ASP A 293 -12.68 52.83 -27.00
CA ASP A 293 -13.57 53.88 -26.50
C ASP A 293 -12.93 54.72 -25.40
N MET A 294 -11.64 55.02 -25.56
CA MET A 294 -10.89 55.73 -24.51
C MET A 294 -11.09 57.24 -24.61
N GLY A 295 -12.34 57.68 -24.42
CA GLY A 295 -12.71 59.07 -24.54
C GLY A 295 -12.17 59.75 -25.78
N ARG A 296 -11.32 60.76 -25.58
CA ARG A 296 -10.79 61.55 -26.67
C ARG A 296 -9.75 60.81 -27.52
N TYR A 297 -9.35 59.61 -27.13
CA TYR A 297 -8.36 58.85 -27.89
C TYR A 297 -8.95 57.68 -28.65
N GLY A 298 -10.22 57.35 -28.42
CA GLY A 298 -10.86 56.26 -29.14
C GLY A 298 -10.06 54.97 -29.04
N ASP A 299 -10.10 54.19 -30.12
CA ASP A 299 -9.33 52.97 -30.20
C ASP A 299 -7.87 53.30 -30.47
N GLN A 300 -6.98 52.77 -29.63
CA GLN A 300 -5.55 52.87 -29.86
C GLN A 300 -4.89 51.59 -29.38
N ASP A 301 -3.75 51.27 -29.99
CA ASP A 301 -2.87 50.27 -29.42
C ASP A 301 -2.29 50.79 -28.12
N ILE A 302 -2.38 49.99 -27.06
CA ILE A 302 -1.69 50.32 -25.83
C ILE A 302 -0.33 49.64 -25.79
N LEU A 303 -0.19 48.52 -26.51
CA LEU A 303 1.02 47.71 -26.49
C LEU A 303 1.00 46.83 -27.72
N LYS A 304 2.16 46.72 -28.39
CA LYS A 304 2.24 45.94 -29.61
C LYS A 304 3.70 45.66 -29.98
N TYR A 305 4.17 44.43 -29.76
CA TYR A 305 5.52 44.12 -30.20
C TYR A 305 5.70 42.64 -30.50
N VAL A 306 6.76 42.36 -31.22
CA VAL A 306 7.28 41.02 -31.43
C VAL A 306 8.50 40.87 -30.56
N ASP A 307 8.73 39.66 -30.05
CA ASP A 307 9.86 39.42 -29.19
C ASP A 307 10.63 38.20 -29.66
N LEU A 308 11.96 38.32 -29.69
CA LEU A 308 12.86 37.29 -30.18
C LEU A 308 14.02 37.19 -29.22
N GLY A 309 14.27 35.99 -28.71
CA GLY A 309 15.37 35.88 -27.77
C GLY A 309 15.71 34.44 -27.45
N ALA A 310 16.68 34.29 -26.57
CA ALA A 310 17.20 32.96 -26.28
C ALA A 310 17.86 33.00 -24.91
N THR A 311 17.85 31.86 -24.25
CA THR A 311 18.50 31.67 -22.96
C THR A 311 19.43 30.48 -23.08
N TYR A 312 20.66 30.64 -22.60
CA TYR A 312 21.60 29.56 -22.54
C TYR A 312 21.79 29.17 -21.08
N TYR A 313 21.40 27.93 -20.74
CA TYR A 313 21.53 27.41 -19.39
C TYR A 313 22.83 26.61 -19.29
N PHE A 314 23.81 27.15 -18.55
CA PHE A 314 25.02 26.39 -18.24
C PHE A 314 24.72 25.23 -17.30
N ASN A 315 23.71 25.40 -16.45
CA ASN A 315 23.27 24.45 -15.44
C ASN A 315 22.16 25.16 -14.69
N LYS A 316 21.61 24.54 -13.65
CA LYS A 316 20.49 25.13 -12.94
C LYS A 316 20.87 26.37 -12.15
N ASN A 317 22.15 26.73 -12.07
CA ASN A 317 22.57 27.89 -11.31
C ASN A 317 23.11 29.03 -12.15
N MET A 318 23.23 28.85 -13.47
CA MET A 318 23.89 29.87 -14.27
C MET A 318 23.32 29.94 -15.67
N SER A 319 23.12 31.15 -16.16
CA SER A 319 22.60 31.28 -17.52
C SER A 319 22.91 32.65 -18.08
N THR A 320 22.80 32.74 -19.40
CA THR A 320 22.99 33.94 -20.18
C THR A 320 21.81 34.07 -21.10
N TYR A 321 21.42 35.30 -21.43
CA TYR A 321 20.24 35.44 -22.27
C TYR A 321 20.33 36.74 -23.03
N VAL A 322 19.81 36.73 -24.25
CA VAL A 322 19.56 37.91 -25.07
C VAL A 322 18.06 37.96 -25.34
N ASP A 323 17.51 39.16 -25.39
CA ASP A 323 16.12 39.30 -25.75
C ASP A 323 15.96 40.60 -26.53
N TYR A 324 15.13 40.55 -27.57
CA TYR A 324 14.98 41.63 -28.53
C TYR A 324 13.50 41.95 -28.68
N LYS A 325 13.11 43.12 -28.19
CA LYS A 325 11.72 43.58 -28.27
C LYS A 325 11.61 44.51 -29.47
N ILE A 326 10.85 44.08 -30.47
CA ILE A 326 10.62 44.84 -31.69
C ILE A 326 9.29 45.58 -31.51
N ASN A 327 9.36 46.86 -31.20
CA ASN A 327 8.20 47.64 -30.77
C ASN A 327 7.51 48.25 -31.99
N LEU A 328 6.38 47.65 -32.38
CA LEU A 328 5.59 48.07 -33.53
C LEU A 328 4.64 49.24 -33.21
N LEU A 329 4.79 49.93 -32.07
CA LEU A 329 4.00 51.12 -31.82
C LEU A 329 4.62 52.33 -32.53
N ASP A 330 3.75 53.28 -32.90
CA ASP A 330 4.16 54.53 -33.53
C ASP A 330 3.95 55.67 -32.53
N ASP A 331 4.83 56.67 -32.61
CA ASP A 331 4.59 57.91 -31.88
C ASP A 331 3.30 58.56 -32.35
N ASN A 332 2.42 58.90 -31.41
CA ASN A 332 1.21 59.66 -31.70
C ASN A 332 0.79 60.40 -30.43
N LYS A 333 -0.37 61.04 -30.48
CA LYS A 333 -0.81 61.78 -29.31
C LYS A 333 -1.15 60.85 -28.15
N PHE A 334 -1.59 59.62 -28.44
CA PHE A 334 -1.93 58.71 -27.36
C PHE A 334 -0.68 58.19 -26.64
N THR A 335 0.27 57.61 -27.38
CA THR A 335 1.48 57.11 -26.74
C THR A 335 2.26 58.23 -26.08
N LYS A 336 2.25 59.44 -26.65
CA LYS A 336 2.92 60.57 -26.03
C LYS A 336 2.17 61.04 -24.78
N ASP A 337 0.87 61.27 -24.90
CA ASP A 337 0.11 61.78 -23.77
C ASP A 337 0.04 60.79 -22.62
N ALA A 338 0.16 59.49 -22.92
CA ALA A 338 0.12 58.46 -21.90
C ALA A 338 1.51 58.02 -21.43
N SER A 339 2.58 58.51 -22.07
CA SER A 339 3.96 58.11 -21.78
C SER A 339 4.16 56.60 -21.94
N ILE A 340 3.81 56.09 -23.12
CA ILE A 340 4.10 54.70 -23.48
C ILE A 340 5.27 54.70 -24.44
N SER A 341 6.23 53.82 -24.19
CA SER A 341 7.45 53.75 -24.98
C SER A 341 7.19 53.05 -26.30
N THR A 342 7.64 53.66 -27.39
CA THR A 342 7.46 53.11 -28.72
C THR A 342 8.77 52.63 -29.34
N ASP A 343 9.88 52.72 -28.63
CA ASP A 343 11.17 52.27 -29.15
C ASP A 343 11.40 50.78 -28.90
N ASN A 344 12.34 50.22 -29.66
CA ASN A 344 12.83 48.86 -29.50
C ASN A 344 13.70 48.78 -28.25
N VAL A 345 13.99 47.55 -27.81
CA VAL A 345 14.94 47.31 -26.72
C VAL A 345 15.68 46.00 -26.96
N VAL A 346 16.97 45.97 -26.65
CA VAL A 346 17.72 44.72 -26.55
C VAL A 346 18.18 44.55 -25.10
N ALA A 347 18.03 43.34 -24.59
CA ALA A 347 18.56 43.02 -23.27
C ALA A 347 19.63 41.95 -23.42
N LEU A 348 20.54 41.97 -22.45
CA LEU A 348 21.72 41.12 -22.46
C LEU A 348 21.99 40.85 -20.98
N GLY A 349 21.87 39.59 -20.57
CA GLY A 349 21.92 39.25 -19.17
C GLY A 349 22.79 38.06 -18.90
N LEU A 350 23.43 38.08 -17.73
CA LEU A 350 24.22 36.96 -17.23
C LEU A 350 23.83 36.83 -15.77
N VAL A 351 23.32 35.68 -15.38
CA VAL A 351 22.55 35.61 -14.15
C VAL A 351 22.98 34.40 -13.33
N TYR A 352 23.27 34.62 -12.05
CA TYR A 352 23.64 33.58 -11.11
C TYR A 352 22.47 33.32 -10.18
N GLN A 353 22.02 32.07 -10.10
CA GLN A 353 20.86 31.68 -9.33
C GLN A 353 21.27 30.76 -8.19
N PHE A 354 20.52 30.81 -7.09
CA PHE A 354 20.85 30.05 -5.88
C PHE A 354 19.62 29.74 -5.04
N ASP B 7 42.58 -33.93 31.25
CA ASP B 7 41.97 -34.98 32.07
C ASP B 7 40.46 -34.80 32.23
N GLY B 8 40.03 -34.44 33.43
CA GLY B 8 38.63 -34.35 33.80
C GLY B 8 37.77 -33.41 32.98
N ASN B 9 38.38 -32.69 32.03
CA ASN B 9 37.71 -31.71 31.19
C ASN B 9 37.36 -32.33 29.84
N LYS B 10 36.17 -32.02 29.34
CA LYS B 10 35.73 -32.33 27.98
C LYS B 10 35.47 -31.02 27.25
N LEU B 11 35.79 -30.99 25.96
CA LEU B 11 35.69 -29.77 25.17
C LEU B 11 35.41 -30.14 23.73
N ASP B 12 34.33 -29.59 23.16
CA ASP B 12 33.87 -29.91 21.81
C ASP B 12 33.80 -28.66 20.93
N LEU B 13 34.52 -28.68 19.82
CA LEU B 13 34.24 -27.78 18.73
C LEU B 13 32.99 -28.24 17.98
N TYR B 14 32.14 -27.30 17.61
CA TYR B 14 30.96 -27.66 16.83
C TYR B 14 30.54 -26.48 15.97
N GLY B 15 29.72 -26.78 14.97
CA GLY B 15 29.16 -25.72 14.16
C GLY B 15 28.65 -26.28 12.84
N LYS B 16 28.49 -25.37 11.88
CA LYS B 16 27.99 -25.76 10.57
C LYS B 16 28.30 -24.65 9.59
N ILE B 17 28.31 -25.03 8.31
CA ILE B 17 28.45 -24.14 7.17
C ILE B 17 27.19 -24.30 6.32
N ASP B 18 26.55 -23.19 5.96
CA ASP B 18 25.20 -23.24 5.39
C ASP B 18 25.16 -22.46 4.09
N GLY B 19 25.20 -23.20 2.98
CA GLY B 19 25.11 -22.60 1.66
C GLY B 19 23.66 -22.35 1.33
N LEU B 20 23.24 -21.09 1.40
CA LEU B 20 21.84 -20.75 1.45
C LEU B 20 21.55 -19.62 0.47
N HIS B 21 20.42 -19.71 -0.22
CA HIS B 21 19.94 -18.65 -1.10
C HIS B 21 18.46 -18.43 -0.86
N TYR B 22 18.04 -17.18 -0.72
CA TYR B 22 16.63 -16.79 -0.65
C TYR B 22 16.13 -16.28 -2.02
N PHE B 23 14.91 -16.69 -2.40
CA PHE B 23 14.27 -16.17 -3.60
C PHE B 23 13.00 -15.42 -3.19
N SER B 24 12.97 -14.12 -3.48
CA SER B 24 11.85 -13.30 -3.01
C SER B 24 11.75 -12.01 -3.83
N SER B 25 10.52 -11.51 -3.92
CA SER B 25 10.25 -10.20 -4.51
C SER B 25 10.66 -9.04 -3.60
N ASP B 26 10.80 -9.28 -2.30
CA ASP B 26 11.34 -8.27 -1.40
C ASP B 26 12.84 -8.16 -1.62
N ASP B 27 13.28 -7.04 -2.18
CA ASP B 27 14.70 -6.88 -2.50
C ASP B 27 15.59 -6.94 -1.26
N SER B 28 15.07 -6.67 -0.08
CA SER B 28 15.89 -6.66 1.13
C SER B 28 16.05 -8.05 1.74
N VAL B 29 15.43 -9.05 1.12
CA VAL B 29 15.42 -10.42 1.63
C VAL B 29 16.02 -11.39 0.61
N ASP B 30 15.76 -11.15 -0.67
CA ASP B 30 16.18 -11.99 -1.77
C ASP B 30 17.70 -12.01 -1.92
N GLY B 31 18.23 -13.16 -2.37
CA GLY B 31 19.65 -13.26 -2.70
C GLY B 31 20.44 -14.26 -1.87
N ASP B 32 21.77 -14.16 -1.97
CA ASP B 32 22.68 -15.06 -1.25
C ASP B 32 22.59 -14.83 0.26
N GLN B 33 22.49 -15.92 1.03
CA GLN B 33 22.35 -15.85 2.48
C GLN B 33 23.34 -16.77 3.19
N THR B 34 24.37 -17.21 2.48
CA THR B 34 25.40 -18.10 3.02
C THR B 34 25.94 -17.60 4.36
N TYR B 35 26.02 -18.50 5.33
CA TYR B 35 26.53 -18.14 6.65
C TYR B 35 27.08 -19.39 7.27
N MET B 36 27.86 -19.22 8.35
CA MET B 36 28.39 -20.39 9.05
C MET B 36 28.27 -20.15 10.55
N ARG B 37 28.31 -21.24 11.31
CA ARG B 37 28.35 -21.17 12.76
C ARG B 37 29.50 -21.99 13.29
N ILE B 38 30.11 -21.50 14.36
CA ILE B 38 31.14 -22.22 15.07
C ILE B 38 30.99 -21.92 16.54
N GLY B 39 31.40 -22.85 17.38
CA GLY B 39 31.14 -22.71 18.80
C GLY B 39 31.91 -23.74 19.59
N VAL B 40 31.80 -23.63 20.91
CA VAL B 40 32.60 -24.38 21.86
C VAL B 40 31.68 -24.81 23.00
N LYS B 41 31.66 -26.11 23.29
CA LYS B 41 30.90 -26.70 24.41
C LYS B 41 31.83 -27.44 25.36
N GLY B 42 31.73 -27.14 26.65
CA GLY B 42 32.69 -27.65 27.60
C GLY B 42 32.11 -28.02 28.95
N GLU B 43 32.63 -29.10 29.54
CA GLU B 43 32.26 -29.55 30.87
C GLU B 43 33.54 -29.88 31.63
N THR B 44 33.50 -29.68 32.95
CA THR B 44 34.58 -30.11 33.82
C THR B 44 33.99 -30.62 35.11
N GLN B 45 34.39 -31.81 35.53
CA GLN B 45 33.87 -32.39 36.76
C GLN B 45 34.72 -31.90 37.93
N ILE B 46 34.09 -31.16 38.84
CA ILE B 46 34.81 -30.67 40.01
C ILE B 46 34.88 -31.75 41.09
N ASN B 47 33.74 -32.36 41.40
CA ASN B 47 33.68 -33.48 42.34
C ASN B 47 32.48 -34.34 41.97
N ASP B 48 32.19 -35.34 42.80
CA ASP B 48 31.11 -36.29 42.51
C ASP B 48 29.77 -35.60 42.29
N GLN B 49 29.56 -34.43 42.90
CA GLN B 49 28.28 -33.75 42.83
C GLN B 49 28.27 -32.56 41.89
N LEU B 50 29.39 -31.85 41.80
CA LEU B 50 29.49 -30.54 41.19
C LEU B 50 30.20 -30.64 39.84
N THR B 51 29.59 -30.06 38.82
CA THR B 51 30.14 -30.04 37.47
C THR B 51 30.07 -28.62 36.95
N GLY B 52 31.16 -28.19 36.33
CA GLY B 52 31.24 -26.86 35.74
C GLY B 52 31.11 -26.98 34.24
N TYR B 53 30.58 -25.93 33.61
CA TYR B 53 30.40 -25.96 32.16
C TYR B 53 30.43 -24.54 31.60
N GLY B 54 30.60 -24.46 30.29
CA GLY B 54 30.50 -23.20 29.58
C GLY B 54 30.22 -23.49 28.12
N GLN B 55 29.70 -22.48 27.41
CA GLN B 55 29.39 -22.67 26.00
C GLN B 55 29.47 -21.33 25.29
N TRP B 56 30.02 -21.36 24.07
CA TRP B 56 30.10 -20.20 23.22
C TRP B 56 29.65 -20.58 21.82
N GLU B 57 28.84 -19.74 21.20
CA GLU B 57 28.35 -20.01 19.85
C GLU B 57 28.27 -18.70 19.06
N TYR B 58 28.79 -18.74 17.83
CA TYR B 58 29.16 -17.57 17.07
C TYR B 58 28.58 -17.68 15.65
N ASN B 59 27.91 -16.62 15.20
CA ASN B 59 27.41 -16.54 13.83
C ASN B 59 28.37 -15.70 12.97
N VAL B 60 28.95 -16.31 11.94
CA VAL B 60 29.75 -15.56 10.97
C VAL B 60 29.01 -15.59 9.64
N GLN B 61 28.55 -14.42 9.20
CA GLN B 61 27.96 -14.27 7.88
C GLN B 61 29.00 -14.46 6.78
N ALA B 62 28.58 -14.98 5.63
CA ALA B 62 29.50 -15.10 4.51
C ALA B 62 28.89 -14.61 3.21
N ASN B 63 27.79 -13.86 3.26
CA ASN B 63 27.11 -13.45 2.04
C ASN B 63 27.45 -12.03 1.61
N ASN B 64 28.43 -11.40 2.26
CA ASN B 64 28.87 -10.08 1.78
C ASN B 64 30.38 -10.04 1.60
N THR B 65 30.95 -8.86 1.35
CA THR B 65 32.34 -8.77 0.91
C THR B 65 33.32 -8.70 2.08
N GLU B 66 34.62 -8.66 1.73
CA GLU B 66 35.69 -8.62 2.72
C GLU B 66 35.96 -7.22 3.22
N SER B 67 35.36 -6.20 2.62
CA SER B 67 35.38 -4.86 3.19
C SER B 67 34.05 -4.49 3.83
N SER B 68 33.10 -5.41 3.88
CA SER B 68 31.80 -5.17 4.51
C SER B 68 31.92 -5.19 6.02
N SER B 69 30.93 -4.62 6.69
CA SER B 69 31.04 -4.38 8.12
C SER B 69 29.98 -5.16 8.89
N ASP B 70 30.33 -5.54 10.13
CA ASP B 70 29.44 -6.18 11.09
C ASP B 70 28.90 -7.54 10.62
N GLN B 71 29.78 -8.38 10.06
CA GLN B 71 29.35 -9.65 9.52
C GLN B 71 29.39 -10.81 10.52
N ALA B 72 29.87 -10.62 11.76
CA ALA B 72 29.86 -11.66 12.79
C ALA B 72 29.15 -11.20 14.05
N TRP B 73 28.70 -12.17 14.85
CA TRP B 73 28.11 -11.87 16.15
C TRP B 73 27.99 -13.12 16.99
N THR B 74 27.95 -12.92 18.31
CA THR B 74 27.82 -13.99 19.28
C THR B 74 26.34 -14.28 19.52
N ARG B 75 25.96 -15.54 19.35
CA ARG B 75 24.62 -16.00 19.68
C ARG B 75 24.49 -16.40 21.14
N LEU B 76 25.51 -17.05 21.71
CA LEU B 76 25.52 -17.51 23.09
C LEU B 76 26.90 -17.37 23.72
N ALA B 77 26.95 -16.97 24.99
CA ALA B 77 28.18 -17.09 25.76
C ALA B 77 27.83 -17.11 27.24
N PHE B 78 28.02 -18.26 27.89
CA PHE B 78 27.58 -18.41 29.26
C PHE B 78 28.43 -19.44 29.96
N ALA B 79 28.59 -19.25 31.27
CA ALA B 79 29.29 -20.15 32.17
C ALA B 79 28.34 -20.58 33.27
N GLY B 80 28.53 -21.79 33.79
CA GLY B 80 27.57 -22.25 34.77
C GLY B 80 28.09 -23.32 35.71
N LEU B 81 27.20 -23.70 36.63
CA LEU B 81 27.45 -24.73 37.63
C LEU B 81 26.24 -25.65 37.69
N LYS B 82 26.52 -26.96 37.74
CA LYS B 82 25.53 -28.02 37.77
C LYS B 82 25.79 -28.87 39.02
N PHE B 83 24.81 -28.95 39.90
CA PHE B 83 25.02 -29.57 41.21
C PHE B 83 24.13 -30.79 41.42
N GLY B 84 24.26 -31.80 40.56
CA GLY B 84 23.45 -32.99 40.60
C GLY B 84 21.96 -32.76 40.79
N ASP B 85 21.45 -33.06 41.98
CA ASP B 85 20.02 -32.97 42.26
C ASP B 85 19.57 -31.56 42.62
N ALA B 86 20.48 -30.68 43.05
CA ALA B 86 20.07 -29.35 43.46
C ALA B 86 19.79 -28.42 42.29
N GLY B 87 20.10 -28.83 41.06
CA GLY B 87 19.82 -28.04 39.87
C GLY B 87 21.09 -27.54 39.18
N SER B 88 20.91 -26.52 38.34
CA SER B 88 22.05 -25.82 37.74
C SER B 88 21.83 -24.32 37.80
N PHE B 89 22.93 -23.58 37.67
CA PHE B 89 22.90 -22.13 37.55
C PHE B 89 23.91 -21.67 36.51
N ASP B 90 23.46 -20.93 35.49
CA ASP B 90 24.39 -20.31 34.55
C ASP B 90 24.06 -18.84 34.36
N TYR B 91 25.08 -18.10 33.88
CA TYR B 91 25.01 -16.66 33.63
C TYR B 91 25.71 -16.29 32.34
N GLY B 92 25.15 -15.33 31.61
CA GLY B 92 25.77 -14.80 30.41
C GLY B 92 24.72 -14.46 29.36
N ARG B 93 25.12 -14.58 28.09
CA ARG B 93 24.17 -14.51 27.00
C ARG B 93 23.65 -15.91 26.71
N ASN B 94 22.34 -16.08 26.80
CA ASN B 94 21.72 -17.39 26.77
C ASN B 94 20.24 -17.18 26.51
N TYR B 95 19.53 -18.29 26.28
CA TYR B 95 18.10 -18.23 25.95
C TYR B 95 17.25 -17.80 27.14
N GLY B 96 16.38 -16.82 26.91
CA GLY B 96 15.31 -16.58 27.86
C GLY B 96 14.42 -17.80 27.99
N VAL B 97 13.83 -17.97 29.18
CA VAL B 97 13.20 -19.25 29.49
C VAL B 97 11.83 -19.42 28.83
N VAL B 98 11.20 -18.33 28.38
CA VAL B 98 10.04 -18.47 27.51
C VAL B 98 10.35 -19.44 26.37
N TYR B 99 11.57 -19.36 25.82
CA TYR B 99 11.97 -20.21 24.69
C TYR B 99 11.99 -21.70 25.07
N ASP B 100 12.02 -22.04 26.37
CA ASP B 100 11.86 -23.43 26.78
C ASP B 100 10.58 -24.04 26.23
N VAL B 101 9.53 -23.23 26.05
CA VAL B 101 8.28 -23.74 25.49
C VAL B 101 8.18 -23.41 24.00
N THR B 102 8.27 -22.11 23.65
CA THR B 102 8.08 -21.70 22.25
C THR B 102 9.08 -22.33 21.29
N SER B 103 10.17 -22.92 21.77
CA SER B 103 11.09 -23.60 20.85
C SER B 103 10.49 -24.87 20.26
N TRP B 104 9.48 -25.46 20.89
CA TRP B 104 8.92 -26.71 20.37
C TRP B 104 8.32 -26.56 18.97
N THR B 105 7.94 -25.33 18.58
CA THR B 105 7.51 -25.03 17.22
C THR B 105 8.62 -24.46 16.35
N ASP B 106 9.78 -24.12 16.92
CA ASP B 106 10.91 -23.63 16.14
C ASP B 106 11.72 -24.81 15.57
N VAL B 107 11.10 -25.53 14.64
CA VAL B 107 11.75 -26.68 14.04
C VAL B 107 11.63 -26.69 12.51
N LEU B 108 11.36 -25.55 11.90
CA LEU B 108 11.15 -25.52 10.47
C LEU B 108 12.48 -25.58 9.72
N PRO B 109 12.48 -26.05 8.46
CA PRO B 109 13.76 -26.17 7.73
C PRO B 109 14.59 -24.90 7.73
N GLU B 110 13.96 -23.74 7.51
CA GLU B 110 14.69 -22.48 7.51
C GLU B 110 13.89 -21.40 8.24
N PHE B 111 12.59 -21.30 8.00
CA PHE B 111 11.83 -20.18 8.54
C PHE B 111 11.26 -20.56 9.91
N GLY B 112 10.21 -19.87 10.34
CA GLY B 112 9.63 -20.09 11.65
C GLY B 112 10.38 -19.38 12.76
N GLY B 113 9.86 -19.59 13.98
CA GLY B 113 10.45 -19.03 15.18
C GLY B 113 10.44 -17.53 15.27
N ASP B 114 9.52 -16.84 14.58
CA ASP B 114 9.63 -15.38 14.47
C ASP B 114 8.33 -14.65 14.81
N THR B 115 7.55 -15.17 15.76
CA THR B 115 6.59 -14.32 16.45
C THR B 115 7.28 -13.45 17.51
N TYR B 116 8.61 -13.52 17.56
CA TYR B 116 9.47 -12.91 18.57
C TYR B 116 10.86 -12.82 17.97
N GLY B 117 11.70 -11.95 18.53
CA GLY B 117 13.04 -11.74 18.02
C GLY B 117 14.11 -12.10 19.05
N SER B 118 15.35 -11.96 18.61
CA SER B 118 16.48 -12.03 19.52
C SER B 118 16.60 -10.70 20.25
N ASP B 119 17.13 -10.75 21.47
CA ASP B 119 17.23 -9.56 22.31
C ASP B 119 15.88 -8.87 22.45
N ASN B 120 14.88 -9.70 22.77
CA ASN B 120 13.46 -9.35 22.79
C ASN B 120 12.88 -9.74 24.15
N PHE B 121 13.39 -9.08 25.20
CA PHE B 121 13.10 -9.43 26.60
C PHE B 121 13.55 -10.88 26.82
N LEU B 122 12.77 -11.70 27.51
CA LEU B 122 13.16 -13.06 27.79
C LEU B 122 12.62 -14.04 26.74
N GLN B 123 12.32 -13.55 25.54
CA GLN B 123 11.68 -14.39 24.54
C GLN B 123 12.68 -15.20 23.72
N SER B 124 13.94 -14.76 23.66
CA SER B 124 14.95 -15.52 22.94
C SER B 124 16.33 -15.28 23.53
N ARG B 125 17.34 -15.21 22.68
CA ARG B 125 18.68 -14.96 23.14
C ARG B 125 18.74 -13.56 23.76
N ALA B 126 19.55 -13.42 24.82
CA ALA B 126 19.43 -12.25 25.67
C ALA B 126 20.75 -11.98 26.36
N ASN B 127 21.12 -10.71 26.46
CA ASN B 127 22.27 -10.34 27.27
C ASN B 127 21.93 -10.42 28.76
N GLY B 128 22.83 -11.01 29.53
CA GLY B 128 22.81 -10.87 30.97
C GLY B 128 21.74 -11.63 31.72
N VAL B 129 21.44 -12.87 31.31
CA VAL B 129 20.39 -13.68 31.95
C VAL B 129 21.02 -14.64 32.93
N ALA B 130 20.55 -14.61 34.18
CA ALA B 130 20.97 -15.54 35.22
C ALA B 130 19.87 -16.57 35.36
N THR B 131 20.17 -17.81 35.02
CA THR B 131 19.16 -18.85 34.86
C THR B 131 19.39 -19.97 35.86
N TYR B 132 18.36 -20.29 36.64
CA TYR B 132 18.35 -21.46 37.51
C TYR B 132 17.46 -22.55 36.89
N ARG B 133 17.95 -23.78 36.81
CA ARG B 133 17.19 -24.86 36.18
C ARG B 133 17.18 -26.10 37.07
N ASN B 134 16.06 -26.82 37.03
CA ASN B 134 15.90 -28.03 37.83
C ASN B 134 15.23 -29.13 37.00
N SER B 135 15.86 -30.30 36.97
CA SER B 135 15.42 -31.45 36.20
C SER B 135 14.74 -32.45 37.11
N ASP B 136 13.59 -32.98 36.67
CA ASP B 136 12.94 -34.10 37.33
C ASP B 136 12.62 -33.76 38.79
N PHE B 137 12.26 -32.49 39.01
CA PHE B 137 11.92 -31.94 40.31
C PHE B 137 12.77 -32.55 41.43
N PHE B 138 14.09 -32.32 41.36
CA PHE B 138 15.05 -32.79 42.35
C PHE B 138 15.13 -34.32 42.41
N GLY B 139 14.81 -34.99 41.30
CA GLY B 139 14.79 -36.44 41.28
C GLY B 139 13.54 -37.09 41.84
N LEU B 140 12.51 -36.31 42.17
CA LEU B 140 11.27 -36.88 42.70
C LEU B 140 10.19 -37.12 41.63
N VAL B 141 10.21 -36.37 40.52
CA VAL B 141 9.16 -36.45 39.50
C VAL B 141 9.77 -36.46 38.11
N ASP B 142 10.01 -37.65 37.56
CA ASP B 142 10.70 -37.76 36.27
C ASP B 142 9.91 -37.08 35.16
N GLY B 143 10.58 -36.21 34.40
CA GLY B 143 9.97 -35.46 33.33
C GLY B 143 9.54 -34.04 33.69
N LEU B 144 9.57 -33.67 34.98
CA LEU B 144 9.02 -32.40 35.44
C LEU B 144 10.16 -31.40 35.59
N ASN B 145 10.17 -30.41 34.73
CA ASN B 145 11.28 -29.47 34.59
C ASN B 145 10.76 -28.07 34.82
N PHE B 146 11.49 -27.27 35.59
CA PHE B 146 11.14 -25.87 35.73
C PHE B 146 12.42 -25.04 35.74
N ALA B 147 12.23 -23.73 35.63
CA ALA B 147 13.35 -22.81 35.48
C ALA B 147 12.97 -21.47 36.07
N LEU B 148 13.97 -20.79 36.62
CA LEU B 148 13.81 -19.45 37.18
C LEU B 148 14.96 -18.62 36.60
N GLN B 149 14.63 -17.42 36.11
CA GLN B 149 15.55 -16.63 35.32
C GLN B 149 15.44 -15.17 35.67
N TYR B 150 16.58 -14.47 35.72
CA TYR B 150 16.62 -13.04 35.98
C TYR B 150 17.49 -12.37 34.93
N GLN B 151 17.09 -11.16 34.52
CA GLN B 151 17.87 -10.39 33.56
C GLN B 151 17.97 -8.95 34.03
N GLY B 152 19.19 -8.45 34.12
CA GLY B 152 19.39 -7.06 34.50
C GLY B 152 19.14 -6.11 33.35
N LYS B 153 19.08 -4.82 33.68
CA LYS B 153 18.80 -3.80 32.68
C LYS B 153 19.88 -3.74 31.61
N ASN B 154 19.43 -3.70 30.35
CA ASN B 154 20.24 -3.47 29.16
C ASN B 154 19.65 -2.23 28.49
N GLY B 155 20.34 -1.09 28.59
CA GLY B 155 19.70 0.17 28.26
C GLY B 155 20.20 0.97 27.08
N SER B 156 20.14 2.30 27.21
CA SER B 156 20.51 3.22 26.15
C SER B 156 22.01 3.52 26.20
N VAL B 157 22.48 4.19 25.14
CA VAL B 157 23.87 4.62 25.06
C VAL B 157 24.11 5.86 25.90
N SER B 158 23.12 6.73 26.02
CA SER B 158 23.16 7.89 26.91
C SER B 158 21.93 7.90 27.81
N GLY B 159 21.35 9.06 28.04
CA GLY B 159 20.09 9.18 28.78
C GLY B 159 20.08 8.64 30.20
N GLU B 160 18.90 8.71 30.83
CA GLU B 160 18.72 8.23 32.20
C GLU B 160 18.98 6.73 32.33
N ASP B 161 18.69 5.96 31.28
CA ASP B 161 18.76 4.51 31.33
C ASP B 161 20.01 3.95 30.66
N GLN B 162 21.11 4.71 30.67
CA GLN B 162 22.37 4.23 30.13
C GLN B 162 22.89 3.02 30.89
N THR B 163 23.41 2.05 30.15
CA THR B 163 24.29 1.03 30.69
C THR B 163 25.55 0.95 29.83
N ASN B 164 26.50 0.16 30.28
CA ASN B 164 27.75 0.03 29.54
C ASN B 164 27.54 -0.59 28.17
N ASN B 165 26.55 -1.46 28.04
CA ASN B 165 26.31 -2.20 26.81
C ASN B 165 25.05 -1.73 26.10
N GLY B 166 24.94 -0.43 25.87
CA GLY B 166 23.73 0.16 25.31
C GLY B 166 23.44 -0.29 23.89
N ARG B 167 22.28 0.16 23.40
CA ARG B 167 21.63 -0.42 22.23
C ARG B 167 20.38 0.39 21.99
N ASP B 168 19.80 0.21 20.80
CA ASP B 168 18.58 0.89 20.46
C ASP B 168 17.38 0.31 21.21
N PHE B 169 16.34 1.14 21.33
CA PHE B 169 15.25 0.86 22.26
C PHE B 169 14.51 -0.43 21.92
N GLN B 170 14.48 -0.84 20.65
CA GLN B 170 13.83 -2.12 20.33
C GLN B 170 14.55 -3.33 20.93
N LYS B 171 15.77 -3.15 21.45
CA LYS B 171 16.50 -4.26 22.05
C LYS B 171 16.97 -3.93 23.45
N GLN B 172 16.56 -2.80 24.01
CA GLN B 172 16.68 -2.50 25.43
C GLN B 172 15.63 -3.25 26.23
N ASN B 173 15.98 -3.57 27.46
CA ASN B 173 15.04 -4.11 28.44
C ASN B 173 15.39 -3.53 29.80
N GLY B 174 14.39 -3.45 30.67
CA GLY B 174 14.64 -3.16 32.06
C GLY B 174 14.76 -4.45 32.84
N GLU B 175 14.95 -4.29 34.15
CA GLU B 175 14.98 -5.42 35.09
C GLU B 175 13.80 -6.36 34.84
N GLY B 176 14.06 -7.67 34.83
CA GLY B 176 12.96 -8.59 34.58
C GLY B 176 13.27 -9.98 35.08
N PHE B 177 12.25 -10.84 34.99
CA PHE B 177 12.42 -12.25 35.31
C PHE B 177 11.43 -13.09 34.51
N GLY B 178 11.68 -14.39 34.50
CA GLY B 178 10.74 -15.34 33.93
C GLY B 178 10.89 -16.71 34.57
N THR B 179 9.86 -17.54 34.36
CA THR B 179 9.84 -18.91 34.82
C THR B 179 9.20 -19.78 33.73
N SER B 180 9.49 -21.07 33.79
CA SER B 180 8.92 -22.00 32.84
C SER B 180 8.71 -23.33 33.55
N VAL B 181 7.78 -24.13 33.04
CA VAL B 181 7.54 -25.48 33.53
C VAL B 181 7.20 -26.35 32.33
N THR B 182 7.82 -27.53 32.26
CA THR B 182 7.48 -28.53 31.25
C THR B 182 7.27 -29.87 31.93
N TYR B 183 6.49 -30.71 31.28
CA TYR B 183 6.14 -32.02 31.81
C TYR B 183 5.91 -32.98 30.65
N ASP B 184 6.35 -34.21 30.82
CA ASP B 184 6.21 -35.26 29.81
C ASP B 184 5.10 -36.22 30.23
N ILE B 185 4.20 -36.53 29.30
CA ILE B 185 2.99 -37.31 29.59
C ILE B 185 3.03 -38.60 28.78
N TRP B 186 3.31 -39.72 29.47
CA TRP B 186 3.37 -41.06 28.88
C TRP B 186 4.21 -41.08 27.61
N ASP B 187 3.59 -41.40 26.48
CA ASP B 187 4.31 -41.62 25.22
C ASP B 187 4.44 -40.29 24.47
N GLY B 188 5.62 -39.67 24.56
CA GLY B 188 6.02 -38.58 23.71
C GLY B 188 5.28 -37.26 23.86
N ILE B 189 4.17 -37.22 24.59
CA ILE B 189 3.37 -36.01 24.72
C ILE B 189 3.93 -35.15 25.85
N SER B 190 4.22 -33.89 25.54
CA SER B 190 4.75 -32.95 26.53
C SER B 190 3.88 -31.70 26.57
N ALA B 191 3.75 -31.12 27.77
CA ALA B 191 3.08 -29.83 27.94
C ALA B 191 4.00 -28.88 28.70
N GLY B 192 3.85 -27.59 28.41
CA GLY B 192 4.68 -26.59 29.05
C GLY B 192 3.97 -25.26 29.19
N PHE B 193 4.42 -24.48 30.18
CA PHE B 193 3.96 -23.12 30.39
C PHE B 193 5.18 -22.26 30.72
N ALA B 194 5.07 -20.95 30.44
CA ALA B 194 6.12 -19.99 30.72
C ALA B 194 5.54 -18.60 30.90
N TYR B 195 6.18 -17.83 31.78
CA TYR B 195 5.75 -16.47 32.10
C TYR B 195 6.98 -15.58 32.23
N SER B 196 6.83 -14.31 31.85
CA SER B 196 7.92 -13.38 32.06
C SER B 196 7.39 -11.95 32.26
N SER B 197 8.22 -11.13 32.92
CA SER B 197 7.83 -9.80 33.33
C SER B 197 9.06 -8.92 33.49
N SER B 198 9.05 -7.77 32.82
CA SER B 198 10.19 -6.88 32.75
C SER B 198 9.73 -5.42 32.77
N LYS B 199 10.43 -4.60 33.56
CA LYS B 199 10.29 -3.17 33.41
C LYS B 199 10.72 -2.73 32.02
N ARG B 200 10.17 -1.61 31.56
CA ARG B 200 10.60 -1.02 30.30
C ARG B 200 11.50 0.18 30.59
N THR B 201 11.98 0.81 29.52
CA THR B 201 13.02 1.82 29.60
C THR B 201 12.52 3.11 28.97
N ASP B 202 13.16 4.22 29.38
CA ASP B 202 12.74 5.55 28.98
C ASP B 202 12.60 5.65 27.47
N GLU B 203 13.64 5.27 26.74
CA GLU B 203 13.61 5.40 25.29
C GLU B 203 12.54 4.52 24.65
N GLN B 204 12.17 3.41 25.31
CA GLN B 204 11.08 2.60 24.80
C GLN B 204 9.76 3.35 24.83
N ASN B 205 9.57 4.21 25.83
CA ASN B 205 8.31 4.92 26.01
C ASN B 205 8.36 6.35 25.50
N ASN B 206 9.52 6.84 25.06
CA ASN B 206 9.65 8.24 24.73
C ASN B 206 10.27 8.48 23.37
N SER B 207 10.58 7.44 22.61
CA SER B 207 11.11 7.65 21.28
C SER B 207 9.99 7.93 20.29
N THR B 208 10.36 8.53 19.15
CA THR B 208 9.42 8.87 18.09
C THR B 208 9.92 8.33 16.76
N PHE B 209 8.98 8.03 15.86
CA PHE B 209 9.31 7.59 14.51
C PHE B 209 8.59 8.45 13.48
N VAL B 210 9.14 8.48 12.27
CA VAL B 210 8.57 9.20 11.15
C VAL B 210 7.86 8.21 10.25
N SER B 211 6.56 8.43 10.05
CA SER B 211 5.75 7.52 9.27
C SER B 211 6.13 7.60 7.80
N LYS B 212 6.22 6.44 7.16
CA LYS B 212 6.49 6.37 5.74
C LYS B 212 5.26 6.71 4.92
N THR B 213 4.09 6.24 5.36
CA THR B 213 2.88 6.44 4.57
C THR B 213 2.50 7.91 4.48
N ASP B 214 2.58 8.67 5.59
CA ASP B 214 2.03 10.03 5.60
C ASP B 214 2.99 11.14 6.01
N GLY B 215 4.23 10.83 6.38
CA GLY B 215 5.21 11.86 6.64
C GLY B 215 5.22 12.43 8.05
N GLY B 216 4.21 12.15 8.86
CA GLY B 216 4.11 12.77 10.16
C GLY B 216 5.11 12.20 11.15
N ARG B 217 5.13 12.78 12.34
CA ARG B 217 5.92 12.25 13.44
C ARG B 217 5.02 11.88 14.61
N TYR B 218 5.18 10.64 15.11
CA TYR B 218 4.30 10.10 16.14
C TYR B 218 5.11 9.32 17.16
N GLY B 219 4.57 9.29 18.38
CA GLY B 219 5.20 8.53 19.45
C GLY B 219 5.28 7.05 19.11
N VAL B 220 6.28 6.40 19.68
CA VAL B 220 6.59 5.03 19.29
C VAL B 220 5.55 4.08 19.91
N LEU B 221 5.26 3.00 19.20
CA LEU B 221 4.13 2.13 19.56
C LEU B 221 4.41 1.42 20.88
N GLY B 222 3.35 1.22 21.65
CA GLY B 222 3.49 0.69 22.99
C GLY B 222 3.81 1.77 24.00
N GLU B 223 2.98 1.86 25.02
CA GLU B 223 3.25 2.69 26.19
C GLU B 223 3.05 1.78 27.38
N GLY B 224 3.96 1.83 28.34
CA GLY B 224 3.75 1.02 29.52
C GLY B 224 4.96 0.86 30.42
N ASP B 225 4.68 0.73 31.73
CA ASP B 225 5.72 0.43 32.70
C ASP B 225 6.32 -0.94 32.47
N HIS B 226 5.53 -1.89 31.98
CA HIS B 226 5.92 -3.29 32.02
C HIS B 226 5.67 -3.97 30.67
N ALA B 227 6.51 -4.96 30.38
CA ALA B 227 6.36 -5.83 29.24
C ALA B 227 6.19 -7.26 29.75
N GLU B 228 5.30 -8.03 29.14
CA GLU B 228 4.88 -9.28 29.75
C GLU B 228 4.51 -10.33 28.70
N THR B 229 4.74 -11.60 29.02
CA THR B 229 4.38 -12.71 28.15
C THR B 229 3.73 -13.84 28.96
N TYR B 230 2.79 -14.55 28.35
CA TYR B 230 2.16 -15.73 28.92
C TYR B 230 2.17 -16.80 27.84
N THR B 231 2.71 -17.97 28.15
CA THR B 231 2.89 -18.96 27.09
C THR B 231 2.39 -20.33 27.53
N GLY B 232 1.61 -20.98 26.67
CA GLY B 232 1.34 -22.40 26.79
C GLY B 232 1.76 -23.11 25.52
N GLY B 233 2.22 -24.36 25.67
CA GLY B 233 2.68 -25.12 24.55
C GLY B 233 2.38 -26.60 24.71
N LEU B 234 2.24 -27.28 23.58
CA LEU B 234 2.07 -28.73 23.53
C LEU B 234 2.99 -29.29 22.44
N LYS B 235 3.36 -30.56 22.61
CA LYS B 235 4.32 -31.21 21.73
C LYS B 235 4.06 -32.71 21.70
N TYR B 236 3.96 -33.27 20.50
CA TYR B 236 3.93 -34.71 20.31
C TYR B 236 5.18 -35.12 19.54
N ASP B 237 6.02 -35.94 20.17
CA ASP B 237 7.22 -36.49 19.55
C ASP B 237 7.26 -37.98 19.81
N ALA B 238 7.06 -38.78 18.76
CA ALA B 238 7.22 -40.23 18.79
C ALA B 238 6.78 -40.83 17.46
N ASN B 239 7.06 -42.12 17.25
CA ASN B 239 6.54 -42.87 16.09
C ASN B 239 6.85 -42.16 14.78
N ASN B 240 7.94 -41.39 14.77
CA ASN B 240 8.40 -40.62 13.62
C ASN B 240 7.47 -39.50 13.21
N ILE B 241 6.62 -39.04 14.15
CA ILE B 241 5.72 -37.93 13.94
C ILE B 241 6.16 -36.79 14.85
N TYR B 242 6.08 -35.55 14.36
CA TYR B 242 6.32 -34.39 15.20
C TYR B 242 5.14 -33.43 15.09
N LEU B 243 4.43 -33.26 16.20
CA LEU B 243 3.31 -32.34 16.31
C LEU B 243 3.65 -31.38 17.43
N ALA B 244 3.49 -30.08 17.18
CA ALA B 244 3.78 -29.11 18.22
C ALA B 244 2.97 -27.85 17.98
N THR B 245 2.65 -27.19 19.09
CA THR B 245 1.91 -25.95 19.03
C THR B 245 2.29 -25.09 20.22
N GLN B 246 2.00 -23.80 20.12
CA GLN B 246 2.44 -22.86 21.13
C GLN B 246 1.60 -21.59 21.02
N TYR B 247 1.04 -21.16 22.14
CA TYR B 247 0.21 -19.96 22.20
C TYR B 247 0.83 -19.00 23.20
N THR B 248 0.91 -17.73 22.84
CA THR B 248 1.59 -16.74 23.66
C THR B 248 0.84 -15.42 23.56
N GLN B 249 0.48 -14.85 24.70
CA GLN B 249 -0.08 -13.51 24.79
C GLN B 249 0.95 -12.58 25.42
N THR B 250 1.14 -11.41 24.80
CA THR B 250 2.17 -10.49 25.20
C THR B 250 1.58 -9.10 25.40
N TYR B 251 2.28 -8.30 26.20
CA TYR B 251 1.90 -6.93 26.51
C TYR B 251 3.15 -6.08 26.39
N ASN B 252 3.16 -5.18 25.40
CA ASN B 252 4.27 -4.26 25.17
C ASN B 252 5.61 -4.99 25.08
N ALA B 253 5.58 -6.20 24.51
CA ALA B 253 6.76 -7.05 24.41
C ALA B 253 7.01 -7.61 23.02
N THR B 254 6.01 -7.63 22.15
CA THR B 254 6.15 -8.07 20.76
C THR B 254 6.41 -6.87 19.87
N ARG B 255 7.38 -7.01 18.98
CA ARG B 255 7.76 -5.89 18.12
C ARG B 255 6.78 -5.68 16.98
N THR B 256 6.61 -4.42 16.60
CA THR B 256 5.87 -4.04 15.40
C THR B 256 6.90 -3.52 14.39
N GLY B 257 7.52 -4.45 13.65
CA GLY B 257 8.66 -4.08 12.82
C GLY B 257 9.67 -3.32 13.65
N ASN B 258 10.02 -2.10 13.23
CA ASN B 258 10.98 -1.30 13.97
C ASN B 258 10.40 -0.03 14.57
N ILE B 259 9.07 0.11 14.63
CA ILE B 259 8.46 1.35 15.13
C ILE B 259 7.85 1.17 16.53
N GLY B 260 8.19 0.10 17.24
CA GLY B 260 7.74 -0.04 18.62
C GLY B 260 7.24 -1.42 19.03
N PHE B 261 6.27 -1.43 19.94
CA PHE B 261 5.71 -2.67 20.46
C PHE B 261 4.20 -2.66 20.34
N ALA B 262 3.63 -3.87 20.27
CA ALA B 262 2.19 -4.06 20.31
C ALA B 262 1.70 -3.96 21.75
N ASN B 263 0.78 -3.00 22.00
CA ASN B 263 0.21 -2.86 23.33
C ASN B 263 -0.27 -4.18 23.87
N LYS B 264 -0.88 -4.99 23.01
CA LYS B 264 -1.22 -6.37 23.26
C LYS B 264 -0.98 -7.15 21.96
N ALA B 265 -0.64 -8.43 22.08
CA ALA B 265 -0.50 -9.27 20.90
C ALA B 265 -0.81 -10.71 21.27
N GLN B 266 -1.38 -11.44 20.32
CA GLN B 266 -1.71 -12.85 20.51
C GLN B 266 -1.01 -13.65 19.43
N ASN B 267 -0.19 -14.61 19.84
CA ASN B 267 0.79 -15.26 18.99
C ASN B 267 0.50 -16.74 18.95
N PHE B 268 0.44 -17.32 17.75
CA PHE B 268 0.13 -18.73 17.63
C PHE B 268 1.00 -19.37 16.55
N GLU B 269 1.55 -20.54 16.87
CA GLU B 269 2.39 -21.30 15.95
C GLU B 269 2.06 -22.77 16.09
N VAL B 270 1.97 -23.46 14.96
CA VAL B 270 1.65 -24.88 14.95
C VAL B 270 2.41 -25.56 13.81
N VAL B 271 2.86 -26.79 14.02
CA VAL B 271 3.73 -27.45 13.05
C VAL B 271 3.44 -28.95 13.07
N ALA B 272 3.48 -29.56 11.89
CA ALA B 272 3.39 -31.00 11.75
C ALA B 272 4.56 -31.44 10.89
N GLN B 273 5.25 -32.50 11.32
CA GLN B 273 6.34 -33.05 10.52
C GLN B 273 6.27 -34.57 10.60
N TYR B 274 6.97 -35.21 9.67
CA TYR B 274 7.05 -36.66 9.62
C TYR B 274 8.46 -37.02 9.16
N GLN B 275 9.02 -38.05 9.76
CA GLN B 275 10.40 -38.44 9.47
C GLN B 275 10.42 -39.83 8.82
N PHE B 276 10.66 -39.86 7.51
CA PHE B 276 11.03 -41.11 6.87
C PHE B 276 12.46 -41.48 7.27
N ASP B 277 12.73 -42.77 7.44
CA ASP B 277 14.04 -43.19 7.90
C ASP B 277 15.02 -43.41 6.76
N PHE B 278 14.70 -42.91 5.56
CA PHE B 278 15.64 -42.85 4.45
C PHE B 278 16.22 -41.46 4.24
N GLY B 279 15.78 -40.46 5.03
CA GLY B 279 16.33 -39.13 4.94
C GLY B 279 15.33 -37.99 4.99
N LEU B 280 14.19 -38.16 4.33
CA LEU B 280 13.31 -37.04 4.02
C LEU B 280 12.39 -36.68 5.18
N ARG B 281 12.24 -35.38 5.44
CA ARG B 281 11.52 -34.87 6.60
C ARG B 281 10.60 -33.71 6.22
N PRO B 282 9.46 -34.00 5.60
CA PRO B 282 8.54 -32.92 5.23
C PRO B 282 7.93 -32.25 6.46
N SER B 283 7.51 -31.01 6.26
CA SER B 283 7.09 -30.15 7.35
C SER B 283 6.03 -29.16 6.86
N VAL B 284 5.01 -28.98 7.67
CA VAL B 284 3.89 -28.09 7.39
C VAL B 284 3.70 -27.23 8.62
N ALA B 285 3.36 -25.95 8.42
CA ALA B 285 3.32 -25.08 9.58
C ALA B 285 2.48 -23.85 9.29
N TYR B 286 1.93 -23.27 10.37
CA TYR B 286 1.20 -22.03 10.33
C TYR B 286 1.63 -21.15 11.49
N LEU B 287 1.81 -19.85 11.22
CA LEU B 287 2.28 -18.89 12.21
C LEU B 287 1.53 -17.57 12.04
N GLN B 288 1.05 -17.00 13.15
CA GLN B 288 0.41 -15.69 13.12
C GLN B 288 0.81 -14.89 14.36
N SER B 289 0.85 -13.58 14.19
CA SER B 289 0.93 -12.64 15.30
C SER B 289 -0.09 -11.54 15.05
N LYS B 290 -1.00 -11.34 16.00
CA LYS B 290 -2.11 -10.39 15.86
C LYS B 290 -2.00 -9.35 16.97
N GLY B 291 -1.76 -8.10 16.58
CA GLY B 291 -1.58 -7.02 17.53
C GLY B 291 -2.86 -6.26 17.81
N LYS B 292 -2.98 -5.75 19.04
CA LYS B 292 -4.21 -5.13 19.50
C LYS B 292 -3.97 -3.68 19.92
N ASP B 293 -4.98 -2.85 19.68
CA ASP B 293 -5.05 -1.46 20.16
C ASP B 293 -3.71 -0.74 20.04
N MET B 294 -3.13 -0.81 18.84
CA MET B 294 -1.82 -0.21 18.58
C MET B 294 -1.99 1.25 18.14
N GLY B 295 -2.52 2.07 19.06
CA GLY B 295 -2.81 3.47 18.80
C GLY B 295 -3.35 3.76 17.42
N ARG B 296 -2.52 4.46 16.64
CA ARG B 296 -2.83 4.87 15.26
C ARG B 296 -3.34 3.71 14.40
N TYR B 297 -2.93 2.47 14.71
CA TYR B 297 -3.10 1.35 13.80
C TYR B 297 -4.08 0.29 14.27
N GLY B 298 -4.64 0.41 15.47
CA GLY B 298 -5.67 -0.52 15.91
C GLY B 298 -5.18 -1.96 15.91
N ASP B 299 -6.11 -2.89 15.66
CA ASP B 299 -5.72 -4.27 15.41
C ASP B 299 -5.09 -4.39 14.03
N GLN B 300 -4.02 -5.18 13.96
CA GLN B 300 -3.34 -5.45 12.70
C GLN B 300 -2.64 -6.78 12.80
N ASP B 301 -2.49 -7.44 11.66
CA ASP B 301 -1.63 -8.62 11.58
C ASP B 301 -0.18 -8.15 11.58
N ILE B 302 0.59 -8.59 12.56
CA ILE B 302 2.02 -8.33 12.58
C ILE B 302 2.77 -9.37 11.76
N LEU B 303 2.26 -10.60 11.73
CA LEU B 303 2.88 -11.72 11.03
C LEU B 303 1.79 -12.73 10.71
N LYS B 304 1.83 -13.30 9.50
CA LYS B 304 0.82 -14.27 9.08
C LYS B 304 1.33 -15.04 7.87
N TYR B 305 1.72 -16.30 8.07
CA TYR B 305 2.10 -17.11 6.92
C TYR B 305 1.92 -18.59 7.19
N VAL B 306 1.78 -19.33 6.10
CA VAL B 306 1.87 -20.78 6.05
C VAL B 306 3.27 -21.13 5.59
N ASP B 307 3.80 -22.22 6.10
CA ASP B 307 5.14 -22.64 5.73
C ASP B 307 5.10 -24.09 5.26
N LEU B 308 5.78 -24.34 4.14
CA LEU B 308 5.88 -25.68 3.56
C LEU B 308 7.32 -25.93 3.18
N GLY B 309 7.88 -27.04 3.62
CA GLY B 309 9.25 -27.31 3.29
C GLY B 309 9.66 -28.70 3.72
N ALA B 310 10.94 -28.99 3.52
CA ALA B 310 11.43 -30.33 3.82
C ALA B 310 12.95 -30.30 3.93
N THR B 311 13.46 -31.13 4.82
CA THR B 311 14.89 -31.36 5.00
C THR B 311 15.23 -32.79 4.62
N TYR B 312 16.29 -32.95 3.83
CA TYR B 312 16.81 -34.27 3.51
C TYR B 312 18.14 -34.42 4.25
N TYR B 313 18.19 -35.36 5.20
CA TYR B 313 19.40 -35.67 5.97
C TYR B 313 20.17 -36.80 5.29
N PHE B 314 21.34 -36.47 4.71
CA PHE B 314 22.20 -37.53 4.16
C PHE B 314 22.80 -38.37 5.26
N ASN B 315 23.11 -37.75 6.39
CA ASN B 315 23.64 -38.38 7.59
C ASN B 315 23.69 -37.29 8.66
N LYS B 316 24.35 -37.58 9.78
CA LYS B 316 24.40 -36.60 10.86
C LYS B 316 25.28 -35.39 10.53
N ASN B 317 25.97 -35.36 9.39
CA ASN B 317 26.83 -34.24 9.04
C ASN B 317 26.40 -33.49 7.79
N MET B 318 25.43 -33.97 7.02
CA MET B 318 25.10 -33.36 5.74
C MET B 318 23.60 -33.38 5.49
N SER B 319 23.06 -32.24 5.03
CA SER B 319 21.64 -32.20 4.71
C SER B 319 21.35 -31.12 3.67
N THR B 320 20.25 -31.32 2.95
CA THR B 320 19.71 -30.36 2.01
C THR B 320 18.32 -30.00 2.45
N TYR B 321 17.88 -28.79 2.10
CA TYR B 321 16.53 -28.43 2.48
C TYR B 321 16.02 -27.36 1.54
N VAL B 322 14.70 -27.36 1.38
CA VAL B 322 13.95 -26.30 0.73
C VAL B 322 12.86 -25.87 1.70
N ASP B 323 12.56 -24.58 1.74
CA ASP B 323 11.49 -24.09 2.59
C ASP B 323 10.78 -22.95 1.87
N TYR B 324 9.47 -22.91 2.03
CA TYR B 324 8.61 -22.04 1.25
C TYR B 324 7.68 -21.31 2.23
N LYS B 325 7.91 -20.02 2.39
CA LYS B 325 7.08 -19.17 3.24
C LYS B 325 6.03 -18.52 2.37
N ILE B 326 4.78 -18.93 2.55
CA ILE B 326 3.65 -18.36 1.82
C ILE B 326 3.07 -17.25 2.71
N ASN B 327 3.44 -16.01 2.41
CA ASN B 327 3.09 -14.88 3.26
C ASN B 327 1.67 -14.43 2.95
N LEU B 328 0.81 -14.44 3.97
CA LEU B 328 -0.59 -14.05 3.81
C LEU B 328 -0.85 -12.63 4.26
N LEU B 329 0.19 -11.83 4.48
CA LEU B 329 -0.01 -10.42 4.79
C LEU B 329 -0.31 -9.64 3.51
N ASP B 330 -0.93 -8.48 3.69
CA ASP B 330 -1.20 -7.55 2.60
C ASP B 330 -0.41 -6.27 2.80
N ASP B 331 -0.04 -5.63 1.69
CA ASP B 331 0.52 -4.30 1.78
C ASP B 331 -0.55 -3.34 2.29
N ASN B 332 -0.29 -2.68 3.41
CA ASN B 332 -1.20 -1.66 3.94
C ASN B 332 -0.36 -0.63 4.68
N LYS B 333 -1.01 0.32 5.35
CA LYS B 333 -0.22 1.36 5.99
C LYS B 333 0.50 0.84 7.23
N PHE B 334 0.03 -0.24 7.85
CA PHE B 334 0.75 -0.76 9.01
C PHE B 334 2.04 -1.46 8.59
N THR B 335 1.98 -2.36 7.60
CA THR B 335 3.20 -3.03 7.15
C THR B 335 4.19 -2.07 6.53
N LYS B 336 3.72 -1.05 5.80
CA LYS B 336 4.64 -0.06 5.22
C LYS B 336 5.30 0.77 6.31
N ASP B 337 4.50 1.34 7.20
CA ASP B 337 5.04 2.23 8.23
C ASP B 337 5.96 1.50 9.19
N ALA B 338 5.71 0.22 9.45
CA ALA B 338 6.54 -0.52 10.37
C ALA B 338 7.66 -1.29 9.67
N SER B 339 7.72 -1.24 8.33
CA SER B 339 8.67 -2.01 7.54
C SER B 339 8.58 -3.50 7.85
N ILE B 340 7.40 -4.07 7.64
CA ILE B 340 7.17 -5.51 7.75
C ILE B 340 7.02 -6.06 6.34
N SER B 341 7.70 -7.16 6.05
CA SER B 341 7.71 -7.75 4.73
C SER B 341 6.46 -8.60 4.52
N THR B 342 5.79 -8.39 3.40
CA THR B 342 4.57 -9.11 3.05
C THR B 342 4.75 -10.09 1.89
N ASP B 343 5.97 -10.22 1.35
CA ASP B 343 6.24 -11.05 0.19
C ASP B 343 6.47 -12.53 0.58
N ASN B 344 6.22 -13.42 -0.39
CA ASN B 344 6.65 -14.81 -0.22
C ASN B 344 8.17 -14.92 -0.29
N VAL B 345 8.68 -16.03 0.22
CA VAL B 345 10.11 -16.34 0.16
C VAL B 345 10.27 -17.85 -0.07
N VAL B 346 11.22 -18.23 -0.92
CA VAL B 346 11.70 -19.60 -0.99
C VAL B 346 13.15 -19.62 -0.53
N ALA B 347 13.51 -20.63 0.24
CA ALA B 347 14.90 -20.86 0.59
C ALA B 347 15.33 -22.21 0.06
N LEU B 348 16.64 -22.33 -0.12
CA LEU B 348 17.25 -23.51 -0.71
C LEU B 348 18.65 -23.57 -0.13
N GLY B 349 18.96 -24.67 0.56
CA GLY B 349 20.17 -24.73 1.36
C GLY B 349 20.80 -26.09 1.30
N LEU B 350 22.12 -26.08 1.41
CA LEU B 350 22.92 -27.29 1.51
C LEU B 350 23.94 -27.02 2.60
N VAL B 351 24.00 -27.89 3.60
CA VAL B 351 24.64 -27.50 4.85
C VAL B 351 25.52 -28.65 5.37
N TYR B 352 26.74 -28.31 5.74
CA TYR B 352 27.70 -29.23 6.32
C TYR B 352 27.78 -28.94 7.80
N GLN B 353 27.62 -29.97 8.63
CA GLN B 353 27.66 -29.86 10.09
C GLN B 353 28.81 -30.68 10.66
N PHE B 354 29.28 -30.25 11.83
CA PHE B 354 30.44 -30.88 12.49
C PHE B 354 30.39 -30.66 14.01
N ASP C 7 -18.28 -23.58 -29.64
CA ASP C 7 -17.59 -22.39 -29.19
C ASP C 7 -16.07 -22.58 -29.15
N GLY C 8 -15.62 -23.84 -29.19
CA GLY C 8 -14.18 -24.09 -29.21
C GLY C 8 -13.71 -25.53 -29.06
N ASN C 9 -13.80 -26.31 -30.13
CA ASN C 9 -13.16 -27.62 -30.22
C ASN C 9 -11.98 -27.55 -31.17
N LYS C 10 -10.78 -27.83 -30.66
CA LYS C 10 -9.54 -27.87 -31.43
C LYS C 10 -9.19 -29.31 -31.76
N LEU C 11 -8.36 -29.48 -32.79
CA LEU C 11 -7.86 -30.81 -33.17
C LEU C 11 -6.65 -30.64 -34.08
N ASP C 12 -5.49 -31.06 -33.59
CA ASP C 12 -4.20 -30.85 -34.26
C ASP C 12 -3.56 -32.17 -34.64
N LEU C 13 -3.20 -32.30 -35.91
CA LEU C 13 -2.31 -33.35 -36.34
C LEU C 13 -0.88 -32.90 -36.05
N TYR C 14 -0.07 -33.78 -35.46
CA TYR C 14 1.34 -33.47 -35.21
C TYR C 14 2.17 -34.72 -35.44
N GLY C 15 3.47 -34.53 -35.65
CA GLY C 15 4.38 -35.67 -35.67
C GLY C 15 5.75 -35.23 -36.11
N LYS C 16 6.55 -36.22 -36.54
CA LYS C 16 7.88 -35.96 -37.08
C LYS C 16 8.36 -37.17 -37.84
N ILE C 17 9.31 -36.93 -38.74
CA ILE C 17 9.97 -37.96 -39.53
C ILE C 17 11.47 -37.84 -39.26
N ASP C 18 12.07 -38.94 -38.83
CA ASP C 18 13.41 -38.92 -38.26
C ASP C 18 14.32 -39.86 -39.04
N GLY C 19 15.09 -39.29 -39.98
CA GLY C 19 16.10 -40.02 -40.71
C GLY C 19 17.29 -40.22 -39.79
N LEU C 20 17.48 -41.47 -39.33
CA LEU C 20 18.35 -41.69 -38.19
C LEU C 20 19.22 -42.90 -38.45
N HIS C 21 20.52 -42.76 -38.16
CA HIS C 21 21.47 -43.85 -38.31
C HIS C 21 22.35 -43.93 -37.07
N TYR C 22 22.57 -45.17 -36.60
CA TYR C 22 23.43 -45.50 -35.47
C TYR C 22 24.70 -46.18 -35.95
N PHE C 23 25.84 -45.77 -35.41
CA PHE C 23 27.14 -46.40 -35.67
C PHE C 23 27.63 -47.04 -34.36
N SER C 24 27.79 -48.36 -34.35
CA SER C 24 28.18 -49.04 -33.11
C SER C 24 28.83 -50.37 -33.44
N SER C 25 29.73 -50.81 -32.55
CA SER C 25 30.27 -52.18 -32.62
C SER C 25 29.23 -53.20 -32.24
N ASP C 26 28.31 -52.85 -31.36
CA ASP C 26 27.24 -53.77 -31.00
C ASP C 26 26.31 -53.92 -32.19
N ASP C 27 26.32 -55.11 -32.79
CA ASP C 27 25.57 -55.32 -34.02
C ASP C 27 24.08 -55.12 -33.83
N SER C 28 23.57 -55.35 -32.62
CA SER C 28 22.14 -55.30 -32.41
C SER C 28 21.65 -53.88 -32.23
N VAL C 29 22.57 -52.92 -32.15
CA VAL C 29 22.29 -51.49 -32.08
C VAL C 29 22.59 -50.81 -33.42
N ASP C 30 23.63 -51.27 -34.09
CA ASP C 30 24.21 -50.60 -35.25
C ASP C 30 23.26 -50.60 -36.45
N GLY C 31 23.36 -49.56 -37.27
CA GLY C 31 22.70 -49.49 -38.55
C GLY C 31 21.63 -48.42 -38.65
N ASP C 32 20.71 -48.62 -39.60
CA ASP C 32 19.65 -47.67 -39.87
C ASP C 32 18.55 -47.74 -38.81
N GLN C 33 18.13 -46.58 -38.31
CA GLN C 33 17.16 -46.45 -37.22
C GLN C 33 15.99 -45.54 -37.58
N THR C 34 15.83 -45.21 -38.87
CA THR C 34 14.77 -44.33 -39.35
C THR C 34 13.40 -44.75 -38.80
N TYR C 35 12.65 -43.76 -38.33
CA TYR C 35 11.31 -43.98 -37.78
C TYR C 35 10.55 -42.66 -37.91
N MET C 36 9.26 -42.71 -37.59
CA MET C 36 8.43 -41.50 -37.66
C MET C 36 7.38 -41.53 -36.54
N ARG C 37 6.93 -40.34 -36.11
CA ARG C 37 5.81 -40.24 -35.19
C ARG C 37 4.65 -39.46 -35.82
N ILE C 38 3.43 -39.85 -35.45
CA ILE C 38 2.23 -39.14 -35.83
C ILE C 38 1.23 -39.27 -34.69
N GLY C 39 0.40 -38.25 -34.54
CA GLY C 39 -0.44 -38.17 -33.37
C GLY C 39 -1.53 -37.13 -33.56
N VAL C 40 -2.44 -37.12 -32.60
CA VAL C 40 -3.66 -36.33 -32.61
C VAL C 40 -3.82 -35.72 -31.22
N LYS C 41 -4.04 -34.40 -31.16
CA LYS C 41 -4.33 -33.71 -29.91
C LYS C 41 -5.64 -32.93 -30.05
N GLY C 42 -6.53 -33.12 -29.08
CA GLY C 42 -7.84 -32.53 -29.16
C GLY C 42 -8.24 -31.89 -27.84
N GLU C 43 -9.11 -30.89 -27.95
CA GLU C 43 -9.67 -30.18 -26.81
C GLU C 43 -11.06 -29.71 -27.19
N THR C 44 -12.02 -29.86 -26.26
CA THR C 44 -13.37 -29.38 -26.50
C THR C 44 -13.87 -28.65 -25.26
N GLN C 45 -14.34 -27.43 -25.44
CA GLN C 45 -14.85 -26.65 -24.33
C GLN C 45 -16.31 -27.04 -24.11
N ILE C 46 -16.60 -27.59 -22.93
CA ILE C 46 -17.97 -27.98 -22.62
C ILE C 46 -18.72 -26.82 -21.99
N ASN C 47 -18.10 -26.09 -21.08
CA ASN C 47 -18.66 -24.87 -20.52
C ASN C 47 -17.52 -24.09 -19.88
N ASP C 48 -17.87 -22.93 -19.30
CA ASP C 48 -16.86 -22.00 -18.79
C ASP C 48 -15.83 -22.68 -17.89
N GLN C 49 -16.24 -23.70 -17.12
CA GLN C 49 -15.39 -24.32 -16.13
C GLN C 49 -14.90 -25.70 -16.53
N LEU C 50 -15.44 -26.30 -17.60
CA LEU C 50 -15.15 -27.68 -17.96
C LEU C 50 -14.70 -27.76 -19.41
N THR C 51 -13.57 -28.40 -19.66
CA THR C 51 -13.16 -28.75 -21.01
C THR C 51 -12.79 -30.23 -21.07
N GLY C 52 -13.13 -30.88 -22.19
CA GLY C 52 -12.71 -32.24 -22.46
C GLY C 52 -11.49 -32.27 -23.36
N TYR C 53 -10.68 -33.31 -23.24
CA TYR C 53 -9.45 -33.39 -24.03
C TYR C 53 -9.11 -34.85 -24.31
N GLY C 54 -8.23 -35.04 -25.29
CA GLY C 54 -7.85 -36.38 -25.73
C GLY C 54 -6.56 -36.32 -26.50
N GLN C 55 -5.81 -37.43 -26.50
CA GLN C 55 -4.54 -37.42 -27.20
C GLN C 55 -4.12 -38.84 -27.58
N TRP C 56 -3.67 -39.00 -28.83
CA TRP C 56 -3.14 -40.25 -29.34
C TRP C 56 -1.79 -39.96 -29.97
N GLU C 57 -0.80 -40.81 -29.68
CA GLU C 57 0.56 -40.67 -30.22
C GLU C 57 1.07 -42.03 -30.66
N TYR C 58 1.65 -42.09 -31.86
CA TYR C 58 1.87 -43.36 -32.55
C TYR C 58 3.29 -43.39 -33.14
N ASN C 59 3.96 -44.53 -32.98
CA ASN C 59 5.33 -44.71 -33.46
C ASN C 59 5.33 -45.72 -34.62
N VAL C 60 5.78 -45.28 -35.79
CA VAL C 60 5.92 -46.16 -36.95
C VAL C 60 7.38 -46.25 -37.34
N GLN C 61 8.00 -47.39 -37.05
CA GLN C 61 9.33 -47.73 -37.57
C GLN C 61 9.33 -47.71 -39.11
N ALA C 62 10.45 -47.28 -39.68
CA ALA C 62 10.64 -47.39 -41.13
C ALA C 62 12.01 -47.96 -41.48
N ASN C 63 12.65 -48.69 -40.56
CA ASN C 63 13.99 -49.18 -40.82
C ASN C 63 14.02 -50.67 -41.17
N ASN C 64 12.86 -51.28 -41.39
CA ASN C 64 12.80 -52.69 -41.80
C ASN C 64 11.93 -52.84 -43.05
N THR C 65 11.62 -54.06 -43.46
CA THR C 65 11.00 -54.19 -44.78
C THR C 65 9.47 -54.09 -44.72
N GLU C 66 8.86 -54.15 -45.90
CA GLU C 66 7.40 -54.09 -46.00
C GLU C 66 6.73 -55.41 -45.66
N SER C 67 7.49 -56.48 -45.47
CA SER C 67 6.94 -57.71 -44.91
C SER C 67 7.40 -57.94 -43.46
N SER C 68 8.05 -56.96 -42.84
CA SER C 68 8.50 -57.15 -41.48
C SER C 68 7.31 -57.04 -40.51
N SER C 69 7.50 -57.56 -39.32
CA SER C 69 6.40 -57.64 -38.36
C SER C 69 6.70 -56.77 -37.15
N ASP C 70 5.62 -56.25 -36.56
CA ASP C 70 5.67 -55.45 -35.32
C ASP C 70 6.43 -54.13 -35.49
N GLN C 71 6.11 -53.38 -36.55
CA GLN C 71 6.79 -52.12 -36.86
C GLN C 71 6.06 -50.86 -36.40
N ALA C 72 4.82 -50.96 -35.93
CA ALA C 72 4.11 -49.80 -35.35
C ALA C 72 3.68 -50.07 -33.91
N TRP C 73 3.55 -48.99 -33.14
CA TRP C 73 3.02 -49.11 -31.80
C TRP C 73 2.53 -47.76 -31.29
N THR C 74 1.63 -47.84 -30.31
CA THR C 74 1.04 -46.67 -29.66
C THR C 74 1.87 -46.29 -28.44
N ARG C 75 2.33 -45.03 -28.41
CA ARG C 75 2.99 -44.49 -27.23
C ARG C 75 1.99 -43.94 -26.21
N LEU C 76 0.94 -43.26 -26.68
CA LEU C 76 -0.03 -42.63 -25.79
C LEU C 76 -1.42 -42.71 -26.39
N ALA C 77 -2.41 -42.90 -25.52
CA ALA C 77 -3.82 -42.72 -25.85
C ALA C 77 -4.57 -42.51 -24.54
N PHE C 78 -5.18 -41.35 -24.38
CA PHE C 78 -5.96 -41.09 -23.18
C PHE C 78 -7.00 -40.03 -23.50
N ALA C 79 -8.12 -40.08 -22.78
CA ALA C 79 -9.15 -39.06 -22.80
C ALA C 79 -9.26 -38.48 -21.39
N GLY C 80 -9.57 -37.20 -21.32
CA GLY C 80 -9.49 -36.48 -20.06
C GLY C 80 -10.50 -35.37 -19.92
N LEU C 81 -10.61 -34.88 -18.69
CA LEU C 81 -11.42 -33.73 -18.32
C LEU C 81 -10.60 -32.83 -17.43
N LYS C 82 -10.76 -31.52 -17.61
CA LYS C 82 -10.06 -30.49 -16.85
C LYS C 82 -11.10 -29.55 -16.28
N PHE C 83 -11.13 -29.41 -14.95
CA PHE C 83 -12.17 -28.62 -14.27
C PHE C 83 -11.66 -27.24 -13.84
N GLY C 84 -11.12 -26.47 -14.78
CA GLY C 84 -10.62 -25.16 -14.44
C GLY C 84 -9.64 -25.13 -13.28
N ASP C 85 -10.07 -24.62 -12.12
CA ASP C 85 -9.19 -24.55 -10.96
C ASP C 85 -9.04 -25.89 -10.26
N ALA C 86 -10.07 -26.73 -10.29
CA ALA C 86 -10.15 -27.92 -9.45
C ALA C 86 -9.26 -29.07 -9.91
N GLY C 87 -8.55 -28.92 -11.03
CA GLY C 87 -7.62 -29.92 -11.52
C GLY C 87 -8.10 -30.60 -12.78
N SER C 88 -7.45 -31.71 -13.11
CA SER C 88 -7.82 -32.50 -14.28
C SER C 88 -7.76 -33.97 -13.95
N PHE C 89 -8.49 -34.77 -14.74
CA PHE C 89 -8.43 -36.22 -14.66
C PHE C 89 -8.41 -36.82 -16.06
N ASP C 90 -7.50 -37.77 -16.30
CA ASP C 90 -7.52 -38.49 -17.57
C ASP C 90 -7.21 -39.97 -17.34
N TYR C 91 -7.65 -40.78 -18.29
CA TYR C 91 -7.40 -42.23 -18.25
C TYR C 91 -6.93 -42.76 -19.62
N GLY C 92 -6.00 -43.70 -19.59
CA GLY C 92 -5.62 -44.40 -20.82
C GLY C 92 -4.18 -44.88 -20.73
N ARG C 93 -3.51 -44.91 -21.89
CA ARG C 93 -2.05 -45.07 -21.92
C ARG C 93 -1.39 -43.71 -21.83
N ASN C 94 -0.62 -43.48 -20.76
CA ASN C 94 -0.07 -42.16 -20.47
C ASN C 94 1.18 -42.33 -19.61
N TYR C 95 1.84 -41.20 -19.34
CA TYR C 95 3.08 -41.21 -18.55
C TYR C 95 2.80 -41.46 -17.07
N GLY C 96 3.49 -42.44 -16.50
CA GLY C 96 3.52 -42.55 -15.05
C GLY C 96 4.06 -41.28 -14.43
N VAL C 97 3.51 -40.93 -13.25
CA VAL C 97 3.81 -39.61 -12.67
C VAL C 97 5.27 -39.47 -12.23
N VAL C 98 5.98 -40.58 -11.98
CA VAL C 98 7.43 -40.50 -11.76
C VAL C 98 8.10 -39.68 -12.87
N TYR C 99 7.66 -39.87 -14.13
CA TYR C 99 8.23 -39.14 -15.25
C TYR C 99 7.98 -37.63 -15.18
N ASP C 100 7.07 -37.15 -14.32
CA ASP C 100 6.93 -35.70 -14.12
C ASP C 100 8.24 -35.06 -13.65
N VAL C 101 9.08 -35.80 -12.94
CA VAL C 101 10.39 -35.29 -12.47
C VAL C 101 11.53 -35.81 -13.34
N THR C 102 11.60 -37.13 -13.60
CA THR C 102 12.73 -37.65 -14.36
C THR C 102 12.73 -37.17 -15.82
N SER C 103 11.62 -36.61 -16.32
CA SER C 103 11.65 -36.10 -17.69
C SER C 103 12.61 -34.93 -17.84
N TRP C 104 12.89 -34.20 -16.75
CA TRP C 104 13.74 -33.00 -16.83
C TRP C 104 15.16 -33.32 -17.34
N THR C 105 15.64 -34.55 -17.17
CA THR C 105 16.91 -34.97 -17.76
C THR C 105 16.75 -35.68 -19.10
N ASP C 106 15.51 -35.93 -19.54
CA ASP C 106 15.26 -36.63 -20.79
C ASP C 106 15.24 -35.62 -21.95
N VAL C 107 16.39 -35.00 -22.21
CA VAL C 107 16.47 -33.90 -23.19
C VAL C 107 17.71 -34.01 -24.09
N LEU C 108 18.30 -35.20 -24.18
CA LEU C 108 19.53 -35.32 -24.96
C LEU C 108 19.20 -35.37 -26.45
N PRO C 109 20.16 -35.03 -27.32
CA PRO C 109 19.86 -35.08 -28.77
C PRO C 109 19.24 -36.40 -29.25
N GLU C 110 19.79 -37.56 -28.82
CA GLU C 110 19.17 -38.84 -29.17
C GLU C 110 19.12 -39.87 -28.03
N PHE C 111 20.10 -39.91 -27.13
CA PHE C 111 20.12 -40.93 -26.10
C PHE C 111 19.55 -40.40 -24.79
N GLY C 112 19.94 -41.01 -23.65
CA GLY C 112 19.42 -40.61 -22.36
C GLY C 112 18.01 -41.15 -22.11
N GLY C 113 17.49 -40.84 -20.91
CA GLY C 113 16.16 -41.28 -20.55
C GLY C 113 16.01 -42.79 -20.39
N ASP C 114 17.09 -43.49 -20.01
CA ASP C 114 17.02 -44.94 -20.01
C ASP C 114 17.63 -45.57 -18.76
N THR C 115 17.52 -44.93 -17.59
CA THR C 115 17.67 -45.68 -16.34
C THR C 115 16.38 -46.41 -15.97
N TYR C 116 15.40 -46.37 -16.88
CA TYR C 116 14.04 -46.86 -16.71
C TYR C 116 13.51 -47.09 -18.12
N GLY C 117 12.43 -47.87 -18.23
CA GLY C 117 11.85 -48.20 -19.51
C GLY C 117 10.39 -47.80 -19.63
N SER C 118 9.82 -48.08 -20.79
CA SER C 118 8.39 -48.01 -21.00
C SER C 118 7.72 -49.28 -20.49
N ASP C 119 6.44 -49.16 -20.11
CA ASP C 119 5.74 -50.26 -19.46
C ASP C 119 6.57 -50.84 -18.32
N ASN C 120 7.09 -49.94 -17.48
CA ASN C 120 8.02 -50.25 -16.41
C ASN C 120 7.47 -49.66 -15.10
N PHE C 121 6.29 -50.13 -14.72
CA PHE C 121 5.55 -49.60 -13.56
C PHE C 121 5.19 -48.15 -13.88
N LEU C 122 5.23 -47.23 -12.93
CA LEU C 122 4.82 -45.86 -13.19
C LEU C 122 6.00 -44.98 -13.62
N GLN C 123 7.05 -45.56 -14.17
CA GLN C 123 8.26 -44.80 -14.45
C GLN C 123 8.20 -44.10 -15.80
N SER C 124 7.39 -44.61 -16.73
CA SER C 124 7.29 -43.96 -18.02
C SER C 124 5.89 -44.19 -18.58
N ARG C 125 5.76 -44.49 -19.86
CA ARG C 125 4.42 -44.69 -20.35
C ARG C 125 3.94 -46.11 -19.98
N ALA C 126 2.63 -46.22 -19.79
CA ALA C 126 2.08 -47.32 -19.01
C ALA C 126 0.64 -47.57 -19.41
N ASN C 127 0.26 -48.85 -19.43
CA ASN C 127 -1.12 -49.19 -19.74
C ASN C 127 -2.02 -48.92 -18.54
N GLY C 128 -3.16 -48.28 -18.80
CA GLY C 128 -4.26 -48.24 -17.86
C GLY C 128 -4.06 -47.39 -16.63
N VAL C 129 -3.52 -46.17 -16.79
CA VAL C 129 -3.19 -45.31 -15.66
C VAL C 129 -4.22 -44.21 -15.53
N ALA C 130 -4.78 -44.08 -14.33
CA ALA C 130 -5.72 -43.02 -14.00
C ALA C 130 -4.96 -41.94 -13.26
N THR C 131 -4.99 -40.71 -13.79
CA THR C 131 -4.16 -39.64 -13.27
C THR C 131 -4.98 -38.39 -12.93
N TYR C 132 -4.74 -37.86 -11.74
CA TYR C 132 -5.35 -36.61 -11.30
C TYR C 132 -4.24 -35.57 -11.08
N ARG C 133 -4.38 -34.44 -11.74
CA ARG C 133 -3.38 -33.38 -11.65
C ARG C 133 -4.01 -32.13 -11.06
N ASN C 134 -3.25 -31.43 -10.22
CA ASN C 134 -3.67 -30.14 -9.69
C ASN C 134 -2.60 -29.10 -9.98
N SER C 135 -2.97 -28.04 -10.68
CA SER C 135 -2.05 -26.99 -11.09
C SER C 135 -2.26 -25.74 -10.25
N ASP C 136 -1.17 -25.16 -9.78
CA ASP C 136 -1.19 -23.96 -8.93
C ASP C 136 -2.05 -24.19 -7.69
N PHE C 137 -2.04 -25.41 -7.17
CA PHE C 137 -2.75 -25.81 -5.96
C PHE C 137 -4.08 -25.08 -5.84
N PHE C 138 -4.89 -25.16 -6.90
CA PHE C 138 -6.23 -24.56 -7.01
C PHE C 138 -6.18 -23.07 -7.30
N GLY C 139 -5.05 -22.43 -7.02
CA GLY C 139 -4.93 -20.99 -7.15
C GLY C 139 -4.39 -20.36 -5.89
N LEU C 140 -4.22 -21.19 -4.85
CA LEU C 140 -3.67 -20.72 -3.58
C LEU C 140 -2.18 -20.46 -3.65
N VAL C 141 -1.50 -20.97 -4.68
CA VAL C 141 -0.08 -20.72 -4.88
C VAL C 141 0.31 -20.98 -6.34
N ASP C 142 0.40 -19.91 -7.13
CA ASP C 142 0.74 -20.02 -8.55
C ASP C 142 2.13 -20.63 -8.71
N GLY C 143 2.20 -21.94 -8.91
CA GLY C 143 3.47 -22.59 -9.17
C GLY C 143 3.60 -23.99 -8.61
N LEU C 144 2.65 -24.43 -7.78
CA LEU C 144 2.75 -25.68 -7.03
C LEU C 144 1.82 -26.73 -7.61
N ASN C 145 2.41 -27.75 -8.23
CA ASN C 145 1.66 -28.77 -8.95
C ASN C 145 1.85 -30.11 -8.28
N PHE C 146 0.78 -30.89 -8.25
CA PHE C 146 0.93 -32.23 -7.70
C PHE C 146 -0.02 -33.14 -8.45
N ALA C 147 0.23 -34.45 -8.32
CA ALA C 147 -0.44 -35.48 -9.11
C ALA C 147 -0.61 -36.71 -8.25
N LEU C 148 -1.77 -37.36 -8.37
CA LEU C 148 -1.98 -38.70 -7.84
C LEU C 148 -2.45 -39.60 -8.97
N GLN C 149 -1.95 -40.84 -8.98
CA GLN C 149 -2.12 -41.73 -10.12
C GLN C 149 -2.40 -43.13 -9.64
N TYR C 150 -3.29 -43.84 -10.34
CA TYR C 150 -3.63 -45.23 -10.04
C TYR C 150 -3.52 -46.09 -11.30
N GLN C 151 -3.08 -47.34 -11.11
CA GLN C 151 -2.86 -48.26 -12.23
C GLN C 151 -3.31 -49.66 -11.85
N GLY C 152 -4.28 -50.19 -12.58
CA GLY C 152 -4.72 -51.56 -12.34
C GLY C 152 -3.70 -52.57 -12.82
N LYS C 153 -3.81 -53.78 -12.30
CA LYS C 153 -2.92 -54.87 -12.72
C LYS C 153 -2.96 -55.06 -14.22
N ASN C 154 -1.78 -55.00 -14.85
CA ASN C 154 -1.57 -55.56 -16.18
C ASN C 154 -0.68 -56.79 -16.03
N GLY C 155 -1.23 -57.98 -16.27
CA GLY C 155 -0.56 -59.22 -15.91
C GLY C 155 -0.18 -60.15 -17.03
N SER C 156 -0.30 -61.46 -16.80
CA SER C 156 0.21 -62.46 -17.71
C SER C 156 -0.81 -62.82 -18.77
N VAL C 157 -0.38 -63.64 -19.73
CA VAL C 157 -1.28 -64.13 -20.76
C VAL C 157 -2.03 -65.38 -20.33
N SER C 158 -1.51 -66.13 -19.36
CA SER C 158 -2.26 -67.17 -18.66
C SER C 158 -1.77 -67.20 -17.22
N GLY C 159 -2.31 -68.11 -16.44
CA GLY C 159 -1.87 -68.20 -15.06
C GLY C 159 -2.72 -67.36 -14.13
N GLU C 160 -2.38 -67.42 -12.84
CA GLU C 160 -3.23 -66.84 -11.82
C GLU C 160 -3.37 -65.34 -11.98
N ASP C 161 -2.39 -64.68 -12.62
CA ASP C 161 -2.37 -63.24 -12.77
C ASP C 161 -2.74 -62.78 -14.17
N GLN C 162 -3.53 -63.58 -14.88
CA GLN C 162 -3.97 -63.20 -16.22
C GLN C 162 -4.82 -61.94 -16.18
N THR C 163 -4.61 -61.08 -17.17
CA THR C 163 -5.56 -60.05 -17.57
C THR C 163 -5.79 -60.19 -19.08
N ASN C 164 -6.75 -59.44 -19.61
CA ASN C 164 -7.00 -59.48 -21.05
C ASN C 164 -5.81 -58.96 -21.84
N ASN C 165 -5.00 -58.06 -21.25
CA ASN C 165 -3.91 -57.45 -22.00
C ASN C 165 -2.54 -57.94 -21.53
N GLY C 166 -2.36 -59.26 -21.49
CA GLY C 166 -1.14 -59.86 -20.95
C GLY C 166 0.12 -59.52 -21.75
N ARG C 167 1.26 -59.92 -21.18
CA ARG C 167 2.58 -59.44 -21.59
C ARG C 167 3.63 -60.22 -20.80
N ASP C 168 4.88 -60.16 -21.26
CA ASP C 168 5.94 -60.83 -20.52
C ASP C 168 6.22 -60.15 -19.18
N PHE C 169 6.88 -60.92 -18.30
CA PHE C 169 7.01 -60.52 -16.89
C PHE C 169 7.72 -59.18 -16.73
N GLN C 170 8.69 -58.87 -17.60
CA GLN C 170 9.41 -57.61 -17.48
C GLN C 170 8.54 -56.38 -17.69
N LYS C 171 7.31 -56.55 -18.16
CA LYS C 171 6.43 -55.42 -18.43
C LYS C 171 5.09 -55.56 -17.72
N GLN C 172 4.90 -56.60 -16.90
CA GLN C 172 3.71 -56.74 -16.10
C GLN C 172 3.78 -55.79 -14.91
N ASN C 173 2.63 -55.67 -14.24
CA ASN C 173 2.58 -54.90 -13.00
C ASN C 173 1.31 -55.30 -12.26
N GLY C 174 1.36 -55.18 -10.92
CA GLY C 174 0.17 -55.27 -10.12
C GLY C 174 -0.42 -53.90 -9.87
N GLU C 175 -1.53 -53.88 -9.13
CA GLU C 175 -2.10 -52.65 -8.57
C GLU C 175 -1.00 -51.72 -8.06
N GLY C 176 -1.04 -50.46 -8.48
CA GLY C 176 -0.07 -49.51 -7.98
C GLY C 176 -0.62 -48.11 -7.91
N PHE C 177 0.20 -47.22 -7.31
CA PHE C 177 -0.12 -45.81 -7.27
C PHE C 177 1.17 -44.99 -7.21
N GLY C 178 1.03 -43.71 -7.46
CA GLY C 178 2.16 -42.81 -7.51
C GLY C 178 1.67 -41.40 -7.29
N THR C 179 2.58 -40.57 -6.79
CA THR C 179 2.33 -39.15 -6.63
C THR C 179 3.59 -38.40 -6.99
N SER C 180 3.40 -37.19 -7.48
CA SER C 180 4.49 -36.27 -7.76
C SER C 180 4.15 -34.90 -7.19
N VAL C 181 5.19 -34.15 -6.86
CA VAL C 181 5.09 -32.74 -6.48
C VAL C 181 6.18 -31.99 -7.21
N THR C 182 5.82 -30.84 -7.77
CA THR C 182 6.78 -29.96 -8.43
C THR C 182 6.43 -28.51 -8.09
N TYR C 183 7.44 -27.64 -8.15
CA TYR C 183 7.23 -26.24 -7.83
C TYR C 183 8.25 -25.37 -8.57
N ASP C 184 7.78 -24.23 -9.08
CA ASP C 184 8.64 -23.20 -9.66
C ASP C 184 9.20 -22.32 -8.56
N ILE C 185 10.53 -22.32 -8.40
CA ILE C 185 11.14 -21.48 -7.38
C ILE C 185 11.16 -20.01 -7.82
N TRP C 186 11.71 -19.72 -8.98
CA TRP C 186 11.67 -18.35 -9.46
C TRP C 186 11.59 -18.29 -10.99
N ASP C 187 12.71 -17.99 -11.63
CA ASP C 187 12.78 -17.82 -13.08
C ASP C 187 13.50 -19.04 -13.65
N GLY C 188 12.73 -20.09 -13.90
CA GLY C 188 13.31 -21.29 -14.47
C GLY C 188 14.17 -22.10 -13.52
N ILE C 189 13.92 -22.01 -12.22
CA ILE C 189 14.48 -22.96 -11.25
C ILE C 189 13.31 -23.77 -10.71
N SER C 190 13.25 -25.06 -11.06
CA SER C 190 12.17 -25.94 -10.62
C SER C 190 12.72 -27.09 -9.80
N ALA C 191 11.95 -27.53 -8.82
CA ALA C 191 12.32 -28.68 -8.00
C ALA C 191 11.15 -29.65 -7.93
N GLY C 192 11.45 -30.93 -7.76
CA GLY C 192 10.41 -31.94 -7.79
C GLY C 192 10.73 -33.18 -6.99
N PHE C 193 9.66 -33.86 -6.55
CA PHE C 193 9.70 -35.14 -5.84
C PHE C 193 8.62 -36.02 -6.44
N ALA C 194 8.84 -37.34 -6.39
CA ALA C 194 7.89 -38.31 -6.94
C ALA C 194 8.09 -39.66 -6.29
N TYR C 195 6.99 -40.38 -6.08
CA TYR C 195 7.05 -41.64 -5.36
C TYR C 195 6.02 -42.59 -5.97
N SER C 196 6.37 -43.87 -6.06
CA SER C 196 5.42 -44.84 -6.59
C SER C 196 5.56 -46.16 -5.85
N SER C 197 4.52 -46.97 -5.95
CA SER C 197 4.41 -48.19 -5.17
C SER C 197 3.39 -49.10 -5.85
N SER C 198 3.83 -50.31 -6.19
CA SER C 198 3.00 -51.26 -6.91
C SER C 198 3.24 -52.65 -6.35
N LYS C 199 2.19 -53.46 -6.37
CA LYS C 199 2.39 -54.88 -6.15
C LYS C 199 3.06 -55.52 -7.36
N ARG C 200 3.79 -56.59 -7.11
CA ARG C 200 4.40 -57.34 -8.20
C ARG C 200 3.53 -58.56 -8.52
N THR C 201 3.84 -59.23 -9.61
CA THR C 201 2.99 -60.31 -10.10
C THR C 201 3.72 -61.64 -10.06
N ASP C 202 2.91 -62.71 -10.14
CA ASP C 202 3.39 -64.06 -9.84
C ASP C 202 4.52 -64.47 -10.76
N GLU C 203 4.43 -64.14 -12.04
CA GLU C 203 5.47 -64.53 -13.00
C GLU C 203 6.74 -63.70 -12.82
N GLN C 204 6.62 -62.48 -12.27
CA GLN C 204 7.82 -61.71 -11.93
C GLN C 204 8.61 -62.41 -10.84
N ASN C 205 7.91 -63.06 -9.91
CA ASN C 205 8.58 -63.62 -8.75
C ASN C 205 9.01 -65.06 -8.96
N ASN C 206 8.45 -65.76 -9.94
CA ASN C 206 8.67 -67.19 -10.08
C ASN C 206 9.34 -67.60 -11.39
N SER C 207 9.65 -66.66 -12.28
CA SER C 207 10.27 -67.02 -13.55
C SER C 207 11.74 -67.39 -13.40
N THR C 208 12.29 -68.01 -14.45
CA THR C 208 13.68 -68.46 -14.51
C THR C 208 14.31 -68.04 -15.84
N PHE C 209 15.62 -68.22 -15.95
CA PHE C 209 16.38 -67.86 -17.15
C PHE C 209 17.70 -68.63 -17.19
N VAL C 210 18.16 -68.99 -18.40
CA VAL C 210 19.46 -69.66 -18.55
C VAL C 210 20.54 -68.60 -18.59
N SER C 211 21.59 -68.78 -17.78
CA SER C 211 22.78 -67.97 -17.89
C SER C 211 23.48 -68.25 -19.22
N LYS C 212 24.14 -67.22 -19.76
CA LYS C 212 24.92 -67.35 -21.00
C LYS C 212 26.37 -67.72 -20.75
N THR C 213 26.84 -67.62 -19.51
CA THR C 213 28.17 -68.09 -19.13
C THR C 213 28.10 -69.49 -18.51
N ASP C 214 27.30 -69.66 -17.47
CA ASP C 214 27.17 -70.96 -16.81
C ASP C 214 26.41 -71.95 -17.68
N GLY C 215 25.20 -71.57 -18.10
CA GLY C 215 24.26 -72.48 -18.73
C GLY C 215 23.23 -73.06 -17.78
N GLY C 216 23.30 -72.72 -16.49
CA GLY C 216 22.34 -73.22 -15.52
C GLY C 216 21.10 -72.34 -15.41
N ARG C 217 20.07 -72.88 -14.76
CA ARG C 217 18.75 -72.25 -14.65
C ARG C 217 18.64 -71.56 -13.29
N TYR C 218 18.33 -70.27 -13.29
CA TYR C 218 18.24 -69.47 -12.08
C TYR C 218 16.95 -68.67 -12.10
N GLY C 219 16.35 -68.49 -10.92
CA GLY C 219 15.21 -67.60 -10.83
C GLY C 219 15.59 -66.20 -11.27
N VAL C 220 14.61 -65.45 -11.78
CA VAL C 220 14.93 -64.14 -12.29
C VAL C 220 15.23 -63.21 -11.12
N LEU C 221 16.13 -62.25 -11.36
CA LEU C 221 16.57 -61.34 -10.31
C LEU C 221 15.39 -60.57 -9.73
N GLY C 222 15.47 -60.29 -8.43
CA GLY C 222 14.43 -59.56 -7.74
C GLY C 222 13.31 -60.44 -7.23
N GLU C 223 13.28 -60.67 -5.93
CA GLU C 223 12.11 -61.21 -5.26
C GLU C 223 11.46 -60.07 -4.50
N GLY C 224 10.12 -60.06 -4.46
CA GLY C 224 9.44 -59.02 -3.71
C GLY C 224 7.94 -58.94 -3.92
N ASP C 225 7.23 -58.55 -2.85
CA ASP C 225 5.81 -58.26 -2.98
C ASP C 225 5.58 -56.95 -3.72
N HIS C 226 6.48 -55.99 -3.56
CA HIS C 226 6.22 -54.61 -3.93
C HIS C 226 7.37 -54.04 -4.73
N ALA C 227 7.04 -53.19 -5.71
CA ALA C 227 8.00 -52.44 -6.48
C ALA C 227 7.84 -50.96 -6.16
N GLU C 228 8.96 -50.27 -5.97
CA GLU C 228 8.93 -48.99 -5.29
C GLU C 228 9.98 -48.05 -5.88
N THR C 229 9.65 -46.76 -6.00
CA THR C 229 10.57 -45.75 -6.51
C THR C 229 10.46 -44.45 -5.71
N TYR C 230 11.61 -43.84 -5.41
CA TYR C 230 11.71 -42.53 -4.79
C TYR C 230 12.55 -41.64 -5.70
N THR C 231 12.12 -40.39 -5.89
CA THR C 231 12.77 -39.55 -6.88
C THR C 231 12.79 -38.09 -6.46
N GLY C 232 13.94 -37.45 -6.63
CA GLY C 232 14.04 -36.02 -6.52
C GLY C 232 14.78 -35.48 -7.73
N GLY C 233 14.43 -34.25 -8.11
CA GLY C 233 15.06 -33.63 -9.26
C GLY C 233 15.09 -32.12 -9.16
N LEU C 234 16.01 -31.54 -9.93
CA LEU C 234 16.20 -30.10 -10.03
C LEU C 234 16.44 -29.73 -11.47
N LYS C 235 16.16 -28.46 -11.79
CA LYS C 235 16.14 -28.00 -13.17
C LYS C 235 16.41 -26.50 -13.23
N TYR C 236 17.39 -26.09 -14.05
CA TYR C 236 17.57 -24.69 -14.40
C TYR C 236 17.30 -24.52 -15.88
N ASP C 237 16.35 -23.62 -16.22
CA ASP C 237 15.89 -23.43 -17.60
C ASP C 237 15.62 -21.94 -17.85
N ALA C 238 16.64 -21.20 -18.31
CA ALA C 238 16.52 -19.77 -18.61
C ALA C 238 17.85 -19.26 -19.16
N ASN C 239 17.81 -18.06 -19.75
CA ASN C 239 19.00 -17.38 -20.29
C ASN C 239 19.78 -18.26 -21.27
N ASN C 240 19.08 -19.09 -22.04
CA ASN C 240 19.68 -20.00 -23.02
C ASN C 240 20.49 -21.13 -22.40
N ILE C 241 20.43 -21.28 -21.08
CA ILE C 241 21.07 -22.41 -20.41
C ILE C 241 20.00 -23.42 -20.04
N TYR C 242 20.35 -24.70 -20.04
CA TYR C 242 19.51 -25.74 -19.47
C TYR C 242 20.37 -26.69 -18.66
N LEU C 243 20.06 -26.77 -17.36
CA LEU C 243 20.76 -27.63 -16.42
C LEU C 243 19.72 -28.45 -15.69
N ALA C 244 19.99 -29.73 -15.53
CA ALA C 244 19.00 -30.57 -14.86
C ALA C 244 19.67 -31.78 -14.26
N THR C 245 19.12 -32.22 -13.15
CA THR C 245 19.55 -33.46 -12.53
C THR C 245 18.34 -34.22 -12.03
N GLN C 246 18.47 -35.54 -11.94
CA GLN C 246 17.45 -36.35 -11.29
C GLN C 246 18.13 -37.50 -10.58
N TYR C 247 17.69 -37.78 -9.35
CA TYR C 247 18.17 -38.92 -8.58
C TYR C 247 16.98 -39.77 -8.16
N THR C 248 17.09 -41.07 -8.39
CA THR C 248 15.95 -41.95 -8.14
C THR C 248 16.46 -43.28 -7.60
N GLN C 249 15.80 -43.76 -6.54
CA GLN C 249 16.15 -45.02 -5.89
C GLN C 249 14.95 -45.94 -5.96
N THR C 250 15.19 -47.18 -6.37
CA THR C 250 14.13 -48.10 -6.69
C THR C 250 14.35 -49.42 -5.96
N TYR C 251 13.26 -50.16 -5.79
CA TYR C 251 13.29 -51.46 -5.15
C TYR C 251 12.46 -52.40 -5.99
N ASN C 252 13.11 -53.43 -6.55
CA ASN C 252 12.46 -54.42 -7.41
C ASN C 252 11.65 -53.76 -8.52
N ALA C 253 12.22 -52.69 -9.10
CA ALA C 253 11.51 -51.91 -10.11
C ALA C 253 12.38 -51.67 -11.34
N THR C 254 13.69 -51.62 -11.16
CA THR C 254 14.61 -51.33 -12.24
C THR C 254 15.02 -52.64 -12.92
N ARG C 255 14.88 -52.66 -14.24
CA ARG C 255 15.18 -53.86 -15.01
C ARG C 255 16.68 -54.10 -15.09
N THR C 256 17.06 -55.37 -15.06
CA THR C 256 18.43 -55.82 -15.26
C THR C 256 18.45 -56.52 -16.63
N GLY C 257 18.69 -55.73 -17.68
CA GLY C 257 18.52 -56.28 -19.02
C GLY C 257 17.17 -56.96 -19.14
N ASN C 258 17.19 -58.23 -19.57
CA ASN C 258 15.98 -59.03 -19.70
C ASN C 258 15.86 -60.15 -18.65
N ILE C 259 16.71 -60.18 -17.63
CA ILE C 259 16.73 -61.32 -16.70
C ILE C 259 16.12 -60.97 -15.35
N GLY C 260 15.35 -59.90 -15.25
CA GLY C 260 14.67 -59.62 -14.00
C GLY C 260 14.76 -58.18 -13.54
N PHE C 261 14.75 -58.00 -12.22
CA PHE C 261 14.77 -56.69 -11.62
C PHE C 261 15.87 -56.60 -10.59
N ALA C 262 16.27 -55.37 -10.31
CA ALA C 262 17.24 -55.07 -9.27
C ALA C 262 16.53 -55.05 -7.93
N ASN C 263 16.96 -55.92 -7.00
CA ASN C 263 16.47 -55.85 -5.62
C ASN C 263 16.52 -54.41 -5.11
N LYS C 264 17.59 -53.70 -5.46
CA LYS C 264 17.73 -52.28 -5.18
C LYS C 264 18.56 -51.67 -6.31
N ALA C 265 18.19 -50.48 -6.73
CA ALA C 265 18.99 -49.74 -7.69
C ALA C 265 18.99 -48.28 -7.29
N GLN C 266 20.09 -47.60 -7.57
CA GLN C 266 20.16 -46.15 -7.43
C GLN C 266 20.58 -45.55 -8.76
N ASN C 267 19.80 -44.61 -9.24
CA ASN C 267 19.87 -44.10 -10.60
C ASN C 267 20.10 -42.59 -10.52
N PHE C 268 21.02 -42.09 -11.36
CA PHE C 268 21.39 -40.68 -11.37
C PHE C 268 21.67 -40.24 -12.79
N GLU C 269 21.21 -39.03 -13.13
CA GLU C 269 21.31 -38.44 -14.46
C GLU C 269 21.52 -36.94 -14.35
N VAL C 270 22.49 -36.40 -15.09
CA VAL C 270 22.78 -34.97 -15.06
C VAL C 270 23.08 -34.48 -16.47
N VAL C 271 22.63 -33.27 -16.79
CA VAL C 271 22.80 -32.72 -18.13
C VAL C 271 23.02 -31.20 -18.05
N ALA C 272 23.91 -30.70 -18.89
CA ALA C 272 24.07 -29.27 -19.17
C ALA C 272 23.98 -29.02 -20.67
N GLN C 273 23.25 -27.95 -21.04
CA GLN C 273 22.98 -27.63 -22.44
C GLN C 273 22.98 -26.12 -22.63
N TYR C 274 23.35 -25.65 -23.83
CA TYR C 274 23.40 -24.23 -24.13
C TYR C 274 22.85 -23.96 -25.53
N GLN C 275 22.04 -22.91 -25.66
CA GLN C 275 21.39 -22.56 -26.93
C GLN C 275 22.01 -21.31 -27.54
N PHE C 276 22.69 -21.48 -28.68
CA PHE C 276 23.15 -20.34 -29.44
C PHE C 276 22.01 -19.83 -30.33
N ASP C 277 21.96 -18.52 -30.51
CA ASP C 277 20.83 -17.95 -31.25
C ASP C 277 20.96 -18.15 -32.76
N PHE C 278 22.09 -18.67 -33.24
CA PHE C 278 22.24 -19.07 -34.63
C PHE C 278 21.91 -20.54 -34.87
N GLY C 279 21.32 -21.24 -33.91
CA GLY C 279 20.87 -22.59 -34.17
C GLY C 279 21.41 -23.71 -33.30
N LEU C 280 22.70 -23.65 -32.94
CA LEU C 280 23.41 -24.79 -32.39
C LEU C 280 23.12 -24.99 -30.91
N ARG C 281 22.85 -26.23 -30.51
CA ARG C 281 22.48 -26.58 -29.13
C ARG C 281 23.38 -27.69 -28.59
N PRO C 282 24.60 -27.37 -28.15
CA PRO C 282 25.46 -28.40 -27.57
C PRO C 282 24.89 -28.94 -26.26
N SER C 283 25.36 -30.14 -25.90
CA SER C 283 24.80 -30.89 -24.79
C SER C 283 25.81 -31.90 -24.27
N VAL C 284 25.95 -31.96 -22.95
CA VAL C 284 26.83 -32.89 -22.26
C VAL C 284 26.01 -33.48 -21.13
N ALA C 285 26.25 -34.75 -20.82
CA ALA C 285 25.37 -35.45 -19.91
C ALA C 285 26.06 -36.71 -19.41
N TYR C 286 25.62 -37.15 -18.23
CA TYR C 286 26.14 -38.33 -17.57
C TYR C 286 24.98 -39.10 -16.96
N LEU C 287 25.00 -40.42 -17.10
CA LEU C 287 23.93 -41.30 -16.61
C LEU C 287 24.55 -42.55 -16.01
N GLN C 288 24.01 -42.98 -14.86
CA GLN C 288 24.43 -44.25 -14.28
C GLN C 288 23.24 -44.91 -13.58
N SER C 289 23.26 -46.24 -13.57
CA SER C 289 22.32 -47.05 -12.82
C SER C 289 23.12 -48.12 -12.11
N LYS C 290 23.18 -48.06 -10.78
CA LYS C 290 23.98 -48.97 -9.97
C LYS C 290 23.03 -49.91 -9.25
N GLY C 291 23.17 -51.21 -9.50
CA GLY C 291 22.33 -52.21 -8.89
C GLY C 291 22.95 -52.87 -7.67
N LYS C 292 22.12 -53.20 -6.69
CA LYS C 292 22.57 -53.64 -5.38
C LYS C 292 21.90 -54.96 -5.00
N ASP C 293 22.69 -55.87 -4.42
CA ASP C 293 22.19 -57.09 -3.77
C ASP C 293 21.45 -58.02 -4.74
N MET C 294 21.96 -58.11 -5.97
CA MET C 294 21.27 -58.85 -7.03
C MET C 294 21.57 -60.35 -6.98
N GLY C 295 21.25 -60.97 -5.86
CA GLY C 295 21.54 -62.38 -5.67
C GLY C 295 22.93 -62.77 -6.11
N ARG C 296 23.03 -63.60 -7.14
CA ARG C 296 24.32 -64.14 -7.56
C ARG C 296 25.26 -63.10 -8.17
N TYR C 297 24.77 -61.92 -8.56
CA TYR C 297 25.61 -60.91 -9.19
C TYR C 297 26.00 -59.78 -8.23
N GLY C 298 25.43 -59.75 -7.03
CA GLY C 298 25.79 -58.72 -6.07
C GLY C 298 25.58 -57.34 -6.62
N ASP C 299 26.49 -56.42 -6.26
CA ASP C 299 26.50 -55.09 -6.86
C ASP C 299 27.05 -55.14 -8.28
N GLN C 300 26.38 -54.45 -9.19
CA GLN C 300 26.82 -54.36 -10.57
C GLN C 300 26.28 -53.06 -11.15
N ASP C 301 27.06 -52.44 -12.03
CA ASP C 301 26.53 -51.34 -12.83
C ASP C 301 25.56 -51.88 -13.85
N ILE C 302 24.35 -51.31 -13.88
CA ILE C 302 23.39 -51.66 -14.89
C ILE C 302 23.55 -50.78 -16.12
N LEU C 303 23.92 -49.52 -15.93
CA LEU C 303 24.11 -48.57 -17.00
C LEU C 303 25.11 -47.51 -16.54
N LYS C 304 25.97 -47.06 -17.45
CA LYS C 304 26.96 -46.05 -17.10
C LYS C 304 27.55 -45.44 -18.37
N TYR C 305 27.20 -44.19 -18.67
CA TYR C 305 27.78 -43.61 -19.88
C TYR C 305 27.82 -42.09 -19.80
N VAL C 306 28.72 -41.53 -20.59
CA VAL C 306 28.84 -40.10 -20.83
C VAL C 306 28.28 -39.83 -22.20
N ASP C 307 27.57 -38.72 -22.36
CA ASP C 307 26.94 -38.43 -23.62
C ASP C 307 27.32 -37.03 -24.06
N LEU C 308 27.74 -36.92 -25.32
CA LEU C 308 28.20 -35.69 -25.92
C LEU C 308 27.48 -35.51 -27.25
N GLY C 309 26.83 -34.36 -27.44
CA GLY C 309 26.14 -34.19 -28.70
C GLY C 309 25.64 -32.77 -28.89
N ALA C 310 25.00 -32.56 -30.04
CA ALA C 310 24.54 -31.24 -30.43
C ALA C 310 23.36 -31.36 -31.38
N THR C 311 22.42 -30.43 -31.25
CA THR C 311 21.31 -30.27 -32.16
C THR C 311 21.42 -28.91 -32.85
N TYR C 312 21.26 -28.90 -34.17
CA TYR C 312 21.18 -27.66 -34.93
C TYR C 312 19.77 -27.50 -35.43
N TYR C 313 19.11 -26.38 -35.03
CA TYR C 313 17.74 -26.07 -35.43
C TYR C 313 17.77 -25.07 -36.58
N PHE C 314 17.38 -25.52 -37.79
CA PHE C 314 17.20 -24.60 -38.92
C PHE C 314 16.02 -23.67 -38.70
N ASN C 315 14.98 -24.18 -38.06
CA ASN C 315 13.76 -23.49 -37.65
C ASN C 315 12.95 -24.54 -36.89
N LYS C 316 11.77 -24.13 -36.40
CA LYS C 316 11.00 -25.02 -35.53
C LYS C 316 10.50 -26.27 -36.23
N ASN C 317 10.67 -26.38 -37.55
CA ASN C 317 10.24 -27.57 -38.28
C ASN C 317 11.39 -28.46 -38.70
N MET C 318 12.64 -28.04 -38.54
CA MET C 318 13.76 -28.77 -39.11
C MET C 318 14.98 -28.73 -38.23
N SER C 319 15.63 -29.88 -38.07
CA SER C 319 16.86 -29.91 -37.30
C SER C 319 17.69 -31.10 -37.71
N THR C 320 18.99 -30.98 -37.44
CA THR C 320 19.98 -32.03 -37.57
C THR C 320 20.60 -32.23 -36.21
N TYR C 321 21.08 -33.44 -35.94
CA TYR C 321 21.70 -33.64 -34.64
C TYR C 321 22.74 -34.73 -34.74
N VAL C 322 23.79 -34.58 -33.95
CA VAL C 322 24.77 -35.63 -33.71
C VAL C 322 24.76 -35.93 -32.23
N ASP C 323 24.84 -37.21 -31.88
CA ASP C 323 24.84 -37.64 -30.48
C ASP C 323 25.81 -38.80 -30.30
N TYR C 324 26.66 -38.70 -29.26
CA TYR C 324 27.76 -39.63 -29.02
C TYR C 324 27.64 -40.20 -27.61
N LYS C 325 27.30 -41.49 -27.53
CA LYS C 325 27.19 -42.19 -26.27
C LYS C 325 28.51 -42.90 -26.01
N ILE C 326 29.24 -42.41 -25.01
CA ILE C 326 30.50 -43.00 -24.60
C ILE C 326 30.16 -43.95 -23.45
N ASN C 327 30.19 -45.25 -23.72
CA ASN C 327 29.66 -46.27 -22.83
C ASN C 327 30.79 -46.75 -21.91
N LEU C 328 30.65 -46.51 -20.61
CA LEU C 328 31.70 -46.82 -19.65
C LEU C 328 31.57 -48.21 -19.04
N LEU C 329 30.61 -49.02 -19.48
CA LEU C 329 30.52 -50.38 -18.96
C LEU C 329 31.57 -51.29 -19.59
N ASP C 330 31.84 -52.39 -18.90
CA ASP C 330 32.72 -53.46 -19.37
C ASP C 330 31.92 -54.73 -19.59
N ASP C 331 32.41 -55.57 -20.48
CA ASP C 331 31.95 -56.94 -20.50
C ASP C 331 32.32 -57.63 -19.18
N ASN C 332 31.31 -58.21 -18.54
CA ASN C 332 31.54 -59.09 -17.41
C ASN C 332 30.42 -60.12 -17.42
N LYS C 333 30.32 -60.91 -16.35
CA LYS C 333 29.29 -61.95 -16.36
C LYS C 333 27.90 -61.32 -16.31
N PHE C 334 27.76 -60.19 -15.61
CA PHE C 334 26.43 -59.59 -15.46
C PHE C 334 25.94 -59.00 -16.77
N THR C 335 26.75 -58.18 -17.44
CA THR C 335 26.30 -57.57 -18.68
C THR C 335 26.05 -58.62 -19.75
N LYS C 336 26.82 -59.70 -19.75
CA LYS C 336 26.62 -60.75 -20.74
C LYS C 336 25.33 -61.50 -20.47
N ASP C 337 25.13 -61.91 -19.22
CA ASP C 337 23.96 -62.72 -18.87
C ASP C 337 22.66 -61.94 -18.92
N ALA C 338 22.72 -60.61 -18.75
CA ALA C 338 21.54 -59.76 -18.82
C ALA C 338 21.34 -59.13 -20.19
N SER C 339 22.29 -59.32 -21.11
CA SER C 339 22.24 -58.73 -22.46
C SER C 339 22.19 -57.20 -22.41
N ILE C 340 22.99 -56.61 -21.56
CA ILE C 340 23.16 -55.16 -21.53
C ILE C 340 24.30 -54.81 -22.47
N SER C 341 24.08 -53.79 -23.30
CA SER C 341 25.08 -53.37 -24.27
C SER C 341 26.17 -52.57 -23.57
N THR C 342 27.42 -52.93 -23.84
CA THR C 342 28.55 -52.24 -23.26
C THR C 342 29.31 -51.39 -24.28
N ASP C 343 28.84 -51.32 -25.53
CA ASP C 343 29.54 -50.64 -26.61
C ASP C 343 29.14 -49.16 -26.76
N ASN C 344 30.03 -48.42 -27.40
CA ASN C 344 29.81 -47.02 -27.76
C ASN C 344 28.84 -46.93 -28.94
N VAL C 345 28.15 -45.81 -29.05
CA VAL C 345 27.25 -45.56 -30.18
C VAL C 345 27.37 -44.10 -30.62
N VAL C 346 27.33 -43.87 -31.93
CA VAL C 346 27.15 -42.53 -32.49
C VAL C 346 25.85 -42.50 -33.27
N ALA C 347 25.07 -41.45 -33.08
CA ALA C 347 23.86 -41.25 -33.84
C ALA C 347 23.96 -39.97 -34.64
N LEU C 348 23.36 -40.01 -35.82
CA LEU C 348 23.29 -38.89 -36.74
C LEU C 348 21.87 -38.84 -37.29
N GLY C 349 21.24 -37.68 -37.21
CA GLY C 349 19.82 -37.59 -37.49
C GLY C 349 19.48 -36.29 -38.19
N LEU C 350 18.49 -36.37 -39.08
CA LEU C 350 17.95 -35.22 -39.75
C LEU C 350 16.44 -35.38 -39.70
N VAL C 351 15.75 -34.41 -39.13
CA VAL C 351 14.39 -34.66 -38.68
C VAL C 351 13.49 -33.51 -39.10
N TYR C 352 12.38 -33.85 -39.75
CA TYR C 352 11.35 -32.91 -40.15
C TYR C 352 10.15 -33.09 -39.24
N GLN C 353 9.74 -32.02 -38.56
CA GLN C 353 8.59 -32.05 -37.67
C GLN C 353 7.48 -31.17 -38.21
N PHE C 354 6.24 -31.52 -37.86
CA PHE C 354 5.08 -30.86 -38.49
C PHE C 354 3.86 -30.68 -37.58
N ASP D 7 -52.72 43.31 21.80
CA ASP D 7 -52.92 43.38 23.24
C ASP D 7 -51.58 43.31 23.97
N GLY D 8 -50.79 42.30 23.64
CA GLY D 8 -49.46 42.18 24.17
C GLY D 8 -48.78 40.91 23.76
N ASN D 9 -49.25 40.28 22.69
CA ASN D 9 -48.74 38.98 22.28
C ASN D 9 -48.68 38.85 20.77
N LYS D 10 -47.51 38.45 20.28
CA LYS D 10 -47.30 38.08 18.89
C LYS D 10 -47.04 36.58 18.78
N LEU D 11 -47.60 35.96 17.74
CA LEU D 11 -47.56 34.50 17.57
C LEU D 11 -47.52 34.21 16.07
N ASP D 12 -46.39 33.72 15.58
CA ASP D 12 -46.23 33.35 14.19
C ASP D 12 -46.39 31.84 14.03
N LEU D 13 -47.22 31.42 13.09
CA LEU D 13 -47.19 30.06 12.57
C LEU D 13 -46.18 30.03 11.43
N TYR D 14 -45.33 29.00 11.39
CA TYR D 14 -44.34 28.89 10.34
C TYR D 14 -44.07 27.42 10.06
N GLY D 15 -43.42 27.17 8.93
CA GLY D 15 -43.07 25.82 8.57
C GLY D 15 -42.79 25.75 7.08
N LYS D 16 -42.62 24.53 6.59
CA LYS D 16 -42.45 24.32 5.16
C LYS D 16 -42.87 22.90 4.80
N ILE D 17 -43.12 22.71 3.51
CA ILE D 17 -43.41 21.40 2.91
C ILE D 17 -42.33 21.10 1.89
N ASP D 18 -41.72 19.92 1.99
CA ASP D 18 -40.52 19.61 1.22
C ASP D 18 -40.76 18.29 0.49
N GLY D 19 -41.09 18.39 -0.80
CA GLY D 19 -41.19 17.24 -1.68
C GLY D 19 -39.79 16.87 -2.10
N LEU D 20 -39.30 15.73 -1.61
CA LEU D 20 -37.88 15.44 -1.65
C LEU D 20 -37.66 13.97 -2.01
N HIS D 21 -36.71 13.72 -2.90
CA HIS D 21 -36.37 12.37 -3.32
C HIS D 21 -34.85 12.25 -3.35
N TYR D 22 -34.35 11.14 -2.79
CA TYR D 22 -32.94 10.78 -2.78
C TYR D 22 -32.66 9.68 -3.79
N PHE D 23 -31.59 9.84 -4.57
CA PHE D 23 -31.08 8.82 -5.48
C PHE D 23 -29.74 8.31 -4.95
N SER D 24 -29.66 7.01 -4.66
CA SER D 24 -28.44 6.45 -4.08
C SER D 24 -28.42 4.94 -4.24
N SER D 25 -27.19 4.39 -4.35
CA SER D 25 -26.98 2.93 -4.35
C SER D 25 -27.18 2.33 -2.98
N ASP D 26 -26.93 3.09 -1.92
CA ASP D 26 -27.31 2.68 -0.58
C ASP D 26 -28.82 2.60 -0.50
N ASP D 27 -29.34 1.38 -0.31
CA ASP D 27 -30.78 1.17 -0.28
C ASP D 27 -31.47 1.85 0.91
N SER D 28 -30.76 2.10 2.01
CA SER D 28 -31.37 2.63 3.22
C SER D 28 -31.46 4.16 3.19
N VAL D 29 -30.88 4.78 2.17
CA VAL D 29 -30.97 6.21 1.94
C VAL D 29 -31.83 6.53 0.72
N ASP D 30 -31.82 5.67 -0.28
CA ASP D 30 -32.45 5.88 -1.57
C ASP D 30 -33.97 5.95 -1.44
N GLY D 31 -34.59 6.79 -2.26
CA GLY D 31 -36.02 6.80 -2.39
C GLY D 31 -36.68 8.09 -1.96
N ASP D 32 -37.98 7.97 -1.64
CA ASP D 32 -38.79 9.15 -1.32
C ASP D 32 -38.51 9.62 0.10
N GLN D 33 -38.33 10.93 0.26
CA GLN D 33 -37.90 11.50 1.54
C GLN D 33 -38.74 12.72 1.90
N THR D 34 -39.95 12.80 1.31
CA THR D 34 -40.90 13.87 1.54
C THR D 34 -41.19 14.04 3.03
N TYR D 35 -41.26 15.28 3.47
CA TYR D 35 -41.46 15.60 4.89
C TYR D 35 -41.98 17.02 4.99
N MET D 36 -42.40 17.40 6.20
CA MET D 36 -42.88 18.77 6.43
C MET D 36 -42.49 19.26 7.82
N ARG D 37 -42.33 20.58 7.95
CA ARG D 37 -42.06 21.24 9.22
C ARG D 37 -43.20 22.21 9.54
N ILE D 38 -43.51 22.35 10.82
CA ILE D 38 -44.48 23.34 11.27
C ILE D 38 -44.15 23.70 12.71
N GLY D 39 -44.41 24.96 13.07
CA GLY D 39 -44.10 25.45 14.39
C GLY D 39 -44.80 26.75 14.73
N VAL D 40 -44.56 27.21 15.94
CA VAL D 40 -45.03 28.52 16.37
C VAL D 40 -43.88 29.23 17.10
N LYS D 41 -43.81 30.54 16.90
CA LYS D 41 -42.95 31.41 17.70
C LYS D 41 -43.80 32.50 18.31
N GLY D 42 -43.59 32.76 19.58
CA GLY D 42 -44.41 33.71 20.30
C GLY D 42 -43.55 34.67 21.09
N GLU D 43 -44.09 35.86 21.30
CA GLU D 43 -43.41 36.89 22.07
C GLU D 43 -44.46 37.67 22.86
N THR D 44 -44.21 37.90 24.13
CA THR D 44 -45.12 38.73 24.92
C THR D 44 -44.31 39.79 25.66
N GLN D 45 -44.70 41.05 25.46
CA GLN D 45 -44.03 42.15 26.13
C GLN D 45 -44.62 42.29 27.54
N ILE D 46 -43.79 42.08 28.54
CA ILE D 46 -44.26 42.18 29.93
C ILE D 46 -44.14 43.61 30.43
N ASN D 47 -42.97 44.22 30.28
CA ASN D 47 -42.76 45.63 30.52
C ASN D 47 -41.66 46.11 29.57
N ASP D 48 -41.34 47.41 29.64
CA ASP D 48 -40.38 47.99 28.69
C ASP D 48 -39.03 47.29 28.74
N GLN D 49 -38.72 46.57 29.82
CA GLN D 49 -37.42 45.94 29.97
C GLN D 49 -37.46 44.42 29.94
N LEU D 50 -38.62 43.81 30.14
CA LEU D 50 -38.77 42.36 30.22
C LEU D 50 -39.69 41.87 29.11
N THR D 51 -39.28 40.82 28.42
CA THR D 51 -40.08 40.26 27.35
C THR D 51 -40.07 38.74 27.42
N GLY D 52 -41.26 38.13 27.38
CA GLY D 52 -41.38 36.67 27.44
C GLY D 52 -41.50 36.05 26.05
N TYR D 53 -41.00 34.82 25.90
CA TYR D 53 -41.01 34.20 24.58
C TYR D 53 -41.05 32.67 24.69
N GLY D 54 -41.44 32.05 23.57
CA GLY D 54 -41.51 30.60 23.47
C GLY D 54 -41.45 30.18 22.02
N GLN D 55 -41.00 28.95 21.79
CA GLN D 55 -40.93 28.43 20.42
C GLN D 55 -41.04 26.92 20.41
N TRP D 56 -41.82 26.40 19.44
CA TRP D 56 -42.01 24.97 19.20
C TRP D 56 -41.78 24.70 17.72
N GLU D 57 -41.08 23.61 17.41
CA GLU D 57 -40.83 23.23 16.03
C GLU D 57 -40.92 21.71 15.89
N TYR D 58 -41.65 21.26 14.86
CA TYR D 58 -42.14 19.89 14.77
C TYR D 58 -41.86 19.33 13.39
N ASN D 59 -41.30 18.13 13.32
CA ASN D 59 -41.02 17.47 12.05
C ASN D 59 -42.05 16.34 11.84
N VAL D 60 -42.80 16.42 10.75
CA VAL D 60 -43.77 15.37 10.38
C VAL D 60 -43.31 14.77 9.06
N GLN D 61 -42.84 13.52 9.10
CA GLN D 61 -42.48 12.82 7.87
C GLN D 61 -43.74 12.50 7.04
N ALA D 62 -43.56 12.44 5.72
CA ALA D 62 -44.64 12.06 4.84
C ALA D 62 -44.21 11.03 3.80
N ASN D 63 -43.08 10.35 4.02
CA ASN D 63 -42.55 9.43 3.02
C ASN D 63 -42.88 7.98 3.33
N ASN D 64 -43.70 7.70 4.35
CA ASN D 64 -44.13 6.34 4.65
C ASN D 64 -45.66 6.29 4.72
N THR D 65 -46.22 5.14 5.11
CA THR D 65 -47.67 4.95 4.94
C THR D 65 -48.45 5.48 6.15
N GLU D 66 -49.78 5.33 6.07
CA GLU D 66 -50.65 5.78 7.14
C GLU D 66 -50.78 4.77 8.27
N SER D 67 -50.23 3.57 8.13
CA SER D 67 -50.13 2.65 9.26
C SER D 67 -48.71 2.56 9.81
N SER D 68 -47.80 3.41 9.34
CA SER D 68 -46.41 3.35 9.78
C SER D 68 -46.26 4.07 11.13
N SER D 69 -45.14 3.84 11.79
CA SER D 69 -44.95 4.34 13.14
C SER D 69 -43.72 5.24 13.21
N ASP D 70 -43.74 6.14 14.20
CA ASP D 70 -42.63 7.05 14.49
C ASP D 70 -42.38 8.07 13.37
N GLN D 71 -43.44 8.58 12.76
CA GLN D 71 -43.30 9.51 11.65
C GLN D 71 -43.32 11.00 12.03
N ALA D 72 -43.42 11.35 13.32
CA ALA D 72 -43.34 12.74 13.76
C ALA D 72 -42.40 12.88 14.95
N TRP D 73 -41.80 14.06 15.09
CA TRP D 73 -40.99 14.33 16.27
C TRP D 73 -40.76 15.83 16.48
N THR D 74 -40.45 16.19 17.73
CA THR D 74 -40.24 17.59 18.10
C THR D 74 -38.76 17.94 18.00
N ARG D 75 -38.45 18.95 17.19
CA ARG D 75 -37.11 19.49 17.06
C ARG D 75 -36.77 20.50 18.16
N LEU D 76 -37.67 21.44 18.44
CA LEU D 76 -37.45 22.48 19.44
C LEU D 76 -38.72 22.67 20.26
N ALA D 77 -38.54 22.92 21.55
CA ALA D 77 -39.61 23.46 22.39
C ALA D 77 -38.96 24.09 23.63
N PHE D 78 -39.11 25.40 23.77
CA PHE D 78 -38.50 26.10 24.90
C PHE D 78 -39.26 27.38 25.23
N ALA D 79 -39.19 27.79 26.50
CA ALA D 79 -39.77 29.04 26.97
C ALA D 79 -38.67 29.87 27.60
N GLY D 80 -38.77 31.18 27.45
CA GLY D 80 -37.66 32.03 27.82
C GLY D 80 -38.07 33.41 28.28
N LEU D 81 -37.10 34.10 28.86
CA LEU D 81 -37.24 35.50 29.22
C LEU D 81 -36.07 36.28 28.62
N LYS D 82 -36.39 37.41 27.99
CA LYS D 82 -35.42 38.34 27.41
C LYS D 82 -35.37 39.58 28.31
N PHE D 83 -34.24 39.80 28.97
CA PHE D 83 -34.06 40.90 29.91
C PHE D 83 -33.57 42.19 29.25
N GLY D 84 -33.69 42.33 27.93
CA GLY D 84 -33.10 43.46 27.25
C GLY D 84 -31.58 43.52 27.42
N ASP D 85 -31.11 44.34 28.36
CA ASP D 85 -29.67 44.52 28.55
C ASP D 85 -29.03 43.31 29.21
N ALA D 86 -29.63 42.82 30.30
CA ALA D 86 -29.01 41.80 31.15
C ALA D 86 -28.90 40.43 30.49
N GLY D 87 -29.48 40.24 29.30
CA GLY D 87 -29.39 38.97 28.60
C GLY D 87 -30.73 38.25 28.40
N SER D 88 -30.66 36.97 28.04
CA SER D 88 -31.85 36.14 27.91
C SER D 88 -31.59 34.80 28.57
N PHE D 89 -32.67 34.16 29.00
CA PHE D 89 -32.61 32.82 29.59
C PHE D 89 -33.75 31.97 29.03
N ASP D 90 -33.44 30.76 28.61
CA ASP D 90 -34.52 29.87 28.19
C ASP D 90 -34.19 28.44 28.58
N TYR D 91 -35.24 27.66 28.77
CA TYR D 91 -35.13 26.25 29.11
C TYR D 91 -36.06 25.44 28.23
N GLY D 92 -35.61 24.26 27.83
CA GLY D 92 -36.44 23.35 27.02
C GLY D 92 -35.57 22.47 26.14
N ARG D 93 -36.17 22.01 25.04
CA ARG D 93 -35.40 21.36 23.97
C ARG D 93 -34.97 22.42 22.97
N ASN D 94 -33.66 22.61 22.82
CA ASN D 94 -33.10 23.72 22.06
C ASN D 94 -31.69 23.33 21.62
N TYR D 95 -31.06 24.20 20.83
CA TYR D 95 -29.71 23.94 20.32
C TYR D 95 -28.65 24.05 21.40
N GLY D 96 -27.78 23.04 21.50
CA GLY D 96 -26.58 23.19 22.29
C GLY D 96 -25.70 24.31 21.75
N VAL D 97 -24.99 24.98 22.67
CA VAL D 97 -24.29 26.21 22.29
C VAL D 97 -23.14 25.96 21.31
N VAL D 98 -22.61 24.74 21.23
CA VAL D 98 -21.62 24.43 20.19
C VAL D 98 -22.15 24.84 18.82
N TYR D 99 -23.46 24.66 18.59
CA TYR D 99 -24.09 24.96 17.31
C TYR D 99 -24.18 26.46 17.01
N ASP D 100 -24.00 27.34 18.01
CA ASP D 100 -23.80 28.75 17.72
C ASP D 100 -22.68 28.99 16.69
N VAL D 101 -21.65 28.14 16.68
CA VAL D 101 -20.54 28.28 15.74
C VAL D 101 -20.63 27.30 14.57
N THR D 102 -20.82 26.00 14.84
CA THR D 102 -20.84 25.05 13.73
C THR D 102 -22.04 25.27 12.80
N SER D 103 -23.05 26.02 13.22
CA SER D 103 -24.16 26.25 12.32
C SER D 103 -23.73 27.05 11.08
N TRP D 104 -22.62 27.77 11.16
CA TRP D 104 -22.22 28.66 10.07
C TRP D 104 -21.86 27.92 8.79
N THR D 105 -21.48 26.64 8.89
CA THR D 105 -21.30 25.77 7.73
C THR D 105 -22.51 24.89 7.45
N ASP D 106 -23.54 24.96 8.28
CA ASP D 106 -24.75 24.18 8.09
C ASP D 106 -25.72 24.96 7.18
N VAL D 107 -25.29 25.15 5.92
CA VAL D 107 -26.11 25.93 5.00
C VAL D 107 -26.22 25.28 3.61
N LEU D 108 -25.99 23.97 3.52
CA LEU D 108 -26.01 23.35 2.19
C LEU D 108 -27.44 23.18 1.69
N PRO D 109 -27.63 23.05 0.36
CA PRO D 109 -28.99 22.80 -0.16
C PRO D 109 -29.73 21.67 0.56
N GLU D 110 -29.11 20.50 0.75
CA GLU D 110 -29.79 19.43 1.49
C GLU D 110 -28.89 18.72 2.49
N PHE D 111 -27.62 18.53 2.17
CA PHE D 111 -26.73 17.76 3.02
C PHE D 111 -25.94 18.68 3.94
N GLY D 112 -24.78 18.21 4.42
CA GLY D 112 -23.98 18.97 5.37
C GLY D 112 -24.58 18.94 6.78
N GLY D 113 -23.85 19.58 7.69
CA GLY D 113 -24.26 19.64 9.09
C GLY D 113 -24.22 18.31 9.80
N ASP D 114 -23.38 17.38 9.37
CA ASP D 114 -23.46 16.03 9.90
C ASP D 114 -22.09 15.47 10.27
N THR D 115 -21.18 16.31 10.74
CA THR D 115 -20.06 15.79 11.54
C THR D 115 -20.48 15.49 12.98
N TYR D 116 -21.77 15.70 13.29
CA TYR D 116 -22.37 15.57 14.61
C TYR D 116 -23.84 15.27 14.40
N GLY D 117 -24.50 14.77 15.44
CA GLY D 117 -25.90 14.41 15.38
C GLY D 117 -26.77 15.27 16.30
N SER D 118 -28.06 14.97 16.30
CA SER D 118 -28.99 15.51 17.27
C SER D 118 -28.99 14.65 18.53
N ASP D 119 -29.32 15.27 19.66
CA ASP D 119 -29.24 14.61 20.97
C ASP D 119 -27.87 13.94 21.16
N ASN D 120 -26.83 14.75 20.99
CA ASN D 120 -25.46 14.29 20.87
C ASN D 120 -24.62 15.24 21.73
N PHE D 121 -24.93 15.22 23.03
CA PHE D 121 -24.36 16.15 24.01
C PHE D 121 -24.79 17.55 23.57
N LEU D 122 -23.95 18.56 23.70
CA LEU D 122 -24.36 19.93 23.41
C LEU D 122 -24.08 20.34 21.95
N GLN D 123 -24.01 19.37 21.04
CA GLN D 123 -23.59 19.67 19.68
C GLN D 123 -24.74 20.07 18.76
N SER D 124 -25.97 19.71 19.10
CA SER D 124 -27.11 20.16 18.31
C SER D 124 -28.33 20.21 19.22
N ARG D 125 -29.51 19.83 18.69
CA ARG D 125 -30.70 19.79 19.52
C ARG D 125 -30.51 18.81 20.67
N ALA D 126 -31.03 19.19 21.83
CA ALA D 126 -30.71 18.46 23.04
C ALA D 126 -31.86 18.59 24.00
N ASN D 127 -32.12 17.55 24.77
CA ASN D 127 -33.17 17.66 25.78
C ASN D 127 -32.62 18.39 27.00
N GLY D 128 -33.42 19.30 27.54
CA GLY D 128 -33.21 19.84 28.87
C GLY D 128 -32.06 20.81 29.00
N VAL D 129 -31.90 21.71 28.03
CA VAL D 129 -30.80 22.67 28.02
C VAL D 129 -31.28 24.00 28.61
N ALA D 130 -30.60 24.45 29.67
CA ALA D 130 -30.78 25.78 30.24
C ALA D 130 -29.70 26.68 29.65
N THR D 131 -30.12 27.71 28.92
CA THR D 131 -29.22 28.53 28.12
C THR D 131 -29.32 30.00 28.52
N TYR D 132 -28.20 30.60 28.89
CA TYR D 132 -28.11 32.02 29.18
C TYR D 132 -27.37 32.69 28.03
N ARG D 133 -28.00 33.69 27.40
CA ARG D 133 -27.38 34.36 26.28
C ARG D 133 -27.26 35.85 26.57
N ASN D 134 -26.14 36.44 26.16
CA ASN D 134 -25.93 37.87 26.35
C ASN D 134 -25.44 38.47 25.03
N SER D 135 -26.28 39.32 24.44
CA SER D 135 -25.93 40.01 23.21
C SER D 135 -25.15 41.27 23.52
N ASP D 136 -24.38 41.71 22.53
CA ASP D 136 -23.68 42.99 22.53
C ASP D 136 -23.07 43.29 23.89
N PHE D 137 -22.52 42.27 24.54
CA PHE D 137 -21.93 42.28 25.88
C PHE D 137 -22.47 43.41 26.76
N PHE D 138 -23.75 43.30 27.13
CA PHE D 138 -24.46 44.26 27.98
C PHE D 138 -24.57 45.64 27.34
N GLY D 139 -24.61 45.71 26.01
CA GLY D 139 -24.56 46.98 25.32
C GLY D 139 -23.22 47.67 25.29
N LEU D 140 -22.23 47.18 26.06
CA LEU D 140 -20.92 47.83 26.12
C LEU D 140 -20.05 47.57 24.89
N VAL D 141 -20.33 46.51 24.13
CA VAL D 141 -19.56 46.17 22.93
C VAL D 141 -20.49 45.64 21.85
N ASP D 142 -20.99 46.52 20.98
CA ASP D 142 -21.94 46.11 19.93
C ASP D 142 -21.33 45.04 19.03
N GLY D 143 -21.57 43.76 19.35
CA GLY D 143 -21.13 42.68 18.49
C GLY D 143 -20.61 41.44 19.19
N LEU D 144 -20.38 41.52 20.50
CA LEU D 144 -19.73 40.46 21.27
C LEU D 144 -20.78 39.64 22.02
N ASN D 145 -20.99 38.40 21.59
CA ASN D 145 -22.05 37.55 22.11
C ASN D 145 -21.43 36.34 22.79
N PHE D 146 -21.95 35.99 23.95
CA PHE D 146 -21.50 34.79 24.63
C PHE D 146 -22.70 34.09 25.25
N ALA D 147 -22.49 32.82 25.60
CA ALA D 147 -23.57 31.96 26.06
C ALA D 147 -23.01 30.98 27.07
N LEU D 148 -23.75 30.76 28.14
CA LEU D 148 -23.44 29.73 29.11
C LEU D 148 -24.64 28.79 29.17
N GLN D 149 -24.36 27.49 29.13
CA GLN D 149 -25.40 26.48 28.97
C GLN D 149 -25.19 25.33 29.93
N TYR D 150 -26.27 24.86 30.53
CA TYR D 150 -26.26 23.68 31.39
C TYR D 150 -27.27 22.63 30.90
N GLN D 151 -26.89 21.37 31.04
CA GLN D 151 -27.75 20.26 30.65
C GLN D 151 -27.71 19.19 31.74
N GLY D 152 -28.89 18.78 32.21
CA GLY D 152 -28.96 17.70 33.18
C GLY D 152 -28.85 16.33 32.52
N LYS D 153 -28.60 15.33 33.37
CA LYS D 153 -28.46 13.96 32.88
C LYS D 153 -29.72 13.52 32.14
N ASN D 154 -29.52 12.97 30.95
CA ASN D 154 -30.58 12.34 30.15
C ASN D 154 -30.14 10.90 29.99
N GLY D 155 -30.73 9.99 30.77
CA GLY D 155 -30.12 8.70 30.97
C GLY D 155 -30.77 7.51 30.31
N SER D 156 -30.72 6.37 30.99
CA SER D 156 -31.22 5.12 30.45
C SER D 156 -32.64 4.88 30.94
N VAL D 157 -33.25 3.82 30.41
CA VAL D 157 -34.59 3.41 30.83
C VAL D 157 -34.61 2.61 32.12
N SER D 158 -33.46 2.10 32.59
CA SER D 158 -33.48 1.03 33.59
C SER D 158 -32.34 1.02 34.60
N GLY D 159 -31.11 1.25 34.15
CA GLY D 159 -29.98 0.98 35.01
C GLY D 159 -29.74 1.92 36.19
N GLU D 160 -28.50 1.95 36.67
CA GLU D 160 -28.09 2.87 37.72
C GLU D 160 -28.19 4.32 37.28
N ASP D 161 -28.30 4.58 35.97
CA ASP D 161 -28.32 5.93 35.42
C ASP D 161 -29.66 6.26 34.78
N GLN D 162 -30.74 5.73 35.36
CA GLN D 162 -32.07 5.95 34.82
C GLN D 162 -32.52 7.38 35.04
N THR D 163 -33.26 7.92 34.07
CA THR D 163 -34.04 9.14 34.21
C THR D 163 -35.45 8.87 33.70
N ASN D 164 -36.37 9.81 33.96
CA ASN D 164 -37.74 9.65 33.46
C ASN D 164 -37.79 9.57 31.95
N ASN D 165 -36.86 10.22 31.26
CA ASN D 165 -36.93 10.32 29.80
C ASN D 165 -35.82 9.51 29.15
N GLY D 166 -35.71 8.24 29.50
CA GLY D 166 -34.56 7.43 29.10
C GLY D 166 -34.49 7.24 27.59
N ARG D 167 -33.43 6.57 27.16
CA ARG D 167 -33.07 6.56 25.74
C ARG D 167 -31.83 5.70 25.58
N ASP D 168 -31.58 5.26 24.34
CA ASP D 168 -30.42 4.44 24.05
C ASP D 168 -29.11 5.20 24.31
N PHE D 169 -28.02 4.42 24.45
CA PHE D 169 -26.75 4.97 24.92
C PHE D 169 -26.17 6.01 23.97
N GLN D 170 -26.44 5.90 22.67
CA GLN D 170 -25.88 6.88 21.73
C GLN D 170 -26.46 8.26 21.92
N LYS D 171 -27.63 8.37 22.54
CA LYS D 171 -28.26 9.67 22.71
C LYS D 171 -28.38 10.08 24.18
N GLN D 172 -27.76 9.33 25.09
CA GLN D 172 -27.71 9.70 26.50
C GLN D 172 -26.68 10.79 26.73
N ASN D 173 -26.75 11.39 27.91
CA ASN D 173 -25.67 12.24 28.39
C ASN D 173 -25.78 12.34 29.90
N GLY D 174 -24.65 12.63 30.54
CA GLY D 174 -24.64 13.08 31.91
C GLY D 174 -24.64 14.60 31.99
N GLU D 175 -24.70 15.10 33.24
CA GLU D 175 -24.47 16.52 33.52
C GLU D 175 -23.41 17.11 32.61
N GLY D 176 -23.66 18.32 32.11
CA GLY D 176 -22.62 18.97 31.33
C GLY D 176 -22.90 20.44 31.15
N PHE D 177 -21.89 21.12 30.59
CA PHE D 177 -22.03 22.55 30.31
C PHE D 177 -21.31 22.91 29.01
N GLY D 178 -21.57 24.12 28.57
CA GLY D 178 -20.96 24.62 27.36
C GLY D 178 -21.05 26.12 27.31
N THR D 179 -20.11 26.72 26.57
CA THR D 179 -20.08 28.15 26.37
C THR D 179 -19.73 28.43 24.93
N SER D 180 -20.19 29.57 24.43
CA SER D 180 -19.85 30.01 23.09
C SER D 180 -19.51 31.50 23.13
N VAL D 181 -18.62 31.91 22.25
CA VAL D 181 -18.27 33.30 22.05
C VAL D 181 -18.24 33.56 20.56
N THR D 182 -19.02 34.54 20.11
CA THR D 182 -19.00 34.93 18.71
C THR D 182 -18.86 36.44 18.63
N TYR D 183 -18.47 36.89 17.45
CA TYR D 183 -17.97 38.24 17.31
C TYR D 183 -18.08 38.65 15.84
N ASP D 184 -18.70 39.80 15.60
CA ASP D 184 -18.73 40.40 14.26
C ASP D 184 -17.55 41.35 14.10
N ILE D 185 -16.65 41.03 13.16
CA ILE D 185 -15.44 41.82 12.98
C ILE D 185 -15.73 43.12 12.24
N TRP D 186 -16.38 43.05 11.08
CA TRP D 186 -16.61 44.26 10.30
C TRP D 186 -17.94 44.21 9.55
N ASP D 187 -17.89 44.29 8.22
CA ASP D 187 -19.04 44.03 7.38
C ASP D 187 -19.10 42.53 7.15
N GLY D 188 -20.08 41.87 7.76
CA GLY D 188 -20.34 40.47 7.50
C GLY D 188 -19.17 39.50 7.54
N ILE D 189 -18.17 39.74 8.39
CA ILE D 189 -17.14 38.75 8.66
C ILE D 189 -17.13 38.48 10.17
N SER D 190 -17.41 37.23 10.56
CA SER D 190 -17.60 36.87 11.95
C SER D 190 -16.69 35.71 12.36
N ALA D 191 -16.39 35.64 13.65
CA ALA D 191 -15.51 34.61 14.21
C ALA D 191 -16.08 34.11 15.53
N GLY D 192 -15.84 32.83 15.83
CA GLY D 192 -16.43 32.23 17.01
C GLY D 192 -15.63 31.08 17.59
N PHE D 193 -15.91 30.80 18.87
CA PHE D 193 -15.33 29.69 19.62
C PHE D 193 -16.43 29.10 20.50
N ALA D 194 -16.33 27.80 20.78
CA ALA D 194 -17.27 27.16 21.69
C ALA D 194 -16.63 25.95 22.35
N TYR D 195 -17.05 25.67 23.57
CA TYR D 195 -16.48 24.59 24.35
C TYR D 195 -17.59 23.89 25.10
N SER D 196 -17.52 22.56 25.18
CA SER D 196 -18.51 21.81 25.94
C SER D 196 -17.84 20.65 26.66
N SER D 197 -18.50 20.19 27.72
CA SER D 197 -17.93 19.19 28.61
C SER D 197 -19.05 18.57 29.41
N SER D 198 -19.18 17.25 29.30
CA SER D 198 -20.27 16.51 29.89
C SER D 198 -19.73 15.24 30.53
N LYS D 199 -20.30 14.85 31.66
CA LYS D 199 -20.08 13.50 32.15
C LYS D 199 -20.71 12.50 31.17
N ARG D 200 -20.12 11.31 31.10
CA ARG D 200 -20.69 10.22 30.31
C ARG D 200 -21.50 9.29 31.23
N THR D 201 -22.31 8.44 30.62
CA THR D 201 -23.20 7.58 31.39
C THR D 201 -22.75 6.12 31.35
N ASP D 202 -23.34 5.33 32.24
CA ASP D 202 -22.91 3.96 32.48
C ASP D 202 -23.05 3.09 31.24
N GLU D 203 -24.17 3.21 30.53
CA GLU D 203 -24.41 2.36 29.37
C GLU D 203 -23.56 2.77 28.17
N GLN D 204 -23.10 4.02 28.12
CA GLN D 204 -22.15 4.40 27.09
C GLN D 204 -20.83 3.68 27.31
N ASN D 205 -20.45 3.46 28.56
CA ASN D 205 -19.15 2.91 28.89
C ASN D 205 -19.16 1.38 28.98
N ASN D 206 -20.33 0.77 29.15
CA ASN D 206 -20.38 -0.66 29.43
C ASN D 206 -21.19 -1.45 28.41
N SER D 207 -21.64 -0.84 27.32
CA SER D 207 -22.40 -1.57 26.32
C SER D 207 -21.47 -2.36 25.38
N THR D 208 -22.03 -3.37 24.75
CA THR D 208 -21.32 -4.23 23.82
C THR D 208 -22.08 -4.31 22.50
N PHE D 209 -21.35 -4.66 21.43
CA PHE D 209 -21.94 -4.83 20.11
C PHE D 209 -21.31 -6.02 19.39
N VAL D 210 -22.06 -6.56 18.44
CA VAL D 210 -21.60 -7.64 17.57
C VAL D 210 -21.12 -7.02 16.26
N SER D 211 -19.89 -7.33 15.87
CA SER D 211 -19.37 -6.82 14.61
C SER D 211 -19.85 -7.68 13.45
N LYS D 212 -20.13 -7.04 12.32
CA LYS D 212 -20.75 -7.74 11.20
C LYS D 212 -19.76 -8.60 10.43
N THR D 213 -18.52 -8.14 10.29
CA THR D 213 -17.55 -8.88 9.49
C THR D 213 -16.91 -10.04 10.25
N ASP D 214 -17.05 -10.09 11.57
CA ASP D 214 -16.27 -11.02 12.39
C ASP D 214 -17.15 -11.80 13.37
N GLY D 215 -18.22 -11.16 13.87
CA GLY D 215 -19.17 -11.81 14.73
C GLY D 215 -18.89 -11.73 16.21
N GLY D 216 -17.73 -11.20 16.61
CA GLY D 216 -17.36 -11.17 18.01
C GLY D 216 -18.05 -10.08 18.81
N ARG D 217 -17.96 -10.23 20.12
CA ARG D 217 -18.66 -9.39 21.09
C ARG D 217 -17.64 -8.44 21.73
N TYR D 218 -17.77 -7.15 21.43
CA TYR D 218 -16.82 -6.14 21.88
C TYR D 218 -17.54 -5.02 22.59
N GLY D 219 -16.83 -4.34 23.50
CA GLY D 219 -17.38 -3.14 24.09
C GLY D 219 -17.54 -2.06 23.05
N VAL D 220 -18.51 -1.16 23.28
CA VAL D 220 -18.74 -0.10 22.31
C VAL D 220 -17.56 0.87 22.37
N LEU D 221 -17.28 1.49 21.23
CA LEU D 221 -16.10 2.34 21.12
C LEU D 221 -16.23 3.54 22.05
N GLY D 222 -15.09 3.99 22.57
CA GLY D 222 -15.07 5.15 23.43
C GLY D 222 -15.18 4.75 24.88
N GLU D 223 -14.10 4.99 25.63
CA GLU D 223 -14.09 4.80 27.08
C GLU D 223 -13.71 6.14 27.68
N GLY D 224 -14.48 6.59 28.66
CA GLY D 224 -14.20 7.89 29.23
C GLY D 224 -15.23 8.36 30.24
N ASP D 225 -14.76 9.14 31.21
CA ASP D 225 -15.65 9.80 32.14
C ASP D 225 -16.30 11.02 31.51
N HIS D 226 -15.59 11.68 30.58
CA HIS D 226 -16.00 12.98 30.10
C HIS D 226 -16.04 13.01 28.57
N ALA D 227 -17.07 13.68 28.05
CA ALA D 227 -17.18 13.99 26.62
C ALA D 227 -16.94 15.49 26.45
N GLU D 228 -16.13 15.85 25.46
CA GLU D 228 -15.55 17.18 25.40
C GLU D 228 -15.45 17.60 23.94
N THR D 229 -15.68 18.90 23.69
CA THR D 229 -15.61 19.46 22.33
C THR D 229 -14.95 20.84 22.39
N TYR D 230 -14.02 21.08 21.48
CA TYR D 230 -13.43 22.40 21.26
C TYR D 230 -13.70 22.83 19.83
N THR D 231 -14.09 24.09 19.63
CA THR D 231 -14.55 24.47 18.29
C THR D 231 -14.13 25.89 17.96
N GLY D 232 -13.68 26.09 16.73
CA GLY D 232 -13.51 27.42 16.18
C GLY D 232 -14.19 27.51 14.82
N GLY D 233 -14.67 28.70 14.51
CA GLY D 233 -15.28 28.95 13.20
C GLY D 233 -15.06 30.35 12.69
N LEU D 234 -15.21 30.49 11.37
CA LEU D 234 -15.15 31.76 10.67
C LEU D 234 -16.27 31.81 9.63
N LYS D 235 -16.60 33.02 9.21
CA LYS D 235 -17.75 33.24 8.36
C LYS D 235 -17.59 34.57 7.62
N TYR D 236 -17.73 34.53 6.29
CA TYR D 236 -17.89 35.74 5.49
C TYR D 236 -19.29 35.72 4.89
N ASP D 237 -20.04 36.79 5.14
CA ASP D 237 -21.40 36.94 4.59
C ASP D 237 -21.59 38.39 4.18
N ALA D 238 -21.56 38.65 2.86
CA ALA D 238 -21.73 39.99 2.31
C ALA D 238 -21.53 39.91 0.79
N ASN D 239 -21.99 40.95 0.10
CA ASN D 239 -21.77 41.12 -1.35
C ASN D 239 -22.20 39.90 -2.16
N ASN D 240 -23.26 39.23 -1.73
CA ASN D 240 -23.75 37.99 -2.36
C ASN D 240 -22.78 36.82 -2.23
N ILE D 241 -21.75 36.92 -1.41
CA ILE D 241 -20.86 35.79 -1.17
C ILE D 241 -21.21 35.20 0.19
N TYR D 242 -21.07 33.87 0.30
CA TYR D 242 -21.11 33.20 1.59
C TYR D 242 -19.94 32.24 1.68
N LEU D 243 -19.02 32.54 2.59
CA LEU D 243 -17.86 31.71 2.88
C LEU D 243 -17.90 31.36 4.36
N ALA D 244 -17.66 30.09 4.68
CA ALA D 244 -17.69 29.70 6.07
C ALA D 244 -16.84 28.47 6.26
N THR D 245 -16.24 28.38 7.45
CA THR D 245 -15.52 27.18 7.81
C THR D 245 -15.66 26.97 9.31
N GLN D 246 -15.59 25.71 9.73
CA GLN D 246 -15.58 25.41 11.14
C GLN D 246 -14.66 24.22 11.37
N TYR D 247 -13.84 24.30 12.42
CA TYR D 247 -12.99 23.21 12.88
C TYR D 247 -13.37 22.87 14.31
N THR D 248 -13.51 21.58 14.60
CA THR D 248 -13.92 21.15 15.92
C THR D 248 -13.23 19.84 16.24
N GLN D 249 -12.75 19.72 17.48
CA GLN D 249 -12.06 18.53 17.94
C GLN D 249 -12.76 18.04 19.20
N THR D 250 -12.98 16.73 19.27
CA THR D 250 -13.83 16.15 20.29
C THR D 250 -13.15 14.97 20.97
N TYR D 251 -13.67 14.62 22.14
CA TYR D 251 -13.19 13.50 22.93
C TYR D 251 -14.40 12.75 23.47
N ASN D 252 -14.52 11.46 23.11
CA ASN D 252 -15.67 10.61 23.37
C ASN D 252 -16.99 11.36 23.24
N ALA D 253 -17.13 12.14 22.17
CA ALA D 253 -18.36 12.87 21.89
C ALA D 253 -18.86 12.67 20.47
N THR D 254 -18.02 12.24 19.53
CA THR D 254 -18.41 12.04 18.15
C THR D 254 -18.79 10.58 17.92
N ARG D 255 -19.99 10.38 17.39
CA ARG D 255 -20.50 9.03 17.18
C ARG D 255 -19.76 8.33 16.06
N THR D 256 -19.64 7.01 16.19
CA THR D 256 -19.04 6.16 15.17
C THR D 256 -20.15 5.24 14.68
N GLY D 257 -20.88 5.68 13.66
CA GLY D 257 -22.12 5.03 13.29
C GLY D 257 -22.97 4.80 14.51
N ASN D 258 -23.36 3.56 14.77
CA ASN D 258 -24.13 3.26 15.97
C ASN D 258 -23.38 2.38 16.96
N ILE D 259 -22.08 2.20 16.80
CA ILE D 259 -21.32 1.28 17.66
C ILE D 259 -20.49 2.02 18.71
N GLY D 260 -20.74 3.30 18.93
CA GLY D 260 -20.13 3.96 20.06
C GLY D 260 -19.62 5.35 19.79
N PHE D 261 -18.57 5.75 20.51
CA PHE D 261 -17.99 7.07 20.34
C PHE D 261 -16.52 6.98 19.99
N ALA D 262 -16.01 8.09 19.49
CA ALA D 262 -14.62 8.19 19.07
C ALA D 262 -13.81 8.71 20.24
N ASN D 263 -12.85 7.90 20.72
CA ASN D 263 -11.94 8.35 21.78
C ASN D 263 -11.48 9.77 21.49
N LYS D 264 -11.17 10.04 20.24
CA LYS D 264 -10.83 11.38 19.76
C LYS D 264 -11.30 11.49 18.31
N ALA D 265 -11.79 12.67 17.95
CA ALA D 265 -12.12 12.91 16.55
C ALA D 265 -11.78 14.34 16.20
N GLN D 266 -11.42 14.56 14.95
CA GLN D 266 -11.12 15.88 14.42
C GLN D 266 -12.05 16.12 13.23
N ASN D 267 -12.77 17.24 13.26
CA ASN D 267 -13.90 17.50 12.37
C ASN D 267 -13.67 18.84 11.67
N PHE D 268 -13.97 18.88 10.37
CA PHE D 268 -13.71 20.06 9.58
C PHE D 268 -14.77 20.16 8.51
N GLU D 269 -15.32 21.37 8.30
CA GLU D 269 -16.31 21.65 7.27
C GLU D 269 -16.01 23.01 6.66
N VAL D 270 -16.19 23.14 5.35
CA VAL D 270 -15.97 24.41 4.66
C VAL D 270 -16.97 24.54 3.51
N VAL D 271 -17.47 25.75 3.28
CA VAL D 271 -18.48 25.98 2.25
C VAL D 271 -18.27 27.34 1.60
N ALA D 272 -18.55 27.41 0.30
CA ALA D 272 -18.55 28.65 -0.47
C ALA D 272 -19.81 28.66 -1.34
N GLN D 273 -20.53 29.77 -1.32
CA GLN D 273 -21.81 29.91 -1.99
C GLN D 273 -21.87 31.29 -2.64
N TYR D 274 -22.64 31.38 -3.74
CA TYR D 274 -22.81 32.65 -4.44
C TYR D 274 -24.28 32.83 -4.81
N GLN D 275 -24.77 34.06 -4.70
CA GLN D 275 -26.17 34.37 -4.89
C GLN D 275 -26.38 35.25 -6.12
N PHE D 276 -26.94 34.67 -7.17
CA PHE D 276 -27.29 35.45 -8.35
C PHE D 276 -28.61 36.17 -8.15
N ASP D 277 -28.70 37.37 -8.72
CA ASP D 277 -29.91 38.17 -8.58
C ASP D 277 -31.09 37.58 -9.35
N PHE D 278 -30.85 36.58 -10.20
CA PHE D 278 -31.90 35.90 -10.93
C PHE D 278 -32.34 34.59 -10.25
N GLY D 279 -32.00 34.38 -8.97
CA GLY D 279 -32.53 33.31 -8.16
C GLY D 279 -31.55 32.19 -7.81
N LEU D 280 -30.51 31.97 -8.61
CA LEU D 280 -29.71 30.75 -8.50
C LEU D 280 -28.60 30.93 -7.47
N ARG D 281 -28.43 29.93 -6.59
CA ARG D 281 -27.50 29.99 -5.46
C ARG D 281 -26.61 28.76 -5.43
N PRO D 282 -25.61 28.68 -6.31
CA PRO D 282 -24.71 27.52 -6.28
C PRO D 282 -23.95 27.44 -4.96
N SER D 283 -23.40 26.26 -4.69
CA SER D 283 -22.83 25.95 -3.38
C SER D 283 -21.84 24.80 -3.52
N VAL D 284 -20.63 25.01 -3.02
CA VAL D 284 -19.58 24.00 -3.02
C VAL D 284 -19.13 23.83 -1.58
N ALA D 285 -18.80 22.61 -1.20
CA ALA D 285 -18.57 22.33 0.21
C ALA D 285 -17.80 21.03 0.38
N TYR D 286 -17.05 20.96 1.46
CA TYR D 286 -16.25 19.79 1.81
C TYR D 286 -16.37 19.58 3.31
N LEU D 287 -16.48 18.31 3.72
CA LEU D 287 -16.67 17.92 5.11
C LEU D 287 -15.89 16.65 5.42
N GLN D 288 -15.24 16.59 6.58
CA GLN D 288 -14.61 15.36 7.01
C GLN D 288 -14.65 15.22 8.53
N SER D 289 -14.68 13.97 8.98
CA SER D 289 -14.56 13.62 10.39
C SER D 289 -13.55 12.50 10.48
N LYS D 290 -12.40 12.80 11.10
CA LYS D 290 -11.32 11.84 11.27
C LYS D 290 -11.30 11.37 12.72
N GLY D 291 -11.41 10.07 12.92
CA GLY D 291 -11.39 9.50 14.25
C GLY D 291 -10.05 8.86 14.59
N LYS D 292 -9.70 8.93 15.87
CA LYS D 292 -8.36 8.55 16.31
C LYS D 292 -8.43 7.57 17.47
N ASP D 293 -7.48 6.61 17.50
CA ASP D 293 -7.27 5.73 18.64
C ASP D 293 -8.54 4.96 19.03
N MET D 294 -9.30 4.56 18.02
CA MET D 294 -10.60 3.93 18.24
C MET D 294 -10.46 2.43 18.58
N GLY D 295 -9.78 2.15 19.68
CA GLY D 295 -9.53 0.76 20.04
C GLY D 295 -9.01 -0.06 18.89
N ARG D 296 -9.75 -1.09 18.52
CA ARG D 296 -9.29 -2.00 17.49
C ARG D 296 -9.48 -1.51 16.05
N TYR D 297 -10.03 -0.31 15.84
CA TYR D 297 -10.13 0.27 14.52
C TYR D 297 -9.10 1.37 14.29
N GLY D 298 -8.44 1.83 15.36
CA GLY D 298 -7.39 2.85 15.22
C GLY D 298 -7.92 4.09 14.56
N ASP D 299 -7.10 4.67 13.67
CA ASP D 299 -7.49 5.84 12.91
C ASP D 299 -8.43 5.44 11.79
N GLN D 300 -9.56 6.14 11.65
CA GLN D 300 -10.50 5.88 10.57
C GLN D 300 -11.23 7.17 10.22
N ASP D 301 -11.51 7.34 8.93
CA ASP D 301 -12.44 8.37 8.48
C ASP D 301 -13.86 7.99 8.90
N ILE D 302 -14.50 8.84 9.69
CA ILE D 302 -15.90 8.62 10.03
C ILE D 302 -16.80 9.20 8.94
N LEU D 303 -16.36 10.26 8.31
CA LEU D 303 -17.13 10.96 7.30
C LEU D 303 -16.15 11.72 6.40
N LYS D 304 -16.47 11.80 5.11
CA LYS D 304 -15.64 12.49 4.14
C LYS D 304 -16.38 12.63 2.80
N TYR D 305 -16.87 13.83 2.48
CA TYR D 305 -17.43 14.02 1.16
C TYR D 305 -17.23 15.43 0.64
N VAL D 306 -17.38 15.56 -0.67
CA VAL D 306 -17.53 16.84 -1.34
C VAL D 306 -19.00 17.03 -1.65
N ASP D 307 -19.49 18.26 -1.50
CA ASP D 307 -20.88 18.50 -1.79
C ASP D 307 -21.02 19.60 -2.83
N LEU D 308 -21.79 19.31 -3.87
CA LEU D 308 -22.05 20.21 -4.99
C LEU D 308 -23.54 20.35 -5.14
N GLY D 309 -24.04 21.58 -5.15
CA GLY D 309 -25.46 21.75 -5.33
C GLY D 309 -25.82 23.20 -5.52
N ALA D 310 -27.12 23.44 -5.57
CA ALA D 310 -27.65 24.77 -5.83
C ALA D 310 -29.13 24.82 -5.47
N THR D 311 -29.57 25.99 -5.07
CA THR D 311 -30.96 26.28 -4.77
C THR D 311 -31.42 27.37 -5.73
N TYR D 312 -32.59 27.20 -6.31
CA TYR D 312 -33.22 28.24 -7.10
C TYR D 312 -34.39 28.78 -6.28
N TYR D 313 -34.30 30.05 -5.89
CA TYR D 313 -35.37 30.73 -5.18
C TYR D 313 -36.28 31.45 -6.18
N PHE D 314 -37.52 30.97 -6.30
CA PHE D 314 -38.54 31.69 -7.07
C PHE D 314 -38.95 32.97 -6.36
N ASN D 315 -39.02 32.92 -5.04
CA ASN D 315 -39.28 34.03 -4.12
C ASN D 315 -39.08 33.44 -2.73
N LYS D 316 -39.30 34.25 -1.70
CA LYS D 316 -39.01 33.77 -0.36
C LYS D 316 -39.98 32.69 0.13
N ASN D 317 -40.96 32.27 -0.68
CA ASN D 317 -41.88 31.21 -0.28
C ASN D 317 -41.71 29.93 -1.08
N MET D 318 -40.90 29.95 -2.15
CA MET D 318 -40.83 28.82 -3.06
C MET D 318 -39.41 28.65 -3.57
N SER D 319 -38.94 27.41 -3.63
CA SER D 319 -37.61 27.17 -4.17
C SER D 319 -37.47 25.71 -4.59
N THR D 320 -36.48 25.48 -5.46
CA THR D 320 -36.12 24.16 -5.97
C THR D 320 -34.65 23.99 -5.71
N TYR D 321 -34.22 22.73 -5.60
CA TYR D 321 -32.81 22.52 -5.27
C TYR D 321 -32.39 21.13 -5.67
N VAL D 322 -31.14 21.05 -6.11
CA VAL D 322 -30.43 19.79 -6.33
C VAL D 322 -29.21 19.83 -5.43
N ASP D 323 -28.86 18.66 -4.87
CA ASP D 323 -27.68 18.54 -4.03
C ASP D 323 -27.01 17.20 -4.31
N TYR D 324 -25.68 17.24 -4.50
CA TYR D 324 -24.88 16.11 -4.94
C TYR D 324 -23.80 15.81 -3.91
N LYS D 325 -23.99 14.74 -3.14
CA LYS D 325 -23.02 14.31 -2.16
C LYS D 325 -22.07 13.31 -2.80
N ILE D 326 -20.83 13.72 -3.03
CA ILE D 326 -19.81 12.84 -3.58
C ILE D 326 -19.07 12.23 -2.40
N ASN D 327 -19.39 10.98 -2.09
CA ASN D 327 -18.95 10.34 -0.87
C ASN D 327 -17.57 9.71 -1.09
N LEU D 328 -16.57 10.24 -0.41
CA LEU D 328 -15.19 9.80 -0.59
C LEU D 328 -14.79 8.66 0.35
N LEU D 329 -15.73 8.04 1.05
CA LEU D 329 -15.39 6.90 1.88
C LEU D 329 -15.35 5.61 1.05
N ASP D 330 -14.67 4.61 1.61
CA ASP D 330 -14.64 3.26 1.07
C ASP D 330 -15.25 2.31 2.06
N ASP D 331 -15.91 1.27 1.55
CA ASP D 331 -16.23 0.12 2.39
C ASP D 331 -14.93 -0.41 2.98
N ASN D 332 -14.89 -0.50 4.31
CA ASN D 332 -13.83 -1.24 4.97
C ASN D 332 -14.46 -1.89 6.20
N LYS D 333 -13.61 -2.42 7.09
CA LYS D 333 -14.16 -3.08 8.26
C LYS D 333 -14.79 -2.09 9.22
N PHE D 334 -14.36 -0.82 9.18
CA PHE D 334 -14.94 0.17 10.09
C PHE D 334 -16.30 0.67 9.59
N THR D 335 -16.41 1.05 8.32
CA THR D 335 -17.69 1.54 7.83
C THR D 335 -18.74 0.43 7.77
N LYS D 336 -18.32 -0.82 7.55
CA LYS D 336 -19.26 -1.93 7.53
C LYS D 336 -19.74 -2.23 8.93
N ASP D 337 -18.84 -2.17 9.91
CA ASP D 337 -19.21 -2.52 11.28
C ASP D 337 -19.91 -1.37 12.00
N ALA D 338 -19.59 -0.13 11.65
CA ALA D 338 -20.27 1.02 12.24
C ALA D 338 -21.56 1.38 11.49
N SER D 339 -21.88 0.69 10.39
CA SER D 339 -23.03 1.03 9.55
C SER D 339 -22.96 2.49 9.09
N ILE D 340 -21.80 2.90 8.61
CA ILE D 340 -21.63 4.20 7.97
C ILE D 340 -21.78 4.03 6.47
N SER D 341 -22.52 4.94 5.84
CA SER D 341 -22.77 4.88 4.42
C SER D 341 -21.61 5.48 3.65
N THR D 342 -21.13 4.75 2.64
CA THR D 342 -20.01 5.20 1.82
C THR D 342 -20.44 5.59 0.40
N ASP D 343 -21.73 5.50 0.08
CA ASP D 343 -22.24 5.75 -1.27
C ASP D 343 -22.52 7.24 -1.51
N ASN D 344 -22.42 7.65 -2.78
CA ASN D 344 -22.89 8.97 -3.21
C ASN D 344 -24.42 9.04 -3.08
N VAL D 345 -24.93 10.26 -3.05
CA VAL D 345 -26.37 10.52 -3.03
C VAL D 345 -26.66 11.75 -3.90
N VAL D 346 -27.77 11.72 -4.61
CA VAL D 346 -28.30 12.93 -5.25
C VAL D 346 -29.66 13.26 -4.62
N ALA D 347 -29.82 14.50 -4.21
CA ALA D 347 -31.11 14.94 -3.72
C ALA D 347 -31.70 15.96 -4.68
N LEU D 348 -33.02 15.98 -4.74
CA LEU D 348 -33.78 16.81 -5.65
C LEU D 348 -35.07 17.19 -4.94
N GLY D 349 -35.33 18.48 -4.80
CA GLY D 349 -36.39 18.91 -3.91
C GLY D 349 -37.13 20.12 -4.43
N LEU D 350 -38.38 20.25 -4.01
CA LEU D 350 -39.24 21.38 -4.36
C LEU D 350 -39.99 21.73 -3.08
N VAL D 351 -39.81 22.95 -2.59
CA VAL D 351 -40.17 23.22 -1.21
C VAL D 351 -41.03 24.49 -1.16
N TYR D 352 -42.20 24.37 -0.53
CA TYR D 352 -43.07 25.49 -0.25
C TYR D 352 -42.87 25.89 1.21
N GLN D 353 -42.57 27.16 1.44
CA GLN D 353 -42.28 27.66 2.77
C GLN D 353 -43.33 28.68 3.18
N PHE D 354 -43.62 28.71 4.48
CA PHE D 354 -44.64 29.61 5.02
C PHE D 354 -44.32 29.94 6.47
C14 C8E E . 12.32 -6.01 22.76
O15 C8E E . 13.64 -6.21 23.21
C16 C8E E . 13.70 -6.12 24.60
C17 C8E E . 15.12 -6.27 25.11
O18 C8E E . 15.54 -7.60 25.07
C19 C8E E . 16.93 -7.67 25.28
C20 C8E E . 17.15 -8.76 26.31
O21 C8E E . 16.63 -9.98 25.86
C1 C8E F . 15.59 -33.59 -26.87
C2 C8E F . 14.71 -34.75 -26.41
C3 C8E F . 15.01 -36.03 -27.18
C4 C8E F . 15.32 -37.17 -26.22
C5 C8E F . 14.99 -38.53 -26.81
C6 C8E F . 14.61 -39.52 -25.72
C7 C8E F . 15.66 -40.62 -25.53
C8 C8E F . 15.42 -41.84 -26.43
O9 C8E F . 16.14 -42.94 -25.95
C10 C8E F . 16.53 -43.80 -26.99
C11 C8E F . 17.80 -44.53 -26.58
O12 C8E F . 18.36 -45.18 -27.72
C13 C8E F . 18.93 -46.43 -27.39
C14 C8E F . 20.44 -46.32 -27.19
O15 C8E F . 21.04 -47.57 -27.44
C16 C8E F . 21.17 -48.32 -26.26
C17 C8E F . 20.43 -49.66 -26.44
O18 C8E F . 20.97 -50.59 -25.53
C19 C8E F . 20.03 -51.08 -24.58
C20 C8E F . 20.36 -52.54 -24.29
O21 C8E F . 21.41 -52.60 -23.34
C1 C8E G . -37.94 19.79 -9.69
C2 C8E G . -37.63 19.05 -8.38
C3 C8E G . -38.23 17.64 -8.42
C4 C8E G . -38.86 17.24 -7.08
C5 C8E G . -38.55 15.79 -6.74
C6 C8E G . -38.96 14.83 -7.86
C7 C8E G . -38.11 13.57 -7.88
C8 C8E G . -39.00 12.37 -8.13
O9 C8E G . -38.23 11.26 -8.52
C10 C8E G . -38.76 10.61 -9.66
C11 C8E G . -37.58 10.26 -10.55
O12 C8E G . -37.75 8.99 -11.14
C13 C8E G . -36.70 8.13 -10.80
C14 C8E G . -35.63 8.15 -11.89
O15 C8E G . -34.87 6.96 -11.79
C16 C8E G . -33.52 7.21 -11.48
C17 C8E G . -32.87 5.87 -11.14
O18 C8E G . -33.88 5.03 -10.62
C19 C8E G . -33.54 4.47 -9.38
C20 C8E G . -34.64 4.74 -8.34
O21 C8E G . -34.94 3.56 -7.63
C1 C8E H . -29.66 27.28 4.82
C2 C8E H . -29.71 26.23 3.71
C3 C8E H . -30.42 24.97 4.17
C4 C8E H . -29.55 24.19 5.15
C5 C8E H . -29.93 22.72 5.23
C6 C8E H . -29.86 22.24 6.67
C7 C8E H . -29.95 20.72 6.72
C8 C8E H . -28.66 20.11 7.25
O9 C8E H . -28.57 18.75 6.88
C10 C8E H . -29.03 17.86 7.90
C11 C8E H . -29.45 16.59 7.20
O12 C8E H . -28.56 16.39 6.12
C13 C8E H . -28.16 15.04 5.98
C14 C8E H . -29.14 14.32 5.06
O15 C8E H . -29.01 12.92 5.17
C16 C8E H . -28.14 12.42 4.18
C17 C8E H . -27.69 11.00 4.49
O18 C8E H . -26.52 10.73 3.75
C19 C8E H . -26.24 9.35 3.67
C20 C8E H . -24.95 9.10 2.89
O21 C8E H . -24.97 7.90 2.15
#